data_6QBT
# 
_entry.id   6QBT 
# 
_audit_conform.dict_name       mmcif_pdbx.dic 
_audit_conform.dict_version    5.399 
_audit_conform.dict_location   http://mmcif.pdb.org/dictionaries/ascii/mmcif_pdbx.dic 
# 
loop_
_database_2.database_id 
_database_2.database_code 
_database_2.pdbx_database_accession 
_database_2.pdbx_DOI 
PDB   6QBT         pdb_00006qbt 10.2210/pdb6qbt/pdb 
WWPDB D_1200013614 ?            ?                   
# 
loop_
_pdbx_audit_revision_history.ordinal 
_pdbx_audit_revision_history.data_content_type 
_pdbx_audit_revision_history.major_revision 
_pdbx_audit_revision_history.minor_revision 
_pdbx_audit_revision_history.revision_date 
1 'Structure model' 1 0 2020-09-30 
2 'Structure model' 1 1 2021-04-14 
3 'Structure model' 1 2 2024-01-24 
4 'Structure model' 1 3 2024-11-20 
# 
_pdbx_audit_revision_details.ordinal             1 
_pdbx_audit_revision_details.revision_ordinal    1 
_pdbx_audit_revision_details.data_content_type   'Structure model' 
_pdbx_audit_revision_details.provider            repository 
_pdbx_audit_revision_details.type                'Initial release' 
_pdbx_audit_revision_details.description         ? 
_pdbx_audit_revision_details.details             ? 
# 
loop_
_pdbx_audit_revision_group.ordinal 
_pdbx_audit_revision_group.revision_ordinal 
_pdbx_audit_revision_group.data_content_type 
_pdbx_audit_revision_group.group 
1 2 'Structure model' 'Database references'    
2 3 'Structure model' 'Data collection'        
3 3 'Structure model' 'Database references'    
4 3 'Structure model' 'Refinement description' 
5 4 'Structure model' 'Structure summary'      
# 
loop_
_pdbx_audit_revision_category.ordinal 
_pdbx_audit_revision_category.revision_ordinal 
_pdbx_audit_revision_category.data_content_type 
_pdbx_audit_revision_category.category 
1 2 'Structure model' citation                      
2 2 'Structure model' citation_author               
3 3 'Structure model' chem_comp_atom                
4 3 'Structure model' chem_comp_bond                
5 3 'Structure model' database_2                    
6 3 'Structure model' pdbx_initial_refinement_model 
7 4 'Structure model' pdbx_entry_details            
8 4 'Structure model' pdbx_modification_feature     
# 
loop_
_pdbx_audit_revision_item.ordinal 
_pdbx_audit_revision_item.revision_ordinal 
_pdbx_audit_revision_item.data_content_type 
_pdbx_audit_revision_item.item 
1  2 'Structure model' '_citation.country'                   
2  2 'Structure model' '_citation.journal_abbrev'            
3  2 'Structure model' '_citation.journal_id_CSD'            
4  2 'Structure model' '_citation.journal_id_ISSN'           
5  2 'Structure model' '_citation.journal_volume'            
6  2 'Structure model' '_citation.page_first'                
7  2 'Structure model' '_citation.page_last'                 
8  2 'Structure model' '_citation.pdbx_database_id_DOI'      
9  2 'Structure model' '_citation.pdbx_database_id_PubMed'   
10 2 'Structure model' '_citation.title'                     
11 2 'Structure model' '_citation.year'                      
12 3 'Structure model' '_database_2.pdbx_DOI'                
13 3 'Structure model' '_database_2.pdbx_database_accession' 
# 
_pdbx_database_status.status_code                     REL 
_pdbx_database_status.status_code_sf                  REL 
_pdbx_database_status.status_code_mr                  ? 
_pdbx_database_status.entry_id                        6QBT 
_pdbx_database_status.recvd_initial_deposition_date   2018-12-21 
_pdbx_database_status.SG_entry                        N 
_pdbx_database_status.deposit_site                    PDBE 
_pdbx_database_status.process_site                    PDBE 
_pdbx_database_status.status_code_cs                  ? 
_pdbx_database_status.methods_development_category    ? 
_pdbx_database_status.pdb_format_compatible           Y 
_pdbx_database_status.status_code_nmr_data            ? 
# 
loop_
_audit_author.name 
_audit_author.pdbx_ordinal 
_audit_author.identifier_ORCID 
'Barski, M.S.'   1 0000-0002-4663-6915 
'Minnell, J.J.'  2 ?                   
'Maertens, G.N.' 3 0000-0002-1963-8026 
# 
_citation.abstract                  ? 
_citation.abstract_id_CAS           ? 
_citation.book_id_ISBN              ? 
_citation.book_publisher            ? 
_citation.book_publisher_city       ? 
_citation.book_title                ? 
_citation.coordinate_linkage        ? 
_citation.country                   UK 
_citation.database_id_Medline       ? 
_citation.details                   ? 
_citation.id                        primary 
_citation.journal_abbrev            'Nat Commun' 
_citation.journal_id_ASTM           ? 
_citation.journal_id_CSD            ? 
_citation.journal_id_ISSN           2041-1723 
_citation.journal_full              ? 
_citation.journal_issue             ? 
_citation.journal_volume            11 
_citation.language                  ? 
_citation.page_first                5043 
_citation.page_last                 5043 
_citation.title                     
'Cryo-EM structure of the deltaretroviral intasome in complex with the PP2A regulatory subunit B56 gamma.' 
_citation.year                      2020 
_citation.database_id_CSD           ? 
_citation.pdbx_database_id_DOI      10.1038/s41467-020-18874-y 
_citation.pdbx_database_id_PubMed   33028863 
_citation.unpublished_flag          ? 
# 
loop_
_citation_author.citation_id 
_citation_author.name 
_citation_author.ordinal 
_citation_author.identifier_ORCID 
primary 'Barski, M.S.'   1 0000-0002-4663-6915 
primary 'Minnell, J.J.'  2 0000-0001-9108-7874 
primary 'Hodakova, Z.'   3 0000-0002-2599-0333 
primary 'Pye, V.E.'      4 0000-0001-9616-2992 
primary 'Nans, A.'       5 0000-0002-3791-2447 
primary 'Cherepanov, P.' 6 0000-0002-0634-538X 
primary 'Maertens, G.N.' 7 0000-0002-1963-8026 
# 
loop_
_entity.id 
_entity.type 
_entity.src_method 
_entity.pdbx_description 
_entity.formula_weight 
_entity.pdbx_number_of_molecules 
_entity.pdbx_ec 
_entity.pdbx_mutation 
_entity.pdbx_fragment 
_entity.details 
1 polymer     man 'HTLV-2 integrase catalytic core domain' 19178.967 1  ? ? ? ? 
2 non-polymer syn 'MAGNESIUM ION'                          24.305    1  ? ? ? ? 
3 water       nat water                                    18.015    59 ? ? ? ? 
# 
_entity_poly.entity_id                      1 
_entity_poly.type                           'polypeptide(L)' 
_entity_poly.nstd_linkage                   no 
_entity_poly.nstd_monomer                   no 
_entity_poly.pdbx_seq_one_letter_code       
;RRGLLPNHIWQGDVTHYKYKKYKYCLHVWVDTFSGAVSVSCKKKETSCETISAFLQAISLLGKPLHINTDNGPAFLSQEF
QEFCTSYHIKHSTHIPYNPTSSGLVERTNGIIKNLLNKYLLDCPNLPLDNAINKALWTLNQLNVMNPSGKTRWQIHHSPP
LPPIPEAST
;
_entity_poly.pdbx_seq_one_letter_code_can   
;RRGLLPNHIWQGDVTHYKYKKYKYCLHVWVDTFSGAVSVSCKKKETSCETISAFLQAISLLGKPLHINTDNGPAFLSQEF
QEFCTSYHIKHSTHIPYNPTSSGLVERTNGIIKNLLNKYLLDCPNLPLDNAINKALWTLNQLNVMNPSGKTRWQIHHSPP
LPPIPEAST
;
_entity_poly.pdbx_strand_id                 A 
_entity_poly.pdbx_target_identifier         ? 
# 
loop_
_pdbx_entity_nonpoly.entity_id 
_pdbx_entity_nonpoly.name 
_pdbx_entity_nonpoly.comp_id 
2 'MAGNESIUM ION' MG  
3 water           HOH 
# 
loop_
_entity_poly_seq.entity_id 
_entity_poly_seq.num 
_entity_poly_seq.mon_id 
_entity_poly_seq.hetero 
1 1   ARG n 
1 2   ARG n 
1 3   GLY n 
1 4   LEU n 
1 5   LEU n 
1 6   PRO n 
1 7   ASN n 
1 8   HIS n 
1 9   ILE n 
1 10  TRP n 
1 11  GLN n 
1 12  GLY n 
1 13  ASP n 
1 14  VAL n 
1 15  THR n 
1 16  HIS n 
1 17  TYR n 
1 18  LYS n 
1 19  TYR n 
1 20  LYS n 
1 21  LYS n 
1 22  TYR n 
1 23  LYS n 
1 24  TYR n 
1 25  CYS n 
1 26  LEU n 
1 27  HIS n 
1 28  VAL n 
1 29  TRP n 
1 30  VAL n 
1 31  ASP n 
1 32  THR n 
1 33  PHE n 
1 34  SER n 
1 35  GLY n 
1 36  ALA n 
1 37  VAL n 
1 38  SER n 
1 39  VAL n 
1 40  SER n 
1 41  CYS n 
1 42  LYS n 
1 43  LYS n 
1 44  LYS n 
1 45  GLU n 
1 46  THR n 
1 47  SER n 
1 48  CYS n 
1 49  GLU n 
1 50  THR n 
1 51  ILE n 
1 52  SER n 
1 53  ALA n 
1 54  PHE n 
1 55  LEU n 
1 56  GLN n 
1 57  ALA n 
1 58  ILE n 
1 59  SER n 
1 60  LEU n 
1 61  LEU n 
1 62  GLY n 
1 63  LYS n 
1 64  PRO n 
1 65  LEU n 
1 66  HIS n 
1 67  ILE n 
1 68  ASN n 
1 69  THR n 
1 70  ASP n 
1 71  ASN n 
1 72  GLY n 
1 73  PRO n 
1 74  ALA n 
1 75  PHE n 
1 76  LEU n 
1 77  SER n 
1 78  GLN n 
1 79  GLU n 
1 80  PHE n 
1 81  GLN n 
1 82  GLU n 
1 83  PHE n 
1 84  CYS n 
1 85  THR n 
1 86  SER n 
1 87  TYR n 
1 88  HIS n 
1 89  ILE n 
1 90  LYS n 
1 91  HIS n 
1 92  SER n 
1 93  THR n 
1 94  HIS n 
1 95  ILE n 
1 96  PRO n 
1 97  TYR n 
1 98  ASN n 
1 99  PRO n 
1 100 THR n 
1 101 SER n 
1 102 SER n 
1 103 GLY n 
1 104 LEU n 
1 105 VAL n 
1 106 GLU n 
1 107 ARG n 
1 108 THR n 
1 109 ASN n 
1 110 GLY n 
1 111 ILE n 
1 112 ILE n 
1 113 LYS n 
1 114 ASN n 
1 115 LEU n 
1 116 LEU n 
1 117 ASN n 
1 118 LYS n 
1 119 TYR n 
1 120 LEU n 
1 121 LEU n 
1 122 ASP n 
1 123 CYS n 
1 124 PRO n 
1 125 ASN n 
1 126 LEU n 
1 127 PRO n 
1 128 LEU n 
1 129 ASP n 
1 130 ASN n 
1 131 ALA n 
1 132 ILE n 
1 133 ASN n 
1 134 LYS n 
1 135 ALA n 
1 136 LEU n 
1 137 TRP n 
1 138 THR n 
1 139 LEU n 
1 140 ASN n 
1 141 GLN n 
1 142 LEU n 
1 143 ASN n 
1 144 VAL n 
1 145 MET n 
1 146 ASN n 
1 147 PRO n 
1 148 SER n 
1 149 GLY n 
1 150 LYS n 
1 151 THR n 
1 152 ARG n 
1 153 TRP n 
1 154 GLN n 
1 155 ILE n 
1 156 HIS n 
1 157 HIS n 
1 158 SER n 
1 159 PRO n 
1 160 PRO n 
1 161 LEU n 
1 162 PRO n 
1 163 PRO n 
1 164 ILE n 
1 165 PRO n 
1 166 GLU n 
1 167 ALA n 
1 168 SER n 
1 169 THR n 
# 
_entity_src_gen.entity_id                          1 
_entity_src_gen.pdbx_src_id                        1 
_entity_src_gen.pdbx_alt_source_flag               sample 
_entity_src_gen.pdbx_seq_type                      'Biological sequence' 
_entity_src_gen.pdbx_beg_seq_num                   1 
_entity_src_gen.pdbx_end_seq_num                   169 
_entity_src_gen.gene_src_common_name               HTLV-2 
_entity_src_gen.gene_src_genus                     ? 
_entity_src_gen.pdbx_gene_src_gene                 pol 
_entity_src_gen.gene_src_species                   ? 
_entity_src_gen.gene_src_strain                    ? 
_entity_src_gen.gene_src_tissue                    ? 
_entity_src_gen.gene_src_tissue_fraction           ? 
_entity_src_gen.gene_src_details                   ? 
_entity_src_gen.pdbx_gene_src_fragment             ? 
_entity_src_gen.pdbx_gene_src_scientific_name      'Human T-cell leukemia virus 2' 
_entity_src_gen.pdbx_gene_src_ncbi_taxonomy_id     11909 
_entity_src_gen.pdbx_gene_src_variant              ? 
_entity_src_gen.pdbx_gene_src_cell_line            ? 
_entity_src_gen.pdbx_gene_src_atcc                 ? 
_entity_src_gen.pdbx_gene_src_organ                ? 
_entity_src_gen.pdbx_gene_src_organelle            ? 
_entity_src_gen.pdbx_gene_src_cell                 ? 
_entity_src_gen.pdbx_gene_src_cellular_location    ? 
_entity_src_gen.host_org_common_name               ? 
_entity_src_gen.pdbx_host_org_scientific_name      'Escherichia coli' 
_entity_src_gen.pdbx_host_org_ncbi_taxonomy_id     562 
_entity_src_gen.host_org_genus                     ? 
_entity_src_gen.pdbx_host_org_gene                 ? 
_entity_src_gen.pdbx_host_org_organ                ? 
_entity_src_gen.host_org_species                   ? 
_entity_src_gen.pdbx_host_org_tissue               ? 
_entity_src_gen.pdbx_host_org_tissue_fraction      ? 
_entity_src_gen.pdbx_host_org_strain               ? 
_entity_src_gen.pdbx_host_org_variant              Rosetta2 
_entity_src_gen.pdbx_host_org_cell_line            ? 
_entity_src_gen.pdbx_host_org_atcc                 ? 
_entity_src_gen.pdbx_host_org_culture_collection   ? 
_entity_src_gen.pdbx_host_org_cell                 ? 
_entity_src_gen.pdbx_host_org_organelle            ? 
_entity_src_gen.pdbx_host_org_cellular_location    ? 
_entity_src_gen.pdbx_host_org_vector_type          ? 
_entity_src_gen.pdbx_host_org_vector               ? 
_entity_src_gen.host_org_details                   ? 
_entity_src_gen.expression_system_id               ? 
_entity_src_gen.plasmid_name                       ? 
_entity_src_gen.plasmid_details                    ? 
_entity_src_gen.pdbx_description                   ? 
# 
loop_
_chem_comp.id 
_chem_comp.type 
_chem_comp.mon_nstd_flag 
_chem_comp.name 
_chem_comp.pdbx_synonyms 
_chem_comp.formula 
_chem_comp.formula_weight 
ALA 'L-peptide linking' y ALANINE         ? 'C3 H7 N O2'     89.093  
ARG 'L-peptide linking' y ARGININE        ? 'C6 H15 N4 O2 1' 175.209 
ASN 'L-peptide linking' y ASPARAGINE      ? 'C4 H8 N2 O3'    132.118 
ASP 'L-peptide linking' y 'ASPARTIC ACID' ? 'C4 H7 N O4'     133.103 
CYS 'L-peptide linking' y CYSTEINE        ? 'C3 H7 N O2 S'   121.158 
GLN 'L-peptide linking' y GLUTAMINE       ? 'C5 H10 N2 O3'   146.144 
GLU 'L-peptide linking' y 'GLUTAMIC ACID' ? 'C5 H9 N O4'     147.129 
GLY 'peptide linking'   y GLYCINE         ? 'C2 H5 N O2'     75.067  
HIS 'L-peptide linking' y HISTIDINE       ? 'C6 H10 N3 O2 1' 156.162 
HOH non-polymer         . WATER           ? 'H2 O'           18.015  
ILE 'L-peptide linking' y ISOLEUCINE      ? 'C6 H13 N O2'    131.173 
LEU 'L-peptide linking' y LEUCINE         ? 'C6 H13 N O2'    131.173 
LYS 'L-peptide linking' y LYSINE          ? 'C6 H15 N2 O2 1' 147.195 
MET 'L-peptide linking' y METHIONINE      ? 'C5 H11 N O2 S'  149.211 
MG  non-polymer         . 'MAGNESIUM ION' ? 'Mg 2'           24.305  
PHE 'L-peptide linking' y PHENYLALANINE   ? 'C9 H11 N O2'    165.189 
PRO 'L-peptide linking' y PROLINE         ? 'C5 H9 N O2'     115.130 
SER 'L-peptide linking' y SERINE          ? 'C3 H7 N O3'     105.093 
THR 'L-peptide linking' y THREONINE       ? 'C4 H9 N O3'     119.119 
TRP 'L-peptide linking' y TRYPTOPHAN      ? 'C11 H12 N2 O2'  204.225 
TYR 'L-peptide linking' y TYROSINE        ? 'C9 H11 N O3'    181.189 
VAL 'L-peptide linking' y VALINE          ? 'C5 H11 N O2'    117.146 
# 
loop_
_pdbx_poly_seq_scheme.asym_id 
_pdbx_poly_seq_scheme.entity_id 
_pdbx_poly_seq_scheme.seq_id 
_pdbx_poly_seq_scheme.mon_id 
_pdbx_poly_seq_scheme.ndb_seq_num 
_pdbx_poly_seq_scheme.pdb_seq_num 
_pdbx_poly_seq_scheme.auth_seq_num 
_pdbx_poly_seq_scheme.pdb_mon_id 
_pdbx_poly_seq_scheme.auth_mon_id 
_pdbx_poly_seq_scheme.pdb_strand_id 
_pdbx_poly_seq_scheme.pdb_ins_code 
_pdbx_poly_seq_scheme.hetero 
A 1 1   ARG 1   53  ?   ?   ?   A . n 
A 1 2   ARG 2   54  54  ARG ARG A . n 
A 1 3   GLY 3   55  55  GLY GLY A . n 
A 1 4   LEU 4   56  56  LEU LEU A . n 
A 1 5   LEU 5   57  57  LEU LEU A . n 
A 1 6   PRO 6   58  58  PRO PRO A . n 
A 1 7   ASN 7   59  59  ASN ASN A . n 
A 1 8   HIS 8   60  60  HIS HIS A . n 
A 1 9   ILE 9   61  61  ILE ILE A . n 
A 1 10  TRP 10  62  62  TRP TRP A . n 
A 1 11  GLN 11  63  63  GLN GLN A . n 
A 1 12  GLY 12  64  64  GLY GLY A . n 
A 1 13  ASP 13  65  65  ASP ASP A . n 
A 1 14  VAL 14  66  66  VAL VAL A . n 
A 1 15  THR 15  67  67  THR THR A . n 
A 1 16  HIS 16  68  68  HIS HIS A . n 
A 1 17  TYR 17  69  69  TYR TYR A . n 
A 1 18  LYS 18  70  70  LYS LYS A . n 
A 1 19  TYR 19  71  71  TYR TYR A . n 
A 1 20  LYS 20  72  72  LYS LYS A . n 
A 1 21  LYS 21  73  73  LYS LYS A . n 
A 1 22  TYR 22  74  74  TYR TYR A . n 
A 1 23  LYS 23  75  75  LYS LYS A . n 
A 1 24  TYR 24  76  76  TYR TYR A . n 
A 1 25  CYS 25  77  77  CYS CYS A . n 
A 1 26  LEU 26  78  78  LEU LEU A . n 
A 1 27  HIS 27  79  79  HIS HIS A . n 
A 1 28  VAL 28  80  80  VAL VAL A . n 
A 1 29  TRP 29  81  81  TRP TRP A . n 
A 1 30  VAL 30  82  82  VAL VAL A . n 
A 1 31  ASP 31  83  83  ASP ASP A . n 
A 1 32  THR 32  84  84  THR THR A . n 
A 1 33  PHE 33  85  85  PHE PHE A . n 
A 1 34  SER 34  86  86  SER SER A . n 
A 1 35  GLY 35  87  87  GLY GLY A . n 
A 1 36  ALA 36  88  88  ALA ALA A . n 
A 1 37  VAL 37  89  89  VAL VAL A . n 
A 1 38  SER 38  90  90  SER SER A . n 
A 1 39  VAL 39  91  91  VAL VAL A . n 
A 1 40  SER 40  92  92  SER SER A . n 
A 1 41  CYS 41  93  93  CYS CYS A . n 
A 1 42  LYS 42  94  94  LYS LYS A . n 
A 1 43  LYS 43  95  95  LYS LYS A . n 
A 1 44  LYS 44  96  96  LYS LYS A . n 
A 1 45  GLU 45  97  97  GLU GLU A . n 
A 1 46  THR 46  98  98  THR THR A . n 
A 1 47  SER 47  99  99  SER SER A . n 
A 1 48  CYS 48  100 100 CYS CYS A . n 
A 1 49  GLU 49  101 101 GLU GLU A . n 
A 1 50  THR 50  102 102 THR THR A . n 
A 1 51  ILE 51  103 103 ILE ILE A . n 
A 1 52  SER 52  104 104 SER SER A . n 
A 1 53  ALA 53  105 105 ALA ALA A . n 
A 1 54  PHE 54  106 106 PHE PHE A . n 
A 1 55  LEU 55  107 107 LEU LEU A . n 
A 1 56  GLN 56  108 108 GLN GLN A . n 
A 1 57  ALA 57  109 109 ALA ALA A . n 
A 1 58  ILE 58  110 110 ILE ILE A . n 
A 1 59  SER 59  111 111 SER SER A . n 
A 1 60  LEU 60  112 112 LEU LEU A . n 
A 1 61  LEU 61  113 113 LEU LEU A . n 
A 1 62  GLY 62  114 114 GLY GLY A . n 
A 1 63  LYS 63  115 115 LYS LYS A . n 
A 1 64  PRO 64  116 116 PRO PRO A . n 
A 1 65  LEU 65  117 117 LEU LEU A . n 
A 1 66  HIS 66  118 118 HIS HIS A . n 
A 1 67  ILE 67  119 119 ILE ILE A . n 
A 1 68  ASN 68  120 120 ASN ASN A . n 
A 1 69  THR 69  121 121 THR THR A . n 
A 1 70  ASP 70  122 122 ASP ASP A . n 
A 1 71  ASN 71  123 123 ASN ASN A . n 
A 1 72  GLY 72  124 124 GLY GLY A . n 
A 1 73  PRO 73  125 125 PRO PRO A . n 
A 1 74  ALA 74  126 126 ALA ALA A . n 
A 1 75  PHE 75  127 127 PHE PHE A . n 
A 1 76  LEU 76  128 128 LEU LEU A . n 
A 1 77  SER 77  129 129 SER SER A . n 
A 1 78  GLN 78  130 130 GLN GLN A . n 
A 1 79  GLU 79  131 131 GLU GLU A . n 
A 1 80  PHE 80  132 132 PHE PHE A . n 
A 1 81  GLN 81  133 133 GLN GLN A . n 
A 1 82  GLU 82  134 134 GLU GLU A . n 
A 1 83  PHE 83  135 135 PHE PHE A . n 
A 1 84  CYS 84  136 136 CYS CYS A . n 
A 1 85  THR 85  137 137 THR THR A . n 
A 1 86  SER 86  138 138 SER SER A . n 
A 1 87  TYR 87  139 139 TYR TYR A . n 
A 1 88  HIS 88  140 140 HIS HIS A . n 
A 1 89  ILE 89  141 141 ILE ILE A . n 
A 1 90  LYS 90  142 142 LYS LYS A . n 
A 1 91  HIS 91  143 143 HIS HIS A . n 
A 1 92  SER 92  144 144 SER SER A . n 
A 1 93  THR 93  145 145 THR THR A . n 
A 1 94  HIS 94  146 146 HIS HIS A . n 
A 1 95  ILE 95  147 ?   ?   ?   A . n 
A 1 96  PRO 96  148 ?   ?   ?   A . n 
A 1 97  TYR 97  149 ?   ?   ?   A . n 
A 1 98  ASN 98  150 ?   ?   ?   A . n 
A 1 99  PRO 99  151 ?   ?   ?   A . n 
A 1 100 THR 100 152 ?   ?   ?   A . n 
A 1 101 SER 101 153 ?   ?   ?   A . n 
A 1 102 SER 102 154 ?   ?   ?   A . n 
A 1 103 GLY 103 155 155 GLY GLY A . n 
A 1 104 LEU 104 156 156 LEU LEU A . n 
A 1 105 VAL 105 157 157 VAL VAL A . n 
A 1 106 GLU 106 158 158 GLU GLU A . n 
A 1 107 ARG 107 159 159 ARG ARG A . n 
A 1 108 THR 108 160 160 THR THR A . n 
A 1 109 ASN 109 161 161 ASN ASN A . n 
A 1 110 GLY 110 162 162 GLY GLY A . n 
A 1 111 ILE 111 163 163 ILE ILE A . n 
A 1 112 ILE 112 164 164 ILE ILE A . n 
A 1 113 LYS 113 165 165 LYS LYS A . n 
A 1 114 ASN 114 166 166 ASN ASN A . n 
A 1 115 LEU 115 167 167 LEU LEU A . n 
A 1 116 LEU 116 168 168 LEU LEU A . n 
A 1 117 ASN 117 169 169 ASN ASN A . n 
A 1 118 LYS 118 170 170 LYS LYS A . n 
A 1 119 TYR 119 171 171 TYR TYR A . n 
A 1 120 LEU 120 172 172 LEU LEU A . n 
A 1 121 LEU 121 173 173 LEU LEU A . n 
A 1 122 ASP 122 174 174 ASP ASP A . n 
A 1 123 CYS 123 175 175 CYS CYS A . n 
A 1 124 PRO 124 176 176 PRO PRO A . n 
A 1 125 ASN 125 177 177 ASN ASN A . n 
A 1 126 LEU 126 178 178 LEU LEU A . n 
A 1 127 PRO 127 179 179 PRO PRO A . n 
A 1 128 LEU 128 180 180 LEU LEU A . n 
A 1 129 ASP 129 181 181 ASP ASP A . n 
A 1 130 ASN 130 182 182 ASN ASN A . n 
A 1 131 ALA 131 183 183 ALA ALA A . n 
A 1 132 ILE 132 184 184 ILE ILE A . n 
A 1 133 ASN 133 185 185 ASN ASN A . n 
A 1 134 LYS 134 186 186 LYS LYS A . n 
A 1 135 ALA 135 187 187 ALA ALA A . n 
A 1 136 LEU 136 188 188 LEU LEU A . n 
A 1 137 TRP 137 189 189 TRP TRP A . n 
A 1 138 THR 138 190 190 THR THR A . n 
A 1 139 LEU 139 191 191 LEU LEU A . n 
A 1 140 ASN 140 192 192 ASN ASN A . n 
A 1 141 GLN 141 193 193 GLN GLN A . n 
A 1 142 LEU 142 194 194 LEU LEU A . n 
A 1 143 ASN 143 195 195 ASN ASN A . n 
A 1 144 VAL 144 196 196 VAL VAL A . n 
A 1 145 MET 145 197 197 MET MET A . n 
A 1 146 ASN 146 198 198 ASN ASN A . n 
A 1 147 PRO 147 199 199 PRO PRO A . n 
A 1 148 SER 148 200 200 SER SER A . n 
A 1 149 GLY 149 201 201 GLY GLY A . n 
A 1 150 LYS 150 202 202 LYS LYS A . n 
A 1 151 THR 151 203 203 THR THR A . n 
A 1 152 ARG 152 204 204 ARG ARG A . n 
A 1 153 TRP 153 205 205 TRP TRP A . n 
A 1 154 GLN 154 206 206 GLN GLN A . n 
A 1 155 ILE 155 207 207 ILE ILE A . n 
A 1 156 HIS 156 208 208 HIS HIS A . n 
A 1 157 HIS 157 209 209 HIS HIS A . n 
A 1 158 SER 158 210 ?   ?   ?   A . n 
A 1 159 PRO 159 211 ?   ?   ?   A . n 
A 1 160 PRO 160 212 ?   ?   ?   A . n 
A 1 161 LEU 161 213 ?   ?   ?   A . n 
A 1 162 PRO 162 214 ?   ?   ?   A . n 
A 1 163 PRO 163 215 ?   ?   ?   A . n 
A 1 164 ILE 164 216 ?   ?   ?   A . n 
A 1 165 PRO 165 217 ?   ?   ?   A . n 
A 1 166 GLU 166 218 ?   ?   ?   A . n 
A 1 167 ALA 167 219 ?   ?   ?   A . n 
A 1 168 SER 168 220 ?   ?   ?   A . n 
A 1 169 THR 169 221 ?   ?   ?   A . n 
# 
loop_
_pdbx_nonpoly_scheme.asym_id 
_pdbx_nonpoly_scheme.entity_id 
_pdbx_nonpoly_scheme.mon_id 
_pdbx_nonpoly_scheme.ndb_seq_num 
_pdbx_nonpoly_scheme.pdb_seq_num 
_pdbx_nonpoly_scheme.auth_seq_num 
_pdbx_nonpoly_scheme.pdb_mon_id 
_pdbx_nonpoly_scheme.auth_mon_id 
_pdbx_nonpoly_scheme.pdb_strand_id 
_pdbx_nonpoly_scheme.pdb_ins_code 
B 2 MG  1  301 51  MG  MG  A . 
C 3 HOH 1  401 155 HOH HOH A . 
C 3 HOH 2  402 70  HOH HOH A . 
C 3 HOH 3  403 89  HOH HOH A . 
C 3 HOH 4  404 54  HOH HOH A . 
C 3 HOH 5  405 132 HOH HOH A . 
C 3 HOH 6  406 145 HOH HOH A . 
C 3 HOH 7  407 57  HOH HOH A . 
C 3 HOH 8  408 56  HOH HOH A . 
C 3 HOH 9  409 102 HOH HOH A . 
C 3 HOH 10 410 157 HOH HOH A . 
C 3 HOH 11 411 82  HOH HOH A . 
C 3 HOH 12 412 63  HOH HOH A . 
C 3 HOH 13 413 105 HOH HOH A . 
C 3 HOH 14 414 75  HOH HOH A . 
C 3 HOH 15 415 73  HOH HOH A . 
C 3 HOH 16 416 92  HOH HOH A . 
C 3 HOH 17 417 62  HOH HOH A . 
C 3 HOH 18 418 61  HOH HOH A . 
C 3 HOH 19 419 94  HOH HOH A . 
C 3 HOH 20 420 74  HOH HOH A . 
C 3 HOH 21 421 84  HOH HOH A . 
C 3 HOH 22 422 55  HOH HOH A . 
C 3 HOH 23 423 68  HOH HOH A . 
C 3 HOH 24 424 114 HOH HOH A . 
C 3 HOH 25 425 98  HOH HOH A . 
C 3 HOH 26 426 101 HOH HOH A . 
C 3 HOH 27 427 51  HOH HOH A . 
C 3 HOH 28 428 115 HOH HOH A . 
C 3 HOH 29 429 122 HOH HOH A . 
C 3 HOH 30 430 88  HOH HOH A . 
C 3 HOH 31 431 64  HOH HOH A . 
C 3 HOH 32 432 71  HOH HOH A . 
C 3 HOH 33 433 76  HOH HOH A . 
C 3 HOH 34 434 81  HOH HOH A . 
C 3 HOH 35 435 52  HOH HOH A . 
C 3 HOH 36 436 104 HOH HOH A . 
C 3 HOH 37 437 123 HOH HOH A . 
C 3 HOH 38 438 137 HOH HOH A . 
C 3 HOH 39 439 65  HOH HOH A . 
C 3 HOH 40 440 128 HOH HOH A . 
C 3 HOH 41 441 159 HOH HOH A . 
C 3 HOH 42 442 77  HOH HOH A . 
C 3 HOH 43 443 120 HOH HOH A . 
C 3 HOH 44 444 53  HOH HOH A . 
C 3 HOH 45 445 90  HOH HOH A . 
C 3 HOH 46 446 144 HOH HOH A . 
C 3 HOH 47 447 95  HOH HOH A . 
C 3 HOH 48 448 106 HOH HOH A . 
C 3 HOH 49 449 111 HOH HOH A . 
C 3 HOH 50 450 152 HOH HOH A . 
C 3 HOH 51 451 158 HOH HOH A . 
C 3 HOH 52 452 113 HOH HOH A . 
C 3 HOH 53 453 153 HOH HOH A . 
C 3 HOH 54 454 149 HOH HOH A . 
C 3 HOH 55 455 109 HOH HOH A . 
C 3 HOH 56 456 154 HOH HOH A . 
C 3 HOH 57 457 107 HOH HOH A . 
C 3 HOH 58 458 151 HOH HOH A . 
C 3 HOH 59 459 147 HOH HOH A . 
# 
loop_
_software.citation_id 
_software.classification 
_software.compiler_name 
_software.compiler_version 
_software.contact_author 
_software.contact_author_email 
_software.date 
_software.description 
_software.dependencies 
_software.hardware 
_software.language 
_software.location 
_software.mods 
_software.name 
_software.os 
_software.os_version 
_software.type 
_software.version 
_software.pdbx_ordinal 
? refinement       ? ? ? ? ? ? ? ? ? ? ? REFMAC ? ? ? . 1 
? phasing          ? ? ? ? ? ? ? ? ? ? ? PHASER ? ? ? . 2 
? 'model building' ? ? ? ? ? ? ? ? ? ? ? PHENIX ? ? ? . 3 
? 'data reduction' ? ? ? ? ? ? ? ? ? ? ? xia2   ? ? ? . 4 
# 
_cell.angle_alpha                  90.00 
_cell.angle_alpha_esd              ? 
_cell.angle_beta                   90.00 
_cell.angle_beta_esd               ? 
_cell.angle_gamma                  90.00 
_cell.angle_gamma_esd              ? 
_cell.entry_id                     6QBT 
_cell.details                      ? 
_cell.formula_units_Z              ? 
_cell.length_a                     115.920 
_cell.length_a_esd                 ? 
_cell.length_b                     115.920 
_cell.length_b_esd                 ? 
_cell.length_c                     115.920 
_cell.length_c_esd                 ? 
_cell.volume                       ? 
_cell.volume_esd                   ? 
_cell.Z_PDB                        24 
_cell.reciprocal_angle_alpha       ? 
_cell.reciprocal_angle_beta        ? 
_cell.reciprocal_angle_gamma       ? 
_cell.reciprocal_angle_alpha_esd   ? 
_cell.reciprocal_angle_beta_esd    ? 
_cell.reciprocal_angle_gamma_esd   ? 
_cell.reciprocal_length_a          ? 
_cell.reciprocal_length_b          ? 
_cell.reciprocal_length_c          ? 
_cell.reciprocal_length_a_esd      ? 
_cell.reciprocal_length_b_esd      ? 
_cell.reciprocal_length_c_esd      ? 
_cell.pdbx_unique_axis             ? 
# 
_symmetry.entry_id                         6QBT 
_symmetry.cell_setting                     ? 
_symmetry.Int_Tables_number                212 
_symmetry.space_group_name_Hall            ? 
_symmetry.space_group_name_H-M             'P 43 3 2' 
_symmetry.pdbx_full_space_group_name_H-M   ? 
# 
_exptl.absorpt_coefficient_mu     ? 
_exptl.absorpt_correction_T_max   ? 
_exptl.absorpt_correction_T_min   ? 
_exptl.absorpt_correction_type    ? 
_exptl.absorpt_process_details    ? 
_exptl.entry_id                   6QBT 
_exptl.crystals_number            1 
_exptl.details                    ? 
_exptl.method                     'X-RAY DIFFRACTION' 
_exptl.method_details             ? 
# 
_exptl_crystal.colour                      ? 
_exptl_crystal.density_diffrn              ? 
_exptl_crystal.density_Matthews            3.38 
_exptl_crystal.density_method              ? 
_exptl_crystal.density_percent_sol         67.6 
_exptl_crystal.description                 'Elongated rods reaching up to 0.5 mm in length.' 
_exptl_crystal.F_000                       ? 
_exptl_crystal.id                          1 
_exptl_crystal.preparation                 ? 
_exptl_crystal.size_max                    ? 
_exptl_crystal.size_mid                    ? 
_exptl_crystal.size_min                    ? 
_exptl_crystal.size_rad                    ? 
_exptl_crystal.colour_lustre               ? 
_exptl_crystal.colour_modifier             ? 
_exptl_crystal.colour_primary              ? 
_exptl_crystal.density_meas                ? 
_exptl_crystal.density_meas_esd            ? 
_exptl_crystal.density_meas_gt             ? 
_exptl_crystal.density_meas_lt             ? 
_exptl_crystal.density_meas_temp           ? 
_exptl_crystal.density_meas_temp_esd       ? 
_exptl_crystal.density_meas_temp_gt        ? 
_exptl_crystal.density_meas_temp_lt        ? 
_exptl_crystal.pdbx_crystal_image_url      ? 
_exptl_crystal.pdbx_crystal_image_format   ? 
_exptl_crystal.pdbx_mosaicity              ? 
_exptl_crystal.pdbx_mosaicity_esd          ? 
# 
_exptl_crystal_grow.apparatus       ? 
_exptl_crystal_grow.atmosphere      ? 
_exptl_crystal_grow.crystal_id      1 
_exptl_crystal_grow.details         ? 
_exptl_crystal_grow.method          'VAPOR DIFFUSION, HANGING DROP' 
_exptl_crystal_grow.method_ref      ? 
_exptl_crystal_grow.pH              8.5 
_exptl_crystal_grow.pressure        ? 
_exptl_crystal_grow.pressure_esd    ? 
_exptl_crystal_grow.seeding         ? 
_exptl_crystal_grow.seeding_ref     ? 
_exptl_crystal_grow.temp            291 
_exptl_crystal_grow.temp_details    ? 
_exptl_crystal_grow.temp_esd        ? 
_exptl_crystal_grow.time            ? 
_exptl_crystal_grow.pdbx_details    '100 mM Tris pH 8.5, 14% PEG 8000, 100 mM magnesium chloride' 
_exptl_crystal_grow.pdbx_pH_range   ? 
# 
_diffrn.ambient_environment              ? 
_diffrn.ambient_temp                     291 
_diffrn.ambient_temp_details             ? 
_diffrn.ambient_temp_esd                 ? 
_diffrn.crystal_id                       1 
_diffrn.crystal_support                  ? 
_diffrn.crystal_treatment                ? 
_diffrn.details                          ? 
_diffrn.id                               1 
_diffrn.ambient_pressure                 ? 
_diffrn.ambient_pressure_esd             ? 
_diffrn.ambient_pressure_gt              ? 
_diffrn.ambient_pressure_lt              ? 
_diffrn.ambient_temp_gt                  ? 
_diffrn.ambient_temp_lt                  ? 
_diffrn.pdbx_serial_crystal_experiment   N 
# 
_diffrn_detector.details                      ? 
_diffrn_detector.detector                     PIXEL 
_diffrn_detector.diffrn_id                    1 
_diffrn_detector.type                         'DECTRIS PILATUS3 S 6M' 
_diffrn_detector.area_resol_mean              ? 
_diffrn_detector.dtime                        ? 
_diffrn_detector.pdbx_frames_total            ? 
_diffrn_detector.pdbx_collection_time_total   ? 
_diffrn_detector.pdbx_collection_date         2017-10-02 
_diffrn_detector.pdbx_frequency               ? 
# 
_diffrn_radiation.collimation                      ? 
_diffrn_radiation.diffrn_id                        1 
_diffrn_radiation.filter_edge                      ? 
_diffrn_radiation.inhomogeneity                    ? 
_diffrn_radiation.monochromator                    ? 
_diffrn_radiation.polarisn_norm                    ? 
_diffrn_radiation.polarisn_ratio                   ? 
_diffrn_radiation.probe                            ? 
_diffrn_radiation.type                             ? 
_diffrn_radiation.xray_symbol                      ? 
_diffrn_radiation.wavelength_id                    1 
_diffrn_radiation.pdbx_monochromatic_or_laue_m_l   M 
_diffrn_radiation.pdbx_wavelength_list             ? 
_diffrn_radiation.pdbx_wavelength                  ? 
_diffrn_radiation.pdbx_diffrn_protocol             'SINGLE WAVELENGTH' 
_diffrn_radiation.pdbx_analyzer                    ? 
_diffrn_radiation.pdbx_scattering_type             x-ray 
# 
_diffrn_radiation_wavelength.id           1 
_diffrn_radiation_wavelength.wavelength   0.9762 
_diffrn_radiation_wavelength.wt           1.0 
# 
_diffrn_source.current                     ? 
_diffrn_source.details                     ? 
_diffrn_source.diffrn_id                   1 
_diffrn_source.power                       ? 
_diffrn_source.size                        ? 
_diffrn_source.source                      SYNCHROTRON 
_diffrn_source.target                      ? 
_diffrn_source.type                        'DIAMOND BEAMLINE I03' 
_diffrn_source.voltage                     ? 
_diffrn_source.take-off_angle              ? 
_diffrn_source.pdbx_wavelength_list        0.9762 
_diffrn_source.pdbx_wavelength             ? 
_diffrn_source.pdbx_synchrotron_beamline   I03 
_diffrn_source.pdbx_synchrotron_site       Diamond 
# 
_reflns.B_iso_Wilson_estimate            ? 
_reflns.entry_id                         6QBT 
_reflns.data_reduction_details           ? 
_reflns.data_reduction_method            ? 
_reflns.d_resolution_high                2.29 
_reflns.d_resolution_low                 40.98 
_reflns.details                          ? 
_reflns.limit_h_max                      ? 
_reflns.limit_h_min                      ? 
_reflns.limit_k_max                      ? 
_reflns.limit_k_min                      ? 
_reflns.limit_l_max                      ? 
_reflns.limit_l_min                      ? 
_reflns.number_all                       ? 
_reflns.number_obs                       12518 
_reflns.observed_criterion               ? 
_reflns.observed_criterion_F_max         ? 
_reflns.observed_criterion_F_min         ? 
_reflns.observed_criterion_I_max         ? 
_reflns.observed_criterion_I_min         ? 
_reflns.observed_criterion_sigma_F       ? 
_reflns.observed_criterion_sigma_I       ? 
_reflns.percent_possible_obs             99.9 
_reflns.R_free_details                   ? 
_reflns.Rmerge_F_all                     ? 
_reflns.Rmerge_F_obs                     ? 
_reflns.Friedel_coverage                 ? 
_reflns.number_gt                        ? 
_reflns.threshold_expression             ? 
_reflns.pdbx_redundancy                  1.8 
_reflns.pdbx_Rmerge_I_obs                0.023 
_reflns.pdbx_Rmerge_I_all                ? 
_reflns.pdbx_Rsym_value                  ? 
_reflns.pdbx_netI_over_av_sigmaI         ? 
_reflns.pdbx_netI_over_sigmaI            24.2 
_reflns.pdbx_res_netI_over_av_sigmaI_2   ? 
_reflns.pdbx_res_netI_over_sigmaI_2      ? 
_reflns.pdbx_chi_squared                 ? 
_reflns.pdbx_scaling_rejects             ? 
_reflns.pdbx_d_res_high_opt              ? 
_reflns.pdbx_d_res_low_opt               ? 
_reflns.pdbx_d_res_opt_method            ? 
_reflns.phase_calculation_details        ? 
_reflns.pdbx_Rrim_I_all                  ? 
_reflns.pdbx_Rpim_I_all                  ? 
_reflns.pdbx_d_opt                       ? 
_reflns.pdbx_number_measured_all         ? 
_reflns.pdbx_diffrn_id                   1 
_reflns.pdbx_ordinal                     1 
_reflns.pdbx_CC_half                     ? 
_reflns.pdbx_R_split                     ? 
# 
_reflns_shell.d_res_high                  2.29 
_reflns_shell.d_res_low                   2.37 
_reflns_shell.meanI_over_sigI_all         ? 
_reflns_shell.meanI_over_sigI_obs         2.5 
_reflns_shell.number_measured_all         ? 
_reflns_shell.number_measured_obs         ? 
_reflns_shell.number_possible             ? 
_reflns_shell.number_unique_all           ? 
_reflns_shell.number_unique_obs           1194 
_reflns_shell.percent_possible_all        99.9 
_reflns_shell.percent_possible_obs        ? 
_reflns_shell.Rmerge_F_all                ? 
_reflns_shell.Rmerge_F_obs                ? 
_reflns_shell.Rmerge_I_all                ? 
_reflns_shell.Rmerge_I_obs                0.29 
_reflns_shell.meanI_over_sigI_gt          ? 
_reflns_shell.meanI_over_uI_all           ? 
_reflns_shell.meanI_over_uI_gt            ? 
_reflns_shell.number_measured_gt          ? 
_reflns_shell.number_unique_gt            ? 
_reflns_shell.percent_possible_gt         ? 
_reflns_shell.Rmerge_F_gt                 ? 
_reflns_shell.Rmerge_I_gt                 ? 
_reflns_shell.pdbx_redundancy             1.9 
_reflns_shell.pdbx_Rsym_value             ? 
_reflns_shell.pdbx_chi_squared            ? 
_reflns_shell.pdbx_netI_over_sigmaI_all   ? 
_reflns_shell.pdbx_netI_over_sigmaI_obs   ? 
_reflns_shell.pdbx_Rrim_I_all             ? 
_reflns_shell.pdbx_Rpim_I_all             ? 
_reflns_shell.pdbx_rejects                ? 
_reflns_shell.pdbx_ordinal                1 
_reflns_shell.pdbx_diffrn_id              1 
_reflns_shell.pdbx_CC_half                ? 
_reflns_shell.pdbx_R_split                ? 
# 
_refine.aniso_B[1][1]                            ? 
_refine.aniso_B[1][2]                            ? 
_refine.aniso_B[1][3]                            ? 
_refine.aniso_B[2][2]                            ? 
_refine.aniso_B[2][3]                            ? 
_refine.aniso_B[3][3]                            ? 
_refine.B_iso_max                                ? 
_refine.B_iso_mean                               ? 
_refine.B_iso_min                                ? 
_refine.correlation_coeff_Fo_to_Fc               ? 
_refine.correlation_coeff_Fo_to_Fc_free          ? 
_refine.details                                  ? 
_refine.diff_density_max                         ? 
_refine.diff_density_max_esd                     ? 
_refine.diff_density_min                         ? 
_refine.diff_density_min_esd                     ? 
_refine.diff_density_rms                         ? 
_refine.diff_density_rms_esd                     ? 
_refine.entry_id                                 6QBT 
_refine.pdbx_refine_id                           'X-RAY DIFFRACTION' 
_refine.ls_abs_structure_details                 ? 
_refine.ls_abs_structure_Flack                   ? 
_refine.ls_abs_structure_Flack_esd               ? 
_refine.ls_abs_structure_Rogers                  ? 
_refine.ls_abs_structure_Rogers_esd              ? 
_refine.ls_d_res_high                            2.29 
_refine.ls_d_res_low                             40.98 
_refine.ls_extinction_coef                       ? 
_refine.ls_extinction_coef_esd                   ? 
_refine.ls_extinction_expression                 ? 
_refine.ls_extinction_method                     ? 
_refine.ls_goodness_of_fit_all                   ? 
_refine.ls_goodness_of_fit_all_esd               ? 
_refine.ls_goodness_of_fit_obs                   ? 
_refine.ls_goodness_of_fit_obs_esd               ? 
_refine.ls_hydrogen_treatment                    ? 
_refine.ls_matrix_type                           ? 
_refine.ls_number_constraints                    ? 
_refine.ls_number_parameters                     ? 
_refine.ls_number_reflns_all                     ? 
_refine.ls_number_reflns_obs                     12518 
_refine.ls_number_reflns_R_free                  ? 
_refine.ls_number_reflns_R_work                  ? 
_refine.ls_number_restraints                     ? 
_refine.ls_percent_reflns_obs                    99.9 
_refine.ls_percent_reflns_R_free                 ? 
_refine.ls_R_factor_all                          ? 
_refine.ls_R_factor_obs                          ? 
_refine.ls_R_factor_R_free                       ? 
_refine.ls_R_factor_R_free_error                 ? 
_refine.ls_R_factor_R_free_error_details         ? 
_refine.ls_R_factor_R_work                       ? 
_refine.ls_R_Fsqd_factor_obs                     ? 
_refine.ls_R_I_factor_obs                        ? 
_refine.ls_redundancy_reflns_all                 ? 
_refine.ls_redundancy_reflns_obs                 ? 
_refine.ls_restrained_S_all                      ? 
_refine.ls_restrained_S_obs                      ? 
_refine.ls_shift_over_esd_max                    ? 
_refine.ls_shift_over_esd_mean                   ? 
_refine.ls_structure_factor_coef                 ? 
_refine.ls_weighting_details                     ? 
_refine.ls_weighting_scheme                      ? 
_refine.ls_wR_factor_all                         ? 
_refine.ls_wR_factor_obs                         ? 
_refine.ls_wR_factor_R_free                      ? 
_refine.ls_wR_factor_R_work                      ? 
_refine.occupancy_max                            ? 
_refine.occupancy_min                            ? 
_refine.solvent_model_details                    ? 
_refine.solvent_model_param_bsol                 ? 
_refine.solvent_model_param_ksol                 ? 
_refine.ls_R_factor_gt                           ? 
_refine.ls_goodness_of_fit_gt                    ? 
_refine.ls_goodness_of_fit_ref                   ? 
_refine.ls_shift_over_su_max                     ? 
_refine.ls_shift_over_su_max_lt                  ? 
_refine.ls_shift_over_su_mean                    ? 
_refine.ls_shift_over_su_mean_lt                 ? 
_refine.pdbx_ls_sigma_I                          ? 
_refine.pdbx_ls_sigma_F                          ? 
_refine.pdbx_ls_sigma_Fsqd                       ? 
_refine.pdbx_data_cutoff_high_absF               ? 
_refine.pdbx_data_cutoff_high_rms_absF           ? 
_refine.pdbx_data_cutoff_low_absF                ? 
_refine.pdbx_isotropic_thermal_model             ? 
_refine.pdbx_ls_cross_valid_method               'FREE R-VALUE' 
_refine.pdbx_method_to_determine_struct          'MOLECULAR REPLACEMENT' 
_refine.pdbx_starting_model                      5CZ1 
_refine.pdbx_stereochemistry_target_values       ? 
_refine.pdbx_R_Free_selection_details            ? 
_refine.pdbx_stereochem_target_val_spec_case     ? 
_refine.pdbx_overall_ESU_R                       ? 
_refine.pdbx_overall_ESU_R_Free                  ? 
_refine.pdbx_solvent_vdw_probe_radii             ? 
_refine.pdbx_solvent_ion_probe_radii             ? 
_refine.pdbx_solvent_shrinkage_radii             ? 
_refine.pdbx_real_space_R                        ? 
_refine.pdbx_density_correlation                 ? 
_refine.pdbx_pd_number_of_powder_patterns        ? 
_refine.pdbx_pd_number_of_points                 ? 
_refine.pdbx_pd_meas_number_of_points            ? 
_refine.pdbx_pd_proc_ls_prof_R_factor            ? 
_refine.pdbx_pd_proc_ls_prof_wR_factor           ? 
_refine.pdbx_pd_Marquardt_correlation_coeff      ? 
_refine.pdbx_pd_Fsqrd_R_factor                   ? 
_refine.pdbx_pd_ls_matrix_band_width             ? 
_refine.pdbx_overall_phase_error                 ? 
_refine.pdbx_overall_SU_R_free_Cruickshank_DPI   ? 
_refine.pdbx_overall_SU_R_free_Blow_DPI          ? 
_refine.pdbx_overall_SU_R_Blow_DPI               ? 
_refine.pdbx_TLS_residual_ADP_flag               ? 
_refine.pdbx_diffrn_id                           1 
_refine.overall_SU_B                             ? 
_refine.overall_SU_ML                            ? 
_refine.overall_SU_R_Cruickshank_DPI             ? 
_refine.overall_SU_R_free                        ? 
_refine.overall_FOM_free_R_set                   ? 
_refine.overall_FOM_work_R_set                   ? 
_refine.pdbx_average_fsc_overall                 ? 
_refine.pdbx_average_fsc_work                    ? 
_refine.pdbx_average_fsc_free                    ? 
# 
_refine_hist.pdbx_refine_id                   'X-RAY DIFFRACTION' 
_refine_hist.cycle_id                         LAST 
_refine_hist.pdbx_number_atoms_protein        1195 
_refine_hist.pdbx_number_atoms_nucleic_acid   0 
_refine_hist.pdbx_number_atoms_ligand         1 
_refine_hist.number_atoms_solvent             59 
_refine_hist.number_atoms_total               1255 
_refine_hist.d_res_high                       2.29 
_refine_hist.d_res_low                        40.98 
# 
_struct.entry_id                     6QBT 
_struct.title                        
'Structure of the HTLV-2 integrase catalytic core domain in complex with magnesium (trimeric form)' 
_struct.pdbx_model_details           ? 
_struct.pdbx_formula_weight          ? 
_struct.pdbx_formula_weight_method   ? 
_struct.pdbx_model_type_details      ? 
_struct.pdbx_CASP_flag               N 
# 
_struct_keywords.entry_id        6QBT 
_struct_keywords.text            'retrovirus, deltaretrovirus, integration, strand-transfer, nucleotidyltransferase, TRANSFERASE' 
_struct_keywords.pdbx_keywords   TRANSFERASE 
# 
loop_
_struct_asym.id 
_struct_asym.pdbx_blank_PDB_chainid_flag 
_struct_asym.pdbx_modified 
_struct_asym.entity_id 
_struct_asym.details 
A N N 1 ? 
B N N 2 ? 
C N N 3 ? 
# 
_struct_ref.id                         1 
_struct_ref.db_name                    UNP 
_struct_ref.db_code                    Q82441_HTLV2 
_struct_ref.pdbx_db_accession          Q82441 
_struct_ref.pdbx_db_isoform            ? 
_struct_ref.entity_id                  1 
_struct_ref.pdbx_seq_one_letter_code   
;RRGLLPNHIWQGDVTHYKYKKYKYCLHVWVDTFSGAVSVSCKKKETSCETISAFLQAISLLGKPLHINTDNGPAFLSQEF
QEFCTSYHIKHSTHIPYNPTSSGLVERTNGIIKNLLNKYLLDCPNLPLDNAINKALWTLNQLNVMNPSGKTRWQIHHSPP
LPPIPEAST
;
_struct_ref.pdbx_align_begin           738 
# 
_struct_ref_seq.align_id                      1 
_struct_ref_seq.ref_id                        1 
_struct_ref_seq.pdbx_PDB_id_code              6QBT 
_struct_ref_seq.pdbx_strand_id                A 
_struct_ref_seq.seq_align_beg                 1 
_struct_ref_seq.pdbx_seq_align_beg_ins_code   ? 
_struct_ref_seq.seq_align_end                 169 
_struct_ref_seq.pdbx_seq_align_end_ins_code   ? 
_struct_ref_seq.pdbx_db_accession             Q82441 
_struct_ref_seq.db_align_beg                  738 
_struct_ref_seq.pdbx_db_align_beg_ins_code    ? 
_struct_ref_seq.db_align_end                  906 
_struct_ref_seq.pdbx_db_align_end_ins_code    ? 
_struct_ref_seq.pdbx_auth_seq_align_beg       53 
_struct_ref_seq.pdbx_auth_seq_align_end       221 
# 
_pdbx_struct_assembly.id                   1 
_pdbx_struct_assembly.details              author_and_software_defined_assembly 
_pdbx_struct_assembly.method_details       PISA 
_pdbx_struct_assembly.oligomeric_details   trimeric 
_pdbx_struct_assembly.oligomeric_count     3 
# 
loop_
_pdbx_struct_assembly_prop.biol_id 
_pdbx_struct_assembly_prop.type 
_pdbx_struct_assembly_prop.value 
_pdbx_struct_assembly_prop.details 
1 'ABSA (A^2)' 3580  ? 
1 MORE         -50   ? 
1 'SSA (A^2)'  21040 ? 
# 
_pdbx_struct_assembly_gen.assembly_id       1 
_pdbx_struct_assembly_gen.oper_expression   1,2,3 
_pdbx_struct_assembly_gen.asym_id_list      A,B,C 
# 
_pdbx_struct_assembly_auth_evidence.id                     1 
_pdbx_struct_assembly_auth_evidence.assembly_id            1 
_pdbx_struct_assembly_auth_evidence.experimental_support   none 
_pdbx_struct_assembly_auth_evidence.details                ? 
# 
loop_
_pdbx_struct_oper_list.id 
_pdbx_struct_oper_list.type 
_pdbx_struct_oper_list.name 
_pdbx_struct_oper_list.symmetry_operation 
_pdbx_struct_oper_list.matrix[1][1] 
_pdbx_struct_oper_list.matrix[1][2] 
_pdbx_struct_oper_list.matrix[1][3] 
_pdbx_struct_oper_list.vector[1] 
_pdbx_struct_oper_list.matrix[2][1] 
_pdbx_struct_oper_list.matrix[2][2] 
_pdbx_struct_oper_list.matrix[2][3] 
_pdbx_struct_oper_list.vector[2] 
_pdbx_struct_oper_list.matrix[3][1] 
_pdbx_struct_oper_list.matrix[3][2] 
_pdbx_struct_oper_list.matrix[3][3] 
_pdbx_struct_oper_list.vector[3] 
1 'identity operation'         1_555  x,y,z             1.0000000000  0.0000000000  0.0000000000 0.0000000000   0.0000000000  1.0000000000  0.0000000000  0.0000000000   0.0000000000 0.0000000000  1.0000000000 0.0000000000   
2 'crystal symmetry operation' 7_665  -z+3/2,-x+1,y+1/2 -0.1785907696 0.2748918604  0.9447432467 13.3804340895  -0.9819102213 -0.1111849666 -0.1532651969 -15.7068405500 0.0629098912 -0.9550247998 0.2897757362 -19.5565457656 
3 'crystal symmetry operation' 10_646 -y+1,z-1/2,-x+3/2 -0.1785907696 -0.9819102213 0.0629098912 -11.8027850913 0.2748918604  -0.1111849666 -0.9550247998 -24.1015231670 0.9447432467 -0.1532651969 0.2897757362 -9.3813743067 
# 
loop_
_struct_conf.conf_type_id 
_struct_conf.id 
_struct_conf.pdbx_PDB_helix_id 
_struct_conf.beg_label_comp_id 
_struct_conf.beg_label_asym_id 
_struct_conf.beg_label_seq_id 
_struct_conf.pdbx_beg_PDB_ins_code 
_struct_conf.end_label_comp_id 
_struct_conf.end_label_asym_id 
_struct_conf.end_label_seq_id 
_struct_conf.pdbx_end_PDB_ins_code 
_struct_conf.beg_auth_comp_id 
_struct_conf.beg_auth_asym_id 
_struct_conf.beg_auth_seq_id 
_struct_conf.end_auth_comp_id 
_struct_conf.end_auth_asym_id 
_struct_conf.end_auth_seq_id 
_struct_conf.pdbx_PDB_helix_class 
_struct_conf.details 
_struct_conf.pdbx_PDB_helix_length 
HELX_P HELX_P1 AA1 THR A 46  ? GLY A 62  ? THR A 98  GLY A 114 1 ? 17 
HELX_P HELX_P2 AA2 GLY A 72  ? SER A 77  ? GLY A 124 SER A 129 1 ? 6  
HELX_P HELX_P3 AA3 SER A 77  ? TYR A 87  ? SER A 129 TYR A 139 1 ? 11 
HELX_P HELX_P4 AA4 LEU A 104 ? CYS A 123 ? LEU A 156 CYS A 175 1 ? 20 
HELX_P HELX_P5 AA5 PRO A 127 ? LEU A 142 ? PRO A 179 LEU A 194 1 ? 16 
HELX_P HELX_P6 AA6 THR A 151 ? HIS A 157 ? THR A 203 HIS A 209 1 ? 7  
# 
_struct_conf_type.id          HELX_P 
_struct_conf_type.criteria    ? 
_struct_conf_type.reference   ? 
# 
loop_
_struct_conn.id 
_struct_conn.conn_type_id 
_struct_conn.pdbx_leaving_atom_flag 
_struct_conn.pdbx_PDB_id 
_struct_conn.ptnr1_label_asym_id 
_struct_conn.ptnr1_label_comp_id 
_struct_conn.ptnr1_label_seq_id 
_struct_conn.ptnr1_label_atom_id 
_struct_conn.pdbx_ptnr1_label_alt_id 
_struct_conn.pdbx_ptnr1_PDB_ins_code 
_struct_conn.pdbx_ptnr1_standard_comp_id 
_struct_conn.ptnr1_symmetry 
_struct_conn.ptnr2_label_asym_id 
_struct_conn.ptnr2_label_comp_id 
_struct_conn.ptnr2_label_seq_id 
_struct_conn.ptnr2_label_atom_id 
_struct_conn.pdbx_ptnr2_label_alt_id 
_struct_conn.pdbx_ptnr2_PDB_ins_code 
_struct_conn.ptnr1_auth_asym_id 
_struct_conn.ptnr1_auth_comp_id 
_struct_conn.ptnr1_auth_seq_id 
_struct_conn.ptnr2_auth_asym_id 
_struct_conn.ptnr2_auth_comp_id 
_struct_conn.ptnr2_auth_seq_id 
_struct_conn.ptnr2_symmetry 
_struct_conn.pdbx_ptnr3_label_atom_id 
_struct_conn.pdbx_ptnr3_label_seq_id 
_struct_conn.pdbx_ptnr3_label_comp_id 
_struct_conn.pdbx_ptnr3_label_asym_id 
_struct_conn.pdbx_ptnr3_label_alt_id 
_struct_conn.pdbx_ptnr3_PDB_ins_code 
_struct_conn.details 
_struct_conn.pdbx_dist_value 
_struct_conn.pdbx_value_order 
_struct_conn.pdbx_role 
disulf1 disulf ? ? A CYS 48 SG  ? ? ? 1_555 A CYS 123 SG ? ? A CYS 100 A CYS 175 7_665 ? ? ? ? ? ? ? 1.840 ? ? 
metalc1 metalc ? ? A ASP 13 OD1 ? ? ? 1_555 B MG  .   MG ? ? A ASP 65  A MG  301 1_555 ? ? ? ? ? ? ? 2.203 ? ? 
metalc2 metalc ? ? A ASP 70 OD2 ? ? ? 1_555 B MG  .   MG ? ? A ASP 122 A MG  301 1_555 ? ? ? ? ? ? ? 2.033 ? ? 
# 
loop_
_struct_conn_type.id 
_struct_conn_type.criteria 
_struct_conn_type.reference 
disulf ? ? 
metalc ? ? 
# 
_pdbx_struct_conn_angle.id                    1 
_pdbx_struct_conn_angle.ptnr1_label_atom_id   OD1 
_pdbx_struct_conn_angle.ptnr1_label_alt_id    ? 
_pdbx_struct_conn_angle.ptnr1_label_asym_id   A 
_pdbx_struct_conn_angle.ptnr1_label_comp_id   ASP 
_pdbx_struct_conn_angle.ptnr1_label_seq_id    13 
_pdbx_struct_conn_angle.ptnr1_auth_atom_id    ? 
_pdbx_struct_conn_angle.ptnr1_auth_asym_id    A 
_pdbx_struct_conn_angle.ptnr1_auth_comp_id    ASP 
_pdbx_struct_conn_angle.ptnr1_auth_seq_id     65 
_pdbx_struct_conn_angle.ptnr1_PDB_ins_code    ? 
_pdbx_struct_conn_angle.ptnr1_symmetry        1_555 
_pdbx_struct_conn_angle.ptnr2_label_atom_id   MG 
_pdbx_struct_conn_angle.ptnr2_label_alt_id    ? 
_pdbx_struct_conn_angle.ptnr2_label_asym_id   B 
_pdbx_struct_conn_angle.ptnr2_label_comp_id   MG 
_pdbx_struct_conn_angle.ptnr2_label_seq_id    . 
_pdbx_struct_conn_angle.ptnr2_auth_atom_id    ? 
_pdbx_struct_conn_angle.ptnr2_auth_asym_id    A 
_pdbx_struct_conn_angle.ptnr2_auth_comp_id    MG 
_pdbx_struct_conn_angle.ptnr2_auth_seq_id     301 
_pdbx_struct_conn_angle.ptnr2_PDB_ins_code    ? 
_pdbx_struct_conn_angle.ptnr2_symmetry        1_555 
_pdbx_struct_conn_angle.ptnr3_label_atom_id   OD2 
_pdbx_struct_conn_angle.ptnr3_label_alt_id    ? 
_pdbx_struct_conn_angle.ptnr3_label_asym_id   A 
_pdbx_struct_conn_angle.ptnr3_label_comp_id   ASP 
_pdbx_struct_conn_angle.ptnr3_label_seq_id    70 
_pdbx_struct_conn_angle.ptnr3_auth_atom_id    ? 
_pdbx_struct_conn_angle.ptnr3_auth_asym_id    A 
_pdbx_struct_conn_angle.ptnr3_auth_comp_id    ASP 
_pdbx_struct_conn_angle.ptnr3_auth_seq_id     122 
_pdbx_struct_conn_angle.ptnr3_PDB_ins_code    ? 
_pdbx_struct_conn_angle.ptnr3_symmetry        1_555 
_pdbx_struct_conn_angle.value                 77.5 
_pdbx_struct_conn_angle.value_esd             ? 
# 
_pdbx_modification_feature.ordinal                            1 
_pdbx_modification_feature.label_comp_id                      CYS 
_pdbx_modification_feature.label_asym_id                      A 
_pdbx_modification_feature.label_seq_id                       48 
_pdbx_modification_feature.label_alt_id                       ? 
_pdbx_modification_feature.modified_residue_label_comp_id     CYS 
_pdbx_modification_feature.modified_residue_label_asym_id     A 
_pdbx_modification_feature.modified_residue_label_seq_id      123 
_pdbx_modification_feature.modified_residue_label_alt_id      ? 
_pdbx_modification_feature.auth_comp_id                       CYS 
_pdbx_modification_feature.auth_asym_id                       A 
_pdbx_modification_feature.auth_seq_id                        100 
_pdbx_modification_feature.PDB_ins_code                       ? 
_pdbx_modification_feature.symmetry                           1_555 
_pdbx_modification_feature.modified_residue_auth_comp_id      CYS 
_pdbx_modification_feature.modified_residue_auth_asym_id      A 
_pdbx_modification_feature.modified_residue_auth_seq_id       175 
_pdbx_modification_feature.modified_residue_PDB_ins_code      ? 
_pdbx_modification_feature.modified_residue_symmetry          7_665 
_pdbx_modification_feature.comp_id_linking_atom               SG 
_pdbx_modification_feature.modified_residue_id_linking_atom   SG 
_pdbx_modification_feature.modified_residue_id                . 
_pdbx_modification_feature.ref_pcm_id                         . 
_pdbx_modification_feature.ref_comp_id                        . 
_pdbx_modification_feature.type                               None 
_pdbx_modification_feature.category                           'Disulfide bridge' 
# 
_struct_sheet.id               AA1 
_struct_sheet.type             ? 
_struct_sheet.number_strands   5 
_struct_sheet.details          ? 
# 
loop_
_struct_sheet_order.sheet_id 
_struct_sheet_order.range_id_1 
_struct_sheet_order.range_id_2 
_struct_sheet_order.offset 
_struct_sheet_order.sense 
AA1 1 2 ? anti-parallel 
AA1 2 3 ? anti-parallel 
AA1 3 4 ? parallel      
AA1 4 5 ? parallel      
# 
loop_
_struct_sheet_range.sheet_id 
_struct_sheet_range.id 
_struct_sheet_range.beg_label_comp_id 
_struct_sheet_range.beg_label_asym_id 
_struct_sheet_range.beg_label_seq_id 
_struct_sheet_range.pdbx_beg_PDB_ins_code 
_struct_sheet_range.end_label_comp_id 
_struct_sheet_range.end_label_asym_id 
_struct_sheet_range.end_label_seq_id 
_struct_sheet_range.pdbx_end_PDB_ins_code 
_struct_sheet_range.beg_auth_comp_id 
_struct_sheet_range.beg_auth_asym_id 
_struct_sheet_range.beg_auth_seq_id 
_struct_sheet_range.end_auth_comp_id 
_struct_sheet_range.end_auth_asym_id 
_struct_sheet_range.end_auth_seq_id 
AA1 1 VAL A 37 ? LYS A 42 ? VAL A 89  LYS A 94  
AA1 2 TYR A 22 ? ASP A 31 ? TYR A 74  ASP A 83  
AA1 3 ILE A 9  ? TYR A 19 ? ILE A 61  TYR A 71  
AA1 4 HIS A 66 ? ASN A 68 ? HIS A 118 ASN A 120 
AA1 5 LYS A 90 ? SER A 92 ? LYS A 142 SER A 144 
# 
loop_
_pdbx_struct_sheet_hbond.sheet_id 
_pdbx_struct_sheet_hbond.range_id_1 
_pdbx_struct_sheet_hbond.range_id_2 
_pdbx_struct_sheet_hbond.range_1_label_atom_id 
_pdbx_struct_sheet_hbond.range_1_label_comp_id 
_pdbx_struct_sheet_hbond.range_1_label_asym_id 
_pdbx_struct_sheet_hbond.range_1_label_seq_id 
_pdbx_struct_sheet_hbond.range_1_PDB_ins_code 
_pdbx_struct_sheet_hbond.range_1_auth_atom_id 
_pdbx_struct_sheet_hbond.range_1_auth_comp_id 
_pdbx_struct_sheet_hbond.range_1_auth_asym_id 
_pdbx_struct_sheet_hbond.range_1_auth_seq_id 
_pdbx_struct_sheet_hbond.range_2_label_atom_id 
_pdbx_struct_sheet_hbond.range_2_label_comp_id 
_pdbx_struct_sheet_hbond.range_2_label_asym_id 
_pdbx_struct_sheet_hbond.range_2_label_seq_id 
_pdbx_struct_sheet_hbond.range_2_PDB_ins_code 
_pdbx_struct_sheet_hbond.range_2_auth_atom_id 
_pdbx_struct_sheet_hbond.range_2_auth_comp_id 
_pdbx_struct_sheet_hbond.range_2_auth_asym_id 
_pdbx_struct_sheet_hbond.range_2_auth_seq_id 
AA1 1 2 O LYS A 42 ? O LYS A 94  N CYS A 25 ? N CYS A 77  
AA1 2 3 O LEU A 26 ? O LEU A 78  N THR A 15 ? N THR A 67  
AA1 3 4 N TRP A 10 ? N TRP A 62  O HIS A 66 ? O HIS A 118 
AA1 4 5 N ILE A 67 ? N ILE A 119 O LYS A 90 ? O LYS A 142 
# 
_struct_site.id                   AC1 
_struct_site.pdbx_evidence_code   Software 
_struct_site.pdbx_auth_asym_id    A 
_struct_site.pdbx_auth_comp_id    MG 
_struct_site.pdbx_auth_seq_id     301 
_struct_site.pdbx_auth_ins_code   ? 
_struct_site.pdbx_num_residues    2 
_struct_site.details              'binding site for residue MG A 301' 
# 
loop_
_struct_site_gen.id 
_struct_site_gen.site_id 
_struct_site_gen.pdbx_num_res 
_struct_site_gen.label_comp_id 
_struct_site_gen.label_asym_id 
_struct_site_gen.label_seq_id 
_struct_site_gen.pdbx_auth_ins_code 
_struct_site_gen.auth_comp_id 
_struct_site_gen.auth_asym_id 
_struct_site_gen.auth_seq_id 
_struct_site_gen.label_atom_id 
_struct_site_gen.label_alt_id 
_struct_site_gen.symmetry 
_struct_site_gen.details 
1 AC1 2 ASP A 13 ? ASP A 65  . ? 1_555 ? 
2 AC1 2 ASP A 70 ? ASP A 122 . ? 1_555 ? 
# 
_pdbx_entry_details.entry_id                   6QBT 
_pdbx_entry_details.compound_details           ? 
_pdbx_entry_details.source_details             ? 
_pdbx_entry_details.nonpolymer_details         ? 
_pdbx_entry_details.sequence_details           ? 
_pdbx_entry_details.has_ligand_of_interest     ? 
_pdbx_entry_details.has_protein_modification   Y 
# 
loop_
_pdbx_validate_close_contact.id 
_pdbx_validate_close_contact.PDB_model_num 
_pdbx_validate_close_contact.auth_atom_id_1 
_pdbx_validate_close_contact.auth_asym_id_1 
_pdbx_validate_close_contact.auth_comp_id_1 
_pdbx_validate_close_contact.auth_seq_id_1 
_pdbx_validate_close_contact.PDB_ins_code_1 
_pdbx_validate_close_contact.label_alt_id_1 
_pdbx_validate_close_contact.auth_atom_id_2 
_pdbx_validate_close_contact.auth_asym_id_2 
_pdbx_validate_close_contact.auth_comp_id_2 
_pdbx_validate_close_contact.auth_seq_id_2 
_pdbx_validate_close_contact.PDB_ins_code_2 
_pdbx_validate_close_contact.label_alt_id_2 
_pdbx_validate_close_contact.dist 
1 1 O   A HOH 438 ? ? O   A HOH 453 ? ? 2.02 
2 1 O   A HIS 209 ? ? O   A HOH 401 ? ? 2.10 
3 1 OG1 A THR 98  ? ? OE1 A GLU 101 ? ? 2.18 
# 
loop_
_pdbx_validate_symm_contact.id 
_pdbx_validate_symm_contact.PDB_model_num 
_pdbx_validate_symm_contact.auth_atom_id_1 
_pdbx_validate_symm_contact.auth_asym_id_1 
_pdbx_validate_symm_contact.auth_comp_id_1 
_pdbx_validate_symm_contact.auth_seq_id_1 
_pdbx_validate_symm_contact.PDB_ins_code_1 
_pdbx_validate_symm_contact.label_alt_id_1 
_pdbx_validate_symm_contact.site_symmetry_1 
_pdbx_validate_symm_contact.auth_atom_id_2 
_pdbx_validate_symm_contact.auth_asym_id_2 
_pdbx_validate_symm_contact.auth_comp_id_2 
_pdbx_validate_symm_contact.auth_seq_id_2 
_pdbx_validate_symm_contact.PDB_ins_code_2 
_pdbx_validate_symm_contact.label_alt_id_2 
_pdbx_validate_symm_contact.site_symmetry_2 
_pdbx_validate_symm_contact.dist 
1 1 O A HOH 436 ? ? 1_555 O A HOH 446 ? ? 7_665  1.49 
2 1 O A HOH 441 ? ? 1_555 O A HOH 456 ? ? 10_646 2.19 
# 
_pdbx_validate_rmsd_bond.id                        1 
_pdbx_validate_rmsd_bond.PDB_model_num             1 
_pdbx_validate_rmsd_bond.auth_atom_id_1            C 
_pdbx_validate_rmsd_bond.auth_asym_id_1            A 
_pdbx_validate_rmsd_bond.auth_comp_id_1            ASP 
_pdbx_validate_rmsd_bond.auth_seq_id_1             174 
_pdbx_validate_rmsd_bond.PDB_ins_code_1            ? 
_pdbx_validate_rmsd_bond.label_alt_id_1            ? 
_pdbx_validate_rmsd_bond.auth_atom_id_2            N 
_pdbx_validate_rmsd_bond.auth_asym_id_2            A 
_pdbx_validate_rmsd_bond.auth_comp_id_2            CYS 
_pdbx_validate_rmsd_bond.auth_seq_id_2             175 
_pdbx_validate_rmsd_bond.PDB_ins_code_2            ? 
_pdbx_validate_rmsd_bond.label_alt_id_2            ? 
_pdbx_validate_rmsd_bond.bond_value                1.046 
_pdbx_validate_rmsd_bond.bond_target_value         1.336 
_pdbx_validate_rmsd_bond.bond_deviation            -0.290 
_pdbx_validate_rmsd_bond.bond_standard_deviation   0.023 
_pdbx_validate_rmsd_bond.linker_flag               Y 
# 
loop_
_pdbx_validate_rmsd_angle.id 
_pdbx_validate_rmsd_angle.PDB_model_num 
_pdbx_validate_rmsd_angle.auth_atom_id_1 
_pdbx_validate_rmsd_angle.auth_asym_id_1 
_pdbx_validate_rmsd_angle.auth_comp_id_1 
_pdbx_validate_rmsd_angle.auth_seq_id_1 
_pdbx_validate_rmsd_angle.PDB_ins_code_1 
_pdbx_validate_rmsd_angle.label_alt_id_1 
_pdbx_validate_rmsd_angle.auth_atom_id_2 
_pdbx_validate_rmsd_angle.auth_asym_id_2 
_pdbx_validate_rmsd_angle.auth_comp_id_2 
_pdbx_validate_rmsd_angle.auth_seq_id_2 
_pdbx_validate_rmsd_angle.PDB_ins_code_2 
_pdbx_validate_rmsd_angle.label_alt_id_2 
_pdbx_validate_rmsd_angle.auth_atom_id_3 
_pdbx_validate_rmsd_angle.auth_asym_id_3 
_pdbx_validate_rmsd_angle.auth_comp_id_3 
_pdbx_validate_rmsd_angle.auth_seq_id_3 
_pdbx_validate_rmsd_angle.PDB_ins_code_3 
_pdbx_validate_rmsd_angle.label_alt_id_3 
_pdbx_validate_rmsd_angle.angle_value 
_pdbx_validate_rmsd_angle.angle_target_value 
_pdbx_validate_rmsd_angle.angle_deviation 
_pdbx_validate_rmsd_angle.angle_standard_deviation 
_pdbx_validate_rmsd_angle.linker_flag 
1 1 O A ASP 174 ? ? C A ASP 174 ? ? N  A CYS 175 ? ? 109.44 122.70 -13.26 1.60 Y 
2 1 C A ASP 174 ? ? N A CYS 175 ? ? CA A CYS 175 ? ? 153.10 121.70 31.40  2.50 Y 
3 1 C A ASN 198 ? ? N A PRO 199 ? ? CD A PRO 199 ? ? 100.75 120.60 -19.85 2.20 Y 
# 
_pdbx_validate_torsion.id              1 
_pdbx_validate_torsion.PDB_model_num   1 
_pdbx_validate_torsion.auth_comp_id    PRO 
_pdbx_validate_torsion.auth_asym_id    A 
_pdbx_validate_torsion.auth_seq_id     199 
_pdbx_validate_torsion.PDB_ins_code    ? 
_pdbx_validate_torsion.label_alt_id    ? 
_pdbx_validate_torsion.phi             -33.52 
_pdbx_validate_torsion.psi             -11.05 
# 
_pdbx_validate_peptide_omega.id               1 
_pdbx_validate_peptide_omega.PDB_model_num    1 
_pdbx_validate_peptide_omega.auth_comp_id_1   ASN 
_pdbx_validate_peptide_omega.auth_asym_id_1   A 
_pdbx_validate_peptide_omega.auth_seq_id_1    198 
_pdbx_validate_peptide_omega.PDB_ins_code_1   ? 
_pdbx_validate_peptide_omega.label_alt_id_1   ? 
_pdbx_validate_peptide_omega.auth_comp_id_2   PRO 
_pdbx_validate_peptide_omega.auth_asym_id_2   A 
_pdbx_validate_peptide_omega.auth_seq_id_2    199 
_pdbx_validate_peptide_omega.PDB_ins_code_2   ? 
_pdbx_validate_peptide_omega.label_alt_id_2   ? 
_pdbx_validate_peptide_omega.omega            -60.11 
# 
loop_
_pdbx_validate_main_chain_plane.id 
_pdbx_validate_main_chain_plane.PDB_model_num 
_pdbx_validate_main_chain_plane.auth_comp_id 
_pdbx_validate_main_chain_plane.auth_asym_id 
_pdbx_validate_main_chain_plane.auth_seq_id 
_pdbx_validate_main_chain_plane.PDB_ins_code 
_pdbx_validate_main_chain_plane.label_alt_id 
_pdbx_validate_main_chain_plane.improper_torsion_angle 
1 1 CYS A 175 ? ? -10.83 
2 1 ASN A 198 ? ? -10.51 
# 
_pdbx_validate_polymer_linkage.id               1 
_pdbx_validate_polymer_linkage.PDB_model_num    1 
_pdbx_validate_polymer_linkage.auth_atom_id_1   C 
_pdbx_validate_polymer_linkage.auth_asym_id_1   A 
_pdbx_validate_polymer_linkage.auth_comp_id_1   ASP 
_pdbx_validate_polymer_linkage.auth_seq_id_1    174 
_pdbx_validate_polymer_linkage.PDB_ins_code_1   ? 
_pdbx_validate_polymer_linkage.label_alt_id_1   ? 
_pdbx_validate_polymer_linkage.auth_atom_id_2   N 
_pdbx_validate_polymer_linkage.auth_asym_id_2   A 
_pdbx_validate_polymer_linkage.auth_comp_id_2   CYS 
_pdbx_validate_polymer_linkage.auth_seq_id_2    175 
_pdbx_validate_polymer_linkage.PDB_ins_code_2   ? 
_pdbx_validate_polymer_linkage.label_alt_id_2   ? 
_pdbx_validate_polymer_linkage.dist             1.05 
# 
_pdbx_struct_special_symmetry.id              1 
_pdbx_struct_special_symmetry.PDB_model_num   1 
_pdbx_struct_special_symmetry.auth_asym_id    A 
_pdbx_struct_special_symmetry.auth_comp_id    HOH 
_pdbx_struct_special_symmetry.auth_seq_id     435 
_pdbx_struct_special_symmetry.PDB_ins_code    ? 
_pdbx_struct_special_symmetry.label_asym_id   C 
_pdbx_struct_special_symmetry.label_comp_id   HOH 
_pdbx_struct_special_symmetry.label_seq_id    . 
# 
loop_
_pdbx_unobs_or_zero_occ_residues.id 
_pdbx_unobs_or_zero_occ_residues.PDB_model_num 
_pdbx_unobs_or_zero_occ_residues.polymer_flag 
_pdbx_unobs_or_zero_occ_residues.occupancy_flag 
_pdbx_unobs_or_zero_occ_residues.auth_asym_id 
_pdbx_unobs_or_zero_occ_residues.auth_comp_id 
_pdbx_unobs_or_zero_occ_residues.auth_seq_id 
_pdbx_unobs_or_zero_occ_residues.PDB_ins_code 
_pdbx_unobs_or_zero_occ_residues.label_asym_id 
_pdbx_unobs_or_zero_occ_residues.label_comp_id 
_pdbx_unobs_or_zero_occ_residues.label_seq_id 
1  1 Y 1 A ARG 53  ? A ARG 1   
2  1 Y 1 A ILE 147 ? A ILE 95  
3  1 Y 1 A PRO 148 ? A PRO 96  
4  1 Y 1 A TYR 149 ? A TYR 97  
5  1 Y 1 A ASN 150 ? A ASN 98  
6  1 Y 1 A PRO 151 ? A PRO 99  
7  1 Y 1 A THR 152 ? A THR 100 
8  1 Y 1 A SER 153 ? A SER 101 
9  1 Y 1 A SER 154 ? A SER 102 
10 1 Y 1 A SER 210 ? A SER 158 
11 1 Y 1 A PRO 211 ? A PRO 159 
12 1 Y 1 A PRO 212 ? A PRO 160 
13 1 Y 1 A LEU 213 ? A LEU 161 
14 1 Y 1 A PRO 214 ? A PRO 162 
15 1 Y 1 A PRO 215 ? A PRO 163 
16 1 Y 1 A ILE 216 ? A ILE 164 
17 1 Y 1 A PRO 217 ? A PRO 165 
18 1 Y 1 A GLU 218 ? A GLU 166 
19 1 Y 1 A ALA 219 ? A ALA 167 
20 1 Y 1 A SER 220 ? A SER 168 
21 1 Y 1 A THR 221 ? A THR 169 
# 
loop_
_chem_comp_atom.comp_id 
_chem_comp_atom.atom_id 
_chem_comp_atom.type_symbol 
_chem_comp_atom.pdbx_aromatic_flag 
_chem_comp_atom.pdbx_stereo_config 
_chem_comp_atom.pdbx_ordinal 
ALA N    N  N N 1   
ALA CA   C  N S 2   
ALA C    C  N N 3   
ALA O    O  N N 4   
ALA CB   C  N N 5   
ALA OXT  O  N N 6   
ALA H    H  N N 7   
ALA H2   H  N N 8   
ALA HA   H  N N 9   
ALA HB1  H  N N 10  
ALA HB2  H  N N 11  
ALA HB3  H  N N 12  
ALA HXT  H  N N 13  
ARG N    N  N N 14  
ARG CA   C  N S 15  
ARG C    C  N N 16  
ARG O    O  N N 17  
ARG CB   C  N N 18  
ARG CG   C  N N 19  
ARG CD   C  N N 20  
ARG NE   N  N N 21  
ARG CZ   C  N N 22  
ARG NH1  N  N N 23  
ARG NH2  N  N N 24  
ARG OXT  O  N N 25  
ARG H    H  N N 26  
ARG H2   H  N N 27  
ARG HA   H  N N 28  
ARG HB2  H  N N 29  
ARG HB3  H  N N 30  
ARG HG2  H  N N 31  
ARG HG3  H  N N 32  
ARG HD2  H  N N 33  
ARG HD3  H  N N 34  
ARG HE   H  N N 35  
ARG HH11 H  N N 36  
ARG HH12 H  N N 37  
ARG HH21 H  N N 38  
ARG HH22 H  N N 39  
ARG HXT  H  N N 40  
ASN N    N  N N 41  
ASN CA   C  N S 42  
ASN C    C  N N 43  
ASN O    O  N N 44  
ASN CB   C  N N 45  
ASN CG   C  N N 46  
ASN OD1  O  N N 47  
ASN ND2  N  N N 48  
ASN OXT  O  N N 49  
ASN H    H  N N 50  
ASN H2   H  N N 51  
ASN HA   H  N N 52  
ASN HB2  H  N N 53  
ASN HB3  H  N N 54  
ASN HD21 H  N N 55  
ASN HD22 H  N N 56  
ASN HXT  H  N N 57  
ASP N    N  N N 58  
ASP CA   C  N S 59  
ASP C    C  N N 60  
ASP O    O  N N 61  
ASP CB   C  N N 62  
ASP CG   C  N N 63  
ASP OD1  O  N N 64  
ASP OD2  O  N N 65  
ASP OXT  O  N N 66  
ASP H    H  N N 67  
ASP H2   H  N N 68  
ASP HA   H  N N 69  
ASP HB2  H  N N 70  
ASP HB3  H  N N 71  
ASP HD2  H  N N 72  
ASP HXT  H  N N 73  
CYS N    N  N N 74  
CYS CA   C  N R 75  
CYS C    C  N N 76  
CYS O    O  N N 77  
CYS CB   C  N N 78  
CYS SG   S  N N 79  
CYS OXT  O  N N 80  
CYS H    H  N N 81  
CYS H2   H  N N 82  
CYS HA   H  N N 83  
CYS HB2  H  N N 84  
CYS HB3  H  N N 85  
CYS HG   H  N N 86  
CYS HXT  H  N N 87  
GLN N    N  N N 88  
GLN CA   C  N S 89  
GLN C    C  N N 90  
GLN O    O  N N 91  
GLN CB   C  N N 92  
GLN CG   C  N N 93  
GLN CD   C  N N 94  
GLN OE1  O  N N 95  
GLN NE2  N  N N 96  
GLN OXT  O  N N 97  
GLN H    H  N N 98  
GLN H2   H  N N 99  
GLN HA   H  N N 100 
GLN HB2  H  N N 101 
GLN HB3  H  N N 102 
GLN HG2  H  N N 103 
GLN HG3  H  N N 104 
GLN HE21 H  N N 105 
GLN HE22 H  N N 106 
GLN HXT  H  N N 107 
GLU N    N  N N 108 
GLU CA   C  N S 109 
GLU C    C  N N 110 
GLU O    O  N N 111 
GLU CB   C  N N 112 
GLU CG   C  N N 113 
GLU CD   C  N N 114 
GLU OE1  O  N N 115 
GLU OE2  O  N N 116 
GLU OXT  O  N N 117 
GLU H    H  N N 118 
GLU H2   H  N N 119 
GLU HA   H  N N 120 
GLU HB2  H  N N 121 
GLU HB3  H  N N 122 
GLU HG2  H  N N 123 
GLU HG3  H  N N 124 
GLU HE2  H  N N 125 
GLU HXT  H  N N 126 
GLY N    N  N N 127 
GLY CA   C  N N 128 
GLY C    C  N N 129 
GLY O    O  N N 130 
GLY OXT  O  N N 131 
GLY H    H  N N 132 
GLY H2   H  N N 133 
GLY HA2  H  N N 134 
GLY HA3  H  N N 135 
GLY HXT  H  N N 136 
HIS N    N  N N 137 
HIS CA   C  N S 138 
HIS C    C  N N 139 
HIS O    O  N N 140 
HIS CB   C  N N 141 
HIS CG   C  Y N 142 
HIS ND1  N  Y N 143 
HIS CD2  C  Y N 144 
HIS CE1  C  Y N 145 
HIS NE2  N  Y N 146 
HIS OXT  O  N N 147 
HIS H    H  N N 148 
HIS H2   H  N N 149 
HIS HA   H  N N 150 
HIS HB2  H  N N 151 
HIS HB3  H  N N 152 
HIS HD1  H  N N 153 
HIS HD2  H  N N 154 
HIS HE1  H  N N 155 
HIS HE2  H  N N 156 
HIS HXT  H  N N 157 
HOH O    O  N N 158 
HOH H1   H  N N 159 
HOH H2   H  N N 160 
ILE N    N  N N 161 
ILE CA   C  N S 162 
ILE C    C  N N 163 
ILE O    O  N N 164 
ILE CB   C  N S 165 
ILE CG1  C  N N 166 
ILE CG2  C  N N 167 
ILE CD1  C  N N 168 
ILE OXT  O  N N 169 
ILE H    H  N N 170 
ILE H2   H  N N 171 
ILE HA   H  N N 172 
ILE HB   H  N N 173 
ILE HG12 H  N N 174 
ILE HG13 H  N N 175 
ILE HG21 H  N N 176 
ILE HG22 H  N N 177 
ILE HG23 H  N N 178 
ILE HD11 H  N N 179 
ILE HD12 H  N N 180 
ILE HD13 H  N N 181 
ILE HXT  H  N N 182 
LEU N    N  N N 183 
LEU CA   C  N S 184 
LEU C    C  N N 185 
LEU O    O  N N 186 
LEU CB   C  N N 187 
LEU CG   C  N N 188 
LEU CD1  C  N N 189 
LEU CD2  C  N N 190 
LEU OXT  O  N N 191 
LEU H    H  N N 192 
LEU H2   H  N N 193 
LEU HA   H  N N 194 
LEU HB2  H  N N 195 
LEU HB3  H  N N 196 
LEU HG   H  N N 197 
LEU HD11 H  N N 198 
LEU HD12 H  N N 199 
LEU HD13 H  N N 200 
LEU HD21 H  N N 201 
LEU HD22 H  N N 202 
LEU HD23 H  N N 203 
LEU HXT  H  N N 204 
LYS N    N  N N 205 
LYS CA   C  N S 206 
LYS C    C  N N 207 
LYS O    O  N N 208 
LYS CB   C  N N 209 
LYS CG   C  N N 210 
LYS CD   C  N N 211 
LYS CE   C  N N 212 
LYS NZ   N  N N 213 
LYS OXT  O  N N 214 
LYS H    H  N N 215 
LYS H2   H  N N 216 
LYS HA   H  N N 217 
LYS HB2  H  N N 218 
LYS HB3  H  N N 219 
LYS HG2  H  N N 220 
LYS HG3  H  N N 221 
LYS HD2  H  N N 222 
LYS HD3  H  N N 223 
LYS HE2  H  N N 224 
LYS HE3  H  N N 225 
LYS HZ1  H  N N 226 
LYS HZ2  H  N N 227 
LYS HZ3  H  N N 228 
LYS HXT  H  N N 229 
MET N    N  N N 230 
MET CA   C  N S 231 
MET C    C  N N 232 
MET O    O  N N 233 
MET CB   C  N N 234 
MET CG   C  N N 235 
MET SD   S  N N 236 
MET CE   C  N N 237 
MET OXT  O  N N 238 
MET H    H  N N 239 
MET H2   H  N N 240 
MET HA   H  N N 241 
MET HB2  H  N N 242 
MET HB3  H  N N 243 
MET HG2  H  N N 244 
MET HG3  H  N N 245 
MET HE1  H  N N 246 
MET HE2  H  N N 247 
MET HE3  H  N N 248 
MET HXT  H  N N 249 
MG  MG   MG N N 250 
PHE N    N  N N 251 
PHE CA   C  N S 252 
PHE C    C  N N 253 
PHE O    O  N N 254 
PHE CB   C  N N 255 
PHE CG   C  Y N 256 
PHE CD1  C  Y N 257 
PHE CD2  C  Y N 258 
PHE CE1  C  Y N 259 
PHE CE2  C  Y N 260 
PHE CZ   C  Y N 261 
PHE OXT  O  N N 262 
PHE H    H  N N 263 
PHE H2   H  N N 264 
PHE HA   H  N N 265 
PHE HB2  H  N N 266 
PHE HB3  H  N N 267 
PHE HD1  H  N N 268 
PHE HD2  H  N N 269 
PHE HE1  H  N N 270 
PHE HE2  H  N N 271 
PHE HZ   H  N N 272 
PHE HXT  H  N N 273 
PRO N    N  N N 274 
PRO CA   C  N S 275 
PRO C    C  N N 276 
PRO O    O  N N 277 
PRO CB   C  N N 278 
PRO CG   C  N N 279 
PRO CD   C  N N 280 
PRO OXT  O  N N 281 
PRO H    H  N N 282 
PRO HA   H  N N 283 
PRO HB2  H  N N 284 
PRO HB3  H  N N 285 
PRO HG2  H  N N 286 
PRO HG3  H  N N 287 
PRO HD2  H  N N 288 
PRO HD3  H  N N 289 
PRO HXT  H  N N 290 
SER N    N  N N 291 
SER CA   C  N S 292 
SER C    C  N N 293 
SER O    O  N N 294 
SER CB   C  N N 295 
SER OG   O  N N 296 
SER OXT  O  N N 297 
SER H    H  N N 298 
SER H2   H  N N 299 
SER HA   H  N N 300 
SER HB2  H  N N 301 
SER HB3  H  N N 302 
SER HG   H  N N 303 
SER HXT  H  N N 304 
THR N    N  N N 305 
THR CA   C  N S 306 
THR C    C  N N 307 
THR O    O  N N 308 
THR CB   C  N R 309 
THR OG1  O  N N 310 
THR CG2  C  N N 311 
THR OXT  O  N N 312 
THR H    H  N N 313 
THR H2   H  N N 314 
THR HA   H  N N 315 
THR HB   H  N N 316 
THR HG1  H  N N 317 
THR HG21 H  N N 318 
THR HG22 H  N N 319 
THR HG23 H  N N 320 
THR HXT  H  N N 321 
TRP N    N  N N 322 
TRP CA   C  N S 323 
TRP C    C  N N 324 
TRP O    O  N N 325 
TRP CB   C  N N 326 
TRP CG   C  Y N 327 
TRP CD1  C  Y N 328 
TRP CD2  C  Y N 329 
TRP NE1  N  Y N 330 
TRP CE2  C  Y N 331 
TRP CE3  C  Y N 332 
TRP CZ2  C  Y N 333 
TRP CZ3  C  Y N 334 
TRP CH2  C  Y N 335 
TRP OXT  O  N N 336 
TRP H    H  N N 337 
TRP H2   H  N N 338 
TRP HA   H  N N 339 
TRP HB2  H  N N 340 
TRP HB3  H  N N 341 
TRP HD1  H  N N 342 
TRP HE1  H  N N 343 
TRP HE3  H  N N 344 
TRP HZ2  H  N N 345 
TRP HZ3  H  N N 346 
TRP HH2  H  N N 347 
TRP HXT  H  N N 348 
TYR N    N  N N 349 
TYR CA   C  N S 350 
TYR C    C  N N 351 
TYR O    O  N N 352 
TYR CB   C  N N 353 
TYR CG   C  Y N 354 
TYR CD1  C  Y N 355 
TYR CD2  C  Y N 356 
TYR CE1  C  Y N 357 
TYR CE2  C  Y N 358 
TYR CZ   C  Y N 359 
TYR OH   O  N N 360 
TYR OXT  O  N N 361 
TYR H    H  N N 362 
TYR H2   H  N N 363 
TYR HA   H  N N 364 
TYR HB2  H  N N 365 
TYR HB3  H  N N 366 
TYR HD1  H  N N 367 
TYR HD2  H  N N 368 
TYR HE1  H  N N 369 
TYR HE2  H  N N 370 
TYR HH   H  N N 371 
TYR HXT  H  N N 372 
VAL N    N  N N 373 
VAL CA   C  N S 374 
VAL C    C  N N 375 
VAL O    O  N N 376 
VAL CB   C  N N 377 
VAL CG1  C  N N 378 
VAL CG2  C  N N 379 
VAL OXT  O  N N 380 
VAL H    H  N N 381 
VAL H2   H  N N 382 
VAL HA   H  N N 383 
VAL HB   H  N N 384 
VAL HG11 H  N N 385 
VAL HG12 H  N N 386 
VAL HG13 H  N N 387 
VAL HG21 H  N N 388 
VAL HG22 H  N N 389 
VAL HG23 H  N N 390 
VAL HXT  H  N N 391 
# 
loop_
_chem_comp_bond.comp_id 
_chem_comp_bond.atom_id_1 
_chem_comp_bond.atom_id_2 
_chem_comp_bond.value_order 
_chem_comp_bond.pdbx_aromatic_flag 
_chem_comp_bond.pdbx_stereo_config 
_chem_comp_bond.pdbx_ordinal 
ALA N   CA   sing N N 1   
ALA N   H    sing N N 2   
ALA N   H2   sing N N 3   
ALA CA  C    sing N N 4   
ALA CA  CB   sing N N 5   
ALA CA  HA   sing N N 6   
ALA C   O    doub N N 7   
ALA C   OXT  sing N N 8   
ALA CB  HB1  sing N N 9   
ALA CB  HB2  sing N N 10  
ALA CB  HB3  sing N N 11  
ALA OXT HXT  sing N N 12  
ARG N   CA   sing N N 13  
ARG N   H    sing N N 14  
ARG N   H2   sing N N 15  
ARG CA  C    sing N N 16  
ARG CA  CB   sing N N 17  
ARG CA  HA   sing N N 18  
ARG C   O    doub N N 19  
ARG C   OXT  sing N N 20  
ARG CB  CG   sing N N 21  
ARG CB  HB2  sing N N 22  
ARG CB  HB3  sing N N 23  
ARG CG  CD   sing N N 24  
ARG CG  HG2  sing N N 25  
ARG CG  HG3  sing N N 26  
ARG CD  NE   sing N N 27  
ARG CD  HD2  sing N N 28  
ARG CD  HD3  sing N N 29  
ARG NE  CZ   sing N N 30  
ARG NE  HE   sing N N 31  
ARG CZ  NH1  sing N N 32  
ARG CZ  NH2  doub N N 33  
ARG NH1 HH11 sing N N 34  
ARG NH1 HH12 sing N N 35  
ARG NH2 HH21 sing N N 36  
ARG NH2 HH22 sing N N 37  
ARG OXT HXT  sing N N 38  
ASN N   CA   sing N N 39  
ASN N   H    sing N N 40  
ASN N   H2   sing N N 41  
ASN CA  C    sing N N 42  
ASN CA  CB   sing N N 43  
ASN CA  HA   sing N N 44  
ASN C   O    doub N N 45  
ASN C   OXT  sing N N 46  
ASN CB  CG   sing N N 47  
ASN CB  HB2  sing N N 48  
ASN CB  HB3  sing N N 49  
ASN CG  OD1  doub N N 50  
ASN CG  ND2  sing N N 51  
ASN ND2 HD21 sing N N 52  
ASN ND2 HD22 sing N N 53  
ASN OXT HXT  sing N N 54  
ASP N   CA   sing N N 55  
ASP N   H    sing N N 56  
ASP N   H2   sing N N 57  
ASP CA  C    sing N N 58  
ASP CA  CB   sing N N 59  
ASP CA  HA   sing N N 60  
ASP C   O    doub N N 61  
ASP C   OXT  sing N N 62  
ASP CB  CG   sing N N 63  
ASP CB  HB2  sing N N 64  
ASP CB  HB3  sing N N 65  
ASP CG  OD1  doub N N 66  
ASP CG  OD2  sing N N 67  
ASP OD2 HD2  sing N N 68  
ASP OXT HXT  sing N N 69  
CYS N   CA   sing N N 70  
CYS N   H    sing N N 71  
CYS N   H2   sing N N 72  
CYS CA  C    sing N N 73  
CYS CA  CB   sing N N 74  
CYS CA  HA   sing N N 75  
CYS C   O    doub N N 76  
CYS C   OXT  sing N N 77  
CYS CB  SG   sing N N 78  
CYS CB  HB2  sing N N 79  
CYS CB  HB3  sing N N 80  
CYS SG  HG   sing N N 81  
CYS OXT HXT  sing N N 82  
GLN N   CA   sing N N 83  
GLN N   H    sing N N 84  
GLN N   H2   sing N N 85  
GLN CA  C    sing N N 86  
GLN CA  CB   sing N N 87  
GLN CA  HA   sing N N 88  
GLN C   O    doub N N 89  
GLN C   OXT  sing N N 90  
GLN CB  CG   sing N N 91  
GLN CB  HB2  sing N N 92  
GLN CB  HB3  sing N N 93  
GLN CG  CD   sing N N 94  
GLN CG  HG2  sing N N 95  
GLN CG  HG3  sing N N 96  
GLN CD  OE1  doub N N 97  
GLN CD  NE2  sing N N 98  
GLN NE2 HE21 sing N N 99  
GLN NE2 HE22 sing N N 100 
GLN OXT HXT  sing N N 101 
GLU N   CA   sing N N 102 
GLU N   H    sing N N 103 
GLU N   H2   sing N N 104 
GLU CA  C    sing N N 105 
GLU CA  CB   sing N N 106 
GLU CA  HA   sing N N 107 
GLU C   O    doub N N 108 
GLU C   OXT  sing N N 109 
GLU CB  CG   sing N N 110 
GLU CB  HB2  sing N N 111 
GLU CB  HB3  sing N N 112 
GLU CG  CD   sing N N 113 
GLU CG  HG2  sing N N 114 
GLU CG  HG3  sing N N 115 
GLU CD  OE1  doub N N 116 
GLU CD  OE2  sing N N 117 
GLU OE2 HE2  sing N N 118 
GLU OXT HXT  sing N N 119 
GLY N   CA   sing N N 120 
GLY N   H    sing N N 121 
GLY N   H2   sing N N 122 
GLY CA  C    sing N N 123 
GLY CA  HA2  sing N N 124 
GLY CA  HA3  sing N N 125 
GLY C   O    doub N N 126 
GLY C   OXT  sing N N 127 
GLY OXT HXT  sing N N 128 
HIS N   CA   sing N N 129 
HIS N   H    sing N N 130 
HIS N   H2   sing N N 131 
HIS CA  C    sing N N 132 
HIS CA  CB   sing N N 133 
HIS CA  HA   sing N N 134 
HIS C   O    doub N N 135 
HIS C   OXT  sing N N 136 
HIS CB  CG   sing N N 137 
HIS CB  HB2  sing N N 138 
HIS CB  HB3  sing N N 139 
HIS CG  ND1  sing Y N 140 
HIS CG  CD2  doub Y N 141 
HIS ND1 CE1  doub Y N 142 
HIS ND1 HD1  sing N N 143 
HIS CD2 NE2  sing Y N 144 
HIS CD2 HD2  sing N N 145 
HIS CE1 NE2  sing Y N 146 
HIS CE1 HE1  sing N N 147 
HIS NE2 HE2  sing N N 148 
HIS OXT HXT  sing N N 149 
HOH O   H1   sing N N 150 
HOH O   H2   sing N N 151 
ILE N   CA   sing N N 152 
ILE N   H    sing N N 153 
ILE N   H2   sing N N 154 
ILE CA  C    sing N N 155 
ILE CA  CB   sing N N 156 
ILE CA  HA   sing N N 157 
ILE C   O    doub N N 158 
ILE C   OXT  sing N N 159 
ILE CB  CG1  sing N N 160 
ILE CB  CG2  sing N N 161 
ILE CB  HB   sing N N 162 
ILE CG1 CD1  sing N N 163 
ILE CG1 HG12 sing N N 164 
ILE CG1 HG13 sing N N 165 
ILE CG2 HG21 sing N N 166 
ILE CG2 HG22 sing N N 167 
ILE CG2 HG23 sing N N 168 
ILE CD1 HD11 sing N N 169 
ILE CD1 HD12 sing N N 170 
ILE CD1 HD13 sing N N 171 
ILE OXT HXT  sing N N 172 
LEU N   CA   sing N N 173 
LEU N   H    sing N N 174 
LEU N   H2   sing N N 175 
LEU CA  C    sing N N 176 
LEU CA  CB   sing N N 177 
LEU CA  HA   sing N N 178 
LEU C   O    doub N N 179 
LEU C   OXT  sing N N 180 
LEU CB  CG   sing N N 181 
LEU CB  HB2  sing N N 182 
LEU CB  HB3  sing N N 183 
LEU CG  CD1  sing N N 184 
LEU CG  CD2  sing N N 185 
LEU CG  HG   sing N N 186 
LEU CD1 HD11 sing N N 187 
LEU CD1 HD12 sing N N 188 
LEU CD1 HD13 sing N N 189 
LEU CD2 HD21 sing N N 190 
LEU CD2 HD22 sing N N 191 
LEU CD2 HD23 sing N N 192 
LEU OXT HXT  sing N N 193 
LYS N   CA   sing N N 194 
LYS N   H    sing N N 195 
LYS N   H2   sing N N 196 
LYS CA  C    sing N N 197 
LYS CA  CB   sing N N 198 
LYS CA  HA   sing N N 199 
LYS C   O    doub N N 200 
LYS C   OXT  sing N N 201 
LYS CB  CG   sing N N 202 
LYS CB  HB2  sing N N 203 
LYS CB  HB3  sing N N 204 
LYS CG  CD   sing N N 205 
LYS CG  HG2  sing N N 206 
LYS CG  HG3  sing N N 207 
LYS CD  CE   sing N N 208 
LYS CD  HD2  sing N N 209 
LYS CD  HD3  sing N N 210 
LYS CE  NZ   sing N N 211 
LYS CE  HE2  sing N N 212 
LYS CE  HE3  sing N N 213 
LYS NZ  HZ1  sing N N 214 
LYS NZ  HZ2  sing N N 215 
LYS NZ  HZ3  sing N N 216 
LYS OXT HXT  sing N N 217 
MET N   CA   sing N N 218 
MET N   H    sing N N 219 
MET N   H2   sing N N 220 
MET CA  C    sing N N 221 
MET CA  CB   sing N N 222 
MET CA  HA   sing N N 223 
MET C   O    doub N N 224 
MET C   OXT  sing N N 225 
MET CB  CG   sing N N 226 
MET CB  HB2  sing N N 227 
MET CB  HB3  sing N N 228 
MET CG  SD   sing N N 229 
MET CG  HG2  sing N N 230 
MET CG  HG3  sing N N 231 
MET SD  CE   sing N N 232 
MET CE  HE1  sing N N 233 
MET CE  HE2  sing N N 234 
MET CE  HE3  sing N N 235 
MET OXT HXT  sing N N 236 
PHE N   CA   sing N N 237 
PHE N   H    sing N N 238 
PHE N   H2   sing N N 239 
PHE CA  C    sing N N 240 
PHE CA  CB   sing N N 241 
PHE CA  HA   sing N N 242 
PHE C   O    doub N N 243 
PHE C   OXT  sing N N 244 
PHE CB  CG   sing N N 245 
PHE CB  HB2  sing N N 246 
PHE CB  HB3  sing N N 247 
PHE CG  CD1  doub Y N 248 
PHE CG  CD2  sing Y N 249 
PHE CD1 CE1  sing Y N 250 
PHE CD1 HD1  sing N N 251 
PHE CD2 CE2  doub Y N 252 
PHE CD2 HD2  sing N N 253 
PHE CE1 CZ   doub Y N 254 
PHE CE1 HE1  sing N N 255 
PHE CE2 CZ   sing Y N 256 
PHE CE2 HE2  sing N N 257 
PHE CZ  HZ   sing N N 258 
PHE OXT HXT  sing N N 259 
PRO N   CA   sing N N 260 
PRO N   CD   sing N N 261 
PRO N   H    sing N N 262 
PRO CA  C    sing N N 263 
PRO CA  CB   sing N N 264 
PRO CA  HA   sing N N 265 
PRO C   O    doub N N 266 
PRO C   OXT  sing N N 267 
PRO CB  CG   sing N N 268 
PRO CB  HB2  sing N N 269 
PRO CB  HB3  sing N N 270 
PRO CG  CD   sing N N 271 
PRO CG  HG2  sing N N 272 
PRO CG  HG3  sing N N 273 
PRO CD  HD2  sing N N 274 
PRO CD  HD3  sing N N 275 
PRO OXT HXT  sing N N 276 
SER N   CA   sing N N 277 
SER N   H    sing N N 278 
SER N   H2   sing N N 279 
SER CA  C    sing N N 280 
SER CA  CB   sing N N 281 
SER CA  HA   sing N N 282 
SER C   O    doub N N 283 
SER C   OXT  sing N N 284 
SER CB  OG   sing N N 285 
SER CB  HB2  sing N N 286 
SER CB  HB3  sing N N 287 
SER OG  HG   sing N N 288 
SER OXT HXT  sing N N 289 
THR N   CA   sing N N 290 
THR N   H    sing N N 291 
THR N   H2   sing N N 292 
THR CA  C    sing N N 293 
THR CA  CB   sing N N 294 
THR CA  HA   sing N N 295 
THR C   O    doub N N 296 
THR C   OXT  sing N N 297 
THR CB  OG1  sing N N 298 
THR CB  CG2  sing N N 299 
THR CB  HB   sing N N 300 
THR OG1 HG1  sing N N 301 
THR CG2 HG21 sing N N 302 
THR CG2 HG22 sing N N 303 
THR CG2 HG23 sing N N 304 
THR OXT HXT  sing N N 305 
TRP N   CA   sing N N 306 
TRP N   H    sing N N 307 
TRP N   H2   sing N N 308 
TRP CA  C    sing N N 309 
TRP CA  CB   sing N N 310 
TRP CA  HA   sing N N 311 
TRP C   O    doub N N 312 
TRP C   OXT  sing N N 313 
TRP CB  CG   sing N N 314 
TRP CB  HB2  sing N N 315 
TRP CB  HB3  sing N N 316 
TRP CG  CD1  doub Y N 317 
TRP CG  CD2  sing Y N 318 
TRP CD1 NE1  sing Y N 319 
TRP CD1 HD1  sing N N 320 
TRP CD2 CE2  doub Y N 321 
TRP CD2 CE3  sing Y N 322 
TRP NE1 CE2  sing Y N 323 
TRP NE1 HE1  sing N N 324 
TRP CE2 CZ2  sing Y N 325 
TRP CE3 CZ3  doub Y N 326 
TRP CE3 HE3  sing N N 327 
TRP CZ2 CH2  doub Y N 328 
TRP CZ2 HZ2  sing N N 329 
TRP CZ3 CH2  sing Y N 330 
TRP CZ3 HZ3  sing N N 331 
TRP CH2 HH2  sing N N 332 
TRP OXT HXT  sing N N 333 
TYR N   CA   sing N N 334 
TYR N   H    sing N N 335 
TYR N   H2   sing N N 336 
TYR CA  C    sing N N 337 
TYR CA  CB   sing N N 338 
TYR CA  HA   sing N N 339 
TYR C   O    doub N N 340 
TYR C   OXT  sing N N 341 
TYR CB  CG   sing N N 342 
TYR CB  HB2  sing N N 343 
TYR CB  HB3  sing N N 344 
TYR CG  CD1  doub Y N 345 
TYR CG  CD2  sing Y N 346 
TYR CD1 CE1  sing Y N 347 
TYR CD1 HD1  sing N N 348 
TYR CD2 CE2  doub Y N 349 
TYR CD2 HD2  sing N N 350 
TYR CE1 CZ   doub Y N 351 
TYR CE1 HE1  sing N N 352 
TYR CE2 CZ   sing Y N 353 
TYR CE2 HE2  sing N N 354 
TYR CZ  OH   sing N N 355 
TYR OH  HH   sing N N 356 
TYR OXT HXT  sing N N 357 
VAL N   CA   sing N N 358 
VAL N   H    sing N N 359 
VAL N   H2   sing N N 360 
VAL CA  C    sing N N 361 
VAL CA  CB   sing N N 362 
VAL CA  HA   sing N N 363 
VAL C   O    doub N N 364 
VAL C   OXT  sing N N 365 
VAL CB  CG1  sing N N 366 
VAL CB  CG2  sing N N 367 
VAL CB  HB   sing N N 368 
VAL CG1 HG11 sing N N 369 
VAL CG1 HG12 sing N N 370 
VAL CG1 HG13 sing N N 371 
VAL CG2 HG21 sing N N 372 
VAL CG2 HG22 sing N N 373 
VAL CG2 HG23 sing N N 374 
VAL OXT HXT  sing N N 375 
# 
_pdbx_audit_support.funding_organization   'Wellcome Trust' 
_pdbx_audit_support.country                'United Kingdom' 
_pdbx_audit_support.grant_number           107005 
_pdbx_audit_support.ordinal                1 
# 
_pdbx_initial_refinement_model.id               1 
_pdbx_initial_refinement_model.entity_id_list   ? 
_pdbx_initial_refinement_model.type             'experimental model' 
_pdbx_initial_refinement_model.source_name      PDB 
_pdbx_initial_refinement_model.accession_code   5CZ1 
_pdbx_initial_refinement_model.details          ? 
# 
_atom_sites.entry_id                    6QBT 
_atom_sites.fract_transf_matrix[1][1]   0.00127280 
_atom_sites.fract_transf_matrix[1][2]   -0.00111605 
_atom_sites.fract_transf_matrix[1][3]   -0.00845929 
_atom_sites.fract_transf_matrix[2][1]   0.00852596 
_atom_sites.fract_transf_matrix[2][2]   -0.00017082 
_atom_sites.fract_transf_matrix[2][3]   0.00130537 
_atom_sites.fract_transf_matrix[3][1]   -0.00033637 
_atom_sites.fract_transf_matrix[3][2]   -0.00855280 
_atom_sites.fract_transf_matrix[3][3]   0.00107777 
_atom_sites.fract_transf_vector[1]      0.636180 
_atom_sites.fract_transf_vector[2]      0.272626 
_atom_sites.fract_transf_vector[3]      0.663888 
# 
loop_
_atom_type.symbol 
C  
MG 
N  
O  
S  
# 
loop_
_atom_site.group_PDB 
_atom_site.id 
_atom_site.type_symbol 
_atom_site.label_atom_id 
_atom_site.label_alt_id 
_atom_site.label_comp_id 
_atom_site.label_asym_id 
_atom_site.label_entity_id 
_atom_site.label_seq_id 
_atom_site.pdbx_PDB_ins_code 
_atom_site.Cartn_x 
_atom_site.Cartn_y 
_atom_site.Cartn_z 
_atom_site.occupancy 
_atom_site.B_iso_or_equiv 
_atom_site.pdbx_formal_charge 
_atom_site.auth_seq_id 
_atom_site.auth_comp_id 
_atom_site.auth_asym_id 
_atom_site.auth_atom_id 
_atom_site.pdbx_PDB_model_num 
ATOM   1    N  N   . ARG A 1 2   ? -6.571  13.364  -6.198  1.00 47.05 ?  54  ARG A N   1 
ATOM   2    C  CA  . ARG A 1 2   ? -5.701  14.364  -6.902  1.00 47.24 ?  54  ARG A CA  1 
ATOM   3    C  C   . ARG A 1 2   ? -5.198  13.857  -8.266  1.00 45.41 ?  54  ARG A C   1 
ATOM   4    O  O   . ARG A 1 2   ? -5.113  14.636  -9.216  1.00 45.77 ?  54  ARG A O   1 
ATOM   5    C  CB  . ARG A 1 2   ? -4.510  14.784  -6.056  1.00 46.74 ?  54  ARG A CB  1 
ATOM   6    C  CG  . ARG A 1 2   ? -4.061  16.176  -6.390  1.00 50.89 ?  54  ARG A CG  1 
ATOM   7    C  CD  . ARG A 1 2   ? -2.568  16.347  -6.193  1.00 56.80 ?  54  ARG A CD  1 
ATOM   8    N  NE  . ARG A 1 2   ? -2.278  17.557  -5.435  1.00 56.71 ?  54  ARG A NE  1 
ATOM   9    C  CZ  . ARG A 1 2   ? -2.498  17.710  -4.129  1.00 56.57 ?  54  ARG A CZ  1 
ATOM   10   N  NH1 . ARG A 1 2   ? -3.024  16.737  -3.392  1.00 55.98 1  54  ARG A NH1 1 
ATOM   11   N  NH2 . ARG A 1 2   ? -2.195  18.859  -3.548  1.00 61.08 ?  54  ARG A NH2 1 
ATOM   12   N  N   . GLY A 1 3   ? -4.856  12.572  -8.365  1.00 43.69 ?  55  GLY A N   1 
ATOM   13   C  CA  . GLY A 1 3   ? -4.576  11.955  -9.665  1.00 42.87 ?  55  GLY A CA  1 
ATOM   14   C  C   . GLY A 1 3   ? -5.782  12.065  -10.594 1.00 42.62 ?  55  GLY A C   1 
ATOM   15   O  O   . GLY A 1 3   ? -6.927  11.998  -10.172 1.00 43.95 ?  55  GLY A O   1 
ATOM   16   N  N   . LEU A 1 4   ? -5.522  12.241  -11.872 1.00 43.33 ?  56  LEU A N   1 
ATOM   17   C  CA  . LEU A 1 4   ? -6.577  12.439  -12.866 1.00 44.70 ?  56  LEU A CA  1 
ATOM   18   C  C   . LEU A 1 4   ? -6.968  11.127  -13.551 1.00 42.65 ?  56  LEU A C   1 
ATOM   19   O  O   . LEU A 1 4   ? -8.015  11.033  -14.149 1.00 41.79 ?  56  LEU A O   1 
ATOM   20   C  CB  . LEU A 1 4   ? -6.140  13.503  -13.879 1.00 43.90 ?  56  LEU A CB  1 
ATOM   21   C  CG  . LEU A 1 4   ? -6.003  14.875  -13.204 1.00 47.29 ?  56  LEU A CG  1 
ATOM   22   C  CD1 . LEU A 1 4   ? -5.172  15.848  -14.019 1.00 48.19 ?  56  LEU A CD1 1 
ATOM   23   C  CD2 . LEU A 1 4   ? -7.377  15.471  -12.914 1.00 48.05 ?  56  LEU A CD2 1 
ATOM   24   N  N   . LEU A 1 5   ? -6.125  10.114  -13.471 1.00 41.43 ?  57  LEU A N   1 
ATOM   25   C  CA  . LEU A 1 5   ? -6.510  8.798   -13.922 1.00 40.57 ?  57  LEU A CA  1 
ATOM   26   C  C   . LEU A 1 5   ? -5.655  7.828   -13.130 1.00 38.20 ?  57  LEU A C   1 
ATOM   27   O  O   . LEU A 1 5   ? -4.799  8.260   -12.344 1.00 36.02 ?  57  LEU A O   1 
ATOM   28   C  CB  . LEU A 1 5   ? -6.340  8.685   -15.441 1.00 44.83 ?  57  LEU A CB  1 
ATOM   29   C  CG  . LEU A 1 5   ? -4.960  8.482   -16.072 1.00 51.12 ?  57  LEU A CG  1 
ATOM   30   C  CD1 . LEU A 1 5   ? -5.170  8.152   -17.543 1.00 53.18 ?  57  LEU A CD1 1 
ATOM   31   C  CD2 . LEU A 1 5   ? -4.037  9.690   -15.931 1.00 53.17 ?  57  LEU A CD2 1 
ATOM   32   N  N   . PRO A 1 6   ? -5.904  6.519   -13.289 1.00 34.71 ?  58  PRO A N   1 
ATOM   33   C  CA  . PRO A 1 6   ? -5.101  5.585   -12.528 1.00 32.04 ?  58  PRO A CA  1 
ATOM   34   C  C   . PRO A 1 6   ? -3.609  5.709   -12.853 1.00 34.42 ?  58  PRO A C   1 
ATOM   35   O  O   . PRO A 1 6   ? -3.247  6.031   -13.987 1.00 36.50 ?  58  PRO A O   1 
ATOM   36   C  CB  . PRO A 1 6   ? -5.644  4.228   -12.952 1.00 32.12 ?  58  PRO A CB  1 
ATOM   37   C  CG  . PRO A 1 6   ? -7.010  4.468   -13.507 1.00 32.01 ?  58  PRO A CG  1 
ATOM   38   C  CD  . PRO A 1 6   ? -6.968  5.849   -14.074 1.00 33.34 ?  58  PRO A CD  1 
ATOM   39   N  N   . ASN A 1 7   ? -2.779  5.486   -11.835 1.00 33.50 ?  59  ASN A N   1 
ATOM   40   C  CA  . ASN A 1 7   ? -1.320  5.558   -11.893 1.00 31.71 ?  59  ASN A CA  1 
ATOM   41   C  C   . ASN A 1 7   ? -0.721  6.914   -12.235 1.00 33.83 ?  59  ASN A C   1 
ATOM   42   O  O   . ASN A 1 7   ? 0.472   7.017   -12.575 1.00 34.92 ?  59  ASN A O   1 
ATOM   43   C  CB  . ASN A 1 7   ? -0.753  4.435   -12.762 1.00 33.53 ?  59  ASN A CB  1 
ATOM   44   C  CG  . ASN A 1 7   ? -0.979  3.067   -12.159 1.00 34.08 ?  59  ASN A CG  1 
ATOM   45   O  OD1 . ASN A 1 7   ? -1.166  2.947   -10.960 1.00 34.51 ?  59  ASN A OD1 1 
ATOM   46   N  ND2 . ASN A 1 7   ? -1.010  2.035   -12.995 1.00 31.69 ?  59  ASN A ND2 1 
ATOM   47   N  N   . HIS A 1 8   ? -1.511  7.973   -12.064 1.00 36.74 ?  60  HIS A N   1 
ATOM   48   C  CA  . HIS A 1 8   ? -0.998  9.337   -12.164 1.00 35.47 ?  60  HIS A CA  1 
ATOM   49   C  C   . HIS A 1 8   ? -0.273  9.676   -10.841 1.00 35.74 ?  60  HIS A C   1 
ATOM   50   O  O   . HIS A 1 8   ? 0.916   10.001  -10.858 1.00 36.22 ?  60  HIS A O   1 
ATOM   51   C  CB  . HIS A 1 8   ? -2.116  10.309  -12.554 1.00 35.93 ?  60  HIS A CB  1 
ATOM   52   C  CG  . HIS A 1 8   ? -1.680  11.740  -12.666 1.00 40.96 ?  60  HIS A CG  1 
ATOM   53   N  ND1 . HIS A 1 8   ? -2.575  12.770  -12.856 1.00 43.95 ?  60  HIS A ND1 1 
ATOM   54   C  CD2 . HIS A 1 8   ? -0.460  12.325  -12.576 1.00 42.57 ?  60  HIS A CD2 1 
ATOM   55   C  CE1 . HIS A 1 8   ? -1.931  13.923  -12.885 1.00 43.40 ?  60  HIS A CE1 1 
ATOM   56   N  NE2 . HIS A 1 8   ? -0.644  13.681  -12.714 1.00 43.62 ?  60  HIS A NE2 1 
ATOM   57   N  N   . ILE A 1 9   ? -0.962  9.563   -9.705  1.00 33.89 ?  61  ILE A N   1 
ATOM   58   C  CA  . ILE A 1 9   ? -0.395  9.959   -8.409  1.00 34.19 ?  61  ILE A CA  1 
ATOM   59   C  C   . ILE A 1 9   ? -0.767  8.933   -7.342  1.00 33.87 ?  61  ILE A C   1 
ATOM   60   O  O   . ILE A 1 9   ? -1.947  8.657   -7.138  1.00 33.41 ?  61  ILE A O   1 
ATOM   61   C  CB  . ILE A 1 9   ? -0.931  11.330  -7.918  1.00 34.73 ?  61  ILE A CB  1 
ATOM   62   C  CG1 . ILE A 1 9   ? -0.669  12.442  -8.938  1.00 33.67 ?  61  ILE A CG1 1 
ATOM   63   C  CG2 . ILE A 1 9   ? -0.348  11.668  -6.534  1.00 36.55 ?  61  ILE A CG2 1 
ATOM   64   C  CD1 . ILE A 1 9   ? -1.245  13.800  -8.560  1.00 33.75 ?  61  ILE A CD1 1 
ATOM   65   N  N   . TRP A 1 10  ? 0.247   8.380   -6.685  1.00 33.22 ?  62  TRP A N   1 
ATOM   66   C  CA  . TRP A 1 10  ? 0.079   7.522   -5.519  1.00 34.25 ?  62  TRP A CA  1 
ATOM   67   C  C   . TRP A 1 10  ? 0.490   8.204   -4.206  1.00 34.87 ?  62  TRP A C   1 
ATOM   68   O  O   . TRP A 1 10  ? 1.324   9.122   -4.209  1.00 34.76 ?  62  TRP A O   1 
ATOM   69   C  CB  . TRP A 1 10  ? 0.960   6.306   -5.653  1.00 35.24 ?  62  TRP A CB  1 
ATOM   70   C  CG  . TRP A 1 10  ? 0.549   5.315   -6.655  1.00 35.23 ?  62  TRP A CG  1 
ATOM   71   C  CD1 . TRP A 1 10  ? -0.442  5.418   -7.578  1.00 35.39 ?  62  TRP A CD1 1 
ATOM   72   C  CD2 . TRP A 1 10  ? 1.180   4.089   -6.876  1.00 34.23 ?  62  TRP A CD2 1 
ATOM   73   N  NE1 . TRP A 1 10  ? -0.479  4.312   -8.342  1.00 35.08 ?  62  TRP A NE1 1 
ATOM   74   C  CE2 . TRP A 1 10  ? 0.511   3.465   -7.931  1.00 35.84 ?  62  TRP A CE2 1 
ATOM   75   C  CE3 . TRP A 1 10  ? 2.245   3.427   -6.259  1.00 35.93 ?  62  TRP A CE3 1 
ATOM   76   C  CZ2 . TRP A 1 10  ? 0.867   2.187   -8.400  1.00 34.79 ?  62  TRP A CZ2 1 
ATOM   77   C  CZ3 . TRP A 1 10  ? 2.602   2.153   -6.718  1.00 36.16 ?  62  TRP A CZ3 1 
ATOM   78   C  CH2 . TRP A 1 10  ? 1.916   1.556   -7.792  1.00 34.87 ?  62  TRP A CH2 1 
ATOM   79   N  N   . GLN A 1 11  ? -0.094  7.725   -3.102  1.00 34.53 ?  63  GLN A N   1 
ATOM   80   C  CA  . GLN A 1 11  ? 0.325   8.095   -1.736  1.00 37.83 ?  63  GLN A CA  1 
ATOM   81   C  C   . GLN A 1 11  ? 0.897   6.860   -1.075  1.00 35.30 ?  63  GLN A C   1 
ATOM   82   O  O   . GLN A 1 11  ? 0.345   5.776   -1.242  1.00 32.67 ?  63  GLN A O   1 
ATOM   83   C  CB  . GLN A 1 11  ? -0.863  8.526   -0.894  1.00 41.87 ?  63  GLN A CB  1 
ATOM   84   C  CG  . GLN A 1 11  ? -1.692  9.642   -1.472  1.00 45.40 ?  63  GLN A CG  1 
ATOM   85   C  CD  . GLN A 1 11  ? -1.469  10.908  -0.736  1.00 50.90 ?  63  GLN A CD  1 
ATOM   86   O  OE1 . GLN A 1 11  ? -0.321  11.312  -0.490  1.00 54.23 ?  63  GLN A OE1 1 
ATOM   87   N  NE2 . GLN A 1 11  ? -2.562  11.533  -0.338  1.00 53.85 ?  63  GLN A NE2 1 
ATOM   88   N  N   . GLY A 1 12  ? 1.976   7.028   -0.316  1.00 36.01 ?  64  GLY A N   1 
ATOM   89   C  CA  . GLY A 1 12  ? 2.649   5.907   0.367   1.00 34.89 ?  64  GLY A CA  1 
ATOM   90   C  C   . GLY A 1 12  ? 3.062   6.301   1.763   1.00 35.62 ?  64  GLY A C   1 
ATOM   91   O  O   . GLY A 1 12  ? 3.464   7.442   1.987   1.00 37.08 ?  64  GLY A O   1 
ATOM   92   N  N   . ASP A 1 13  ? 2.897   5.373   2.708   1.00 35.25 ?  65  ASP A N   1 
ATOM   93   C  CA  . ASP A 1 13  ? 3.431   5.493   4.055   1.00 34.00 ?  65  ASP A CA  1 
ATOM   94   C  C   . ASP A 1 13  ? 3.636   4.080   4.608   1.00 35.94 ?  65  ASP A C   1 
ATOM   95   O  O   . ASP A 1 13  ? 3.122   3.086   4.063   1.00 32.68 ?  65  ASP A O   1 
ATOM   96   C  CB  . ASP A 1 13  ? 2.487   6.312   4.950   1.00 34.80 ?  65  ASP A CB  1 
ATOM   97   C  CG  . ASP A 1 13  ? 3.137   6.789   6.265   1.00 36.50 ?  65  ASP A CG  1 
ATOM   98   O  OD1 . ASP A 1 13  ? 4.375   6.762   6.473   1.00 42.03 ?  65  ASP A OD1 1 
ATOM   99   O  OD2 . ASP A 1 13  ? 2.390   7.212   7.149   1.00 39.87 -1 65  ASP A OD2 1 
ATOM   100  N  N   . VAL A 1 14  ? 4.404   3.993   5.686   1.00 35.25 ?  66  VAL A N   1 
ATOM   101  C  CA  . VAL A 1 14  ? 4.497   2.782   6.438   1.00 35.30 ?  66  VAL A CA  1 
ATOM   102  C  C   . VAL A 1 14  ? 3.620   2.942   7.681   1.00 37.09 ?  66  VAL A C   1 
ATOM   103  O  O   . VAL A 1 14  ? 3.717   3.940   8.374   1.00 38.00 ?  66  VAL A O   1 
ATOM   104  C  CB  . VAL A 1 14  ? 5.961   2.487   6.784   1.00 35.76 ?  66  VAL A CB  1 
ATOM   105  C  CG1 . VAL A 1 14  ? 6.053   1.349   7.782   1.00 36.97 ?  66  VAL A CG1 1 
ATOM   106  C  CG2 . VAL A 1 14  ? 6.731   2.123   5.507   1.00 36.29 ?  66  VAL A CG2 1 
ATOM   107  N  N   . THR A 1 15  ? 2.757   1.961   7.949   1.00 37.73 ?  67  THR A N   1 
ATOM   108  C  CA  . THR A 1 15  ? 2.011   1.911   9.208   1.00 37.41 ?  67  THR A CA  1 
ATOM   109  C  C   . THR A 1 15  ? 2.415   0.650   9.979   1.00 36.58 ?  67  THR A C   1 
ATOM   110  O  O   . THR A 1 15  ? 2.970   -0.257  9.400   1.00 36.18 ?  67  THR A O   1 
ATOM   111  C  CB  . THR A 1 15  ? 0.479   1.999   9.007   1.00 37.36 ?  67  THR A CB  1 
ATOM   112  O  OG1 . THR A 1 15  ? -0.150  2.052   10.293  1.00 39.15 ?  67  THR A OG1 1 
ATOM   113  C  CG2 . THR A 1 15  ? -0.070  0.813   8.241   1.00 39.01 ?  67  THR A CG2 1 
ATOM   114  N  N   . HIS A 1 16  ? 2.134   0.606   11.276  1.00 35.61 ?  68  HIS A N   1 
ATOM   115  C  CA  . HIS A 1 16  ? 2.658   -0.431  12.124  1.00 36.70 ?  68  HIS A CA  1 
ATOM   116  C  C   . HIS A 1 16  ? 1.527   -1.309  12.592  1.00 36.56 ?  68  HIS A C   1 
ATOM   117  O  O   . HIS A 1 16  ? 0.409   -0.838  12.710  1.00 37.13 ?  68  HIS A O   1 
ATOM   118  C  CB  . HIS A 1 16  ? 3.464   0.179   13.245  1.00 39.98 ?  68  HIS A CB  1 
ATOM   119  C  CG  . HIS A 1 16  ? 4.706   0.864   12.761  1.00 47.24 ?  68  HIS A CG  1 
ATOM   120  N  ND1 . HIS A 1 16  ? 4.723   2.186   12.360  1.00 53.75 ?  68  HIS A ND1 1 
ATOM   121  C  CD2 . HIS A 1 16  ? 5.956   0.392   12.546  1.00 51.18 ?  68  HIS A CD2 1 
ATOM   122  C  CE1 . HIS A 1 16  ? 5.934   2.506   11.938  1.00 53.31 ?  68  HIS A CE1 1 
ATOM   123  N  NE2 . HIS A 1 16  ? 6.701   1.435   12.041  1.00 55.34 ?  68  HIS A NE2 1 
ATOM   124  N  N   . TYR A 1 17  ? 1.798   -2.610  12.735  1.00 36.61 ?  69  TYR A N   1 
ATOM   125  C  CA  . TYR A 1 17  ? 0.787   -3.599  13.133  1.00 35.24 ?  69  TYR A CA  1 
ATOM   126  C  C   . TYR A 1 17  ? 1.399   -4.638  14.068  1.00 34.86 ?  69  TYR A C   1 
ATOM   127  O  O   . TYR A 1 17  ? 2.244   -5.414  13.648  1.00 34.96 ?  69  TYR A O   1 
ATOM   128  C  CB  . TYR A 1 17  ? 0.166   -4.289  11.930  1.00 34.89 ?  69  TYR A CB  1 
ATOM   129  C  CG  . TYR A 1 17  ? -0.972  -5.183  12.331  1.00 35.21 ?  69  TYR A CG  1 
ATOM   130  C  CD1 . TYR A 1 17  ? -2.229  -4.647  12.617  1.00 36.01 ?  69  TYR A CD1 1 
ATOM   131  C  CD2 . TYR A 1 17  ? -0.793  -6.554  12.483  1.00 35.82 ?  69  TYR A CD2 1 
ATOM   132  C  CE1 . TYR A 1 17  ? -3.283  -5.454  13.015  1.00 37.01 ?  69  TYR A CE1 1 
ATOM   133  C  CE2 . TYR A 1 17  ? -1.843  -7.384  12.874  1.00 36.42 ?  69  TYR A CE2 1 
ATOM   134  C  CZ  . TYR A 1 17  ? -3.086  -6.830  13.137  1.00 37.12 ?  69  TYR A CZ  1 
ATOM   135  O  OH  . TYR A 1 17  ? -4.127  -7.629  13.516  1.00 36.69 ?  69  TYR A OH  1 
ATOM   136  N  N   . LYS A 1 18  ? 0.951   -4.634  15.322  1.00 34.78 ?  70  LYS A N   1 
ATOM   137  C  CA  . LYS A 1 18  ? 1.456   -5.512  16.370  1.00 36.22 ?  70  LYS A CA  1 
ATOM   138  C  C   . LYS A 1 18  ? 0.750   -6.859  16.262  1.00 35.97 ?  70  LYS A C   1 
ATOM   139  O  O   . LYS A 1 18  ? -0.471  -6.912  16.278  1.00 39.44 ?  70  LYS A O   1 
ATOM   140  C  CB  . LYS A 1 18  ? 1.192   -4.909  17.760  1.00 38.24 ?  70  LYS A CB  1 
ATOM   141  C  CG  . LYS A 1 18  ? 2.431   -4.649  18.598  1.00 40.79 ?  70  LYS A CG  1 
ATOM   142  C  CD  . LYS A 1 18  ? 2.122   -4.501  20.084  1.00 41.83 ?  70  LYS A CD  1 
ATOM   143  C  CE  . LYS A 1 18  ? 3.416   -4.587  20.876  1.00 43.00 ?  70  LYS A CE  1 
ATOM   144  N  NZ  . LYS A 1 18  ? 3.160   -4.519  22.335  1.00 45.07 1  70  LYS A NZ  1 
ATOM   145  N  N   . TYR A 1 19  ? 1.507   -7.940  16.128  1.00 34.79 ?  71  TYR A N   1 
ATOM   146  C  CA  . TYR A 1 19  ? 0.938   -9.290  16.105  1.00 33.69 ?  71  TYR A CA  1 
ATOM   147  C  C   . TYR A 1 19  ? 1.941   -10.186 16.812  1.00 32.07 ?  71  TYR A C   1 
ATOM   148  O  O   . TYR A 1 19  ? 3.110   -10.238 16.424  1.00 31.51 ?  71  TYR A O   1 
ATOM   149  C  CB  . TYR A 1 19  ? 0.674   -9.758  14.658  1.00 35.03 ?  71  TYR A CB  1 
ATOM   150  C  CG  . TYR A 1 19  ? 0.209   -11.210 14.499  1.00 37.48 ?  71  TYR A CG  1 
ATOM   151  C  CD1 . TYR A 1 19  ? -1.111  -11.602 14.814  1.00 40.37 ?  71  TYR A CD1 1 
ATOM   152  C  CD2 . TYR A 1 19  ? 1.088   -12.202 14.025  1.00 39.83 ?  71  TYR A CD2 1 
ATOM   153  C  CE1 . TYR A 1 19  ? -1.534  -12.941 14.657  1.00 41.39 ?  71  TYR A CE1 1 
ATOM   154  C  CE2 . TYR A 1 19  ? 0.683   -13.532 13.859  1.00 39.71 ?  71  TYR A CE2 1 
ATOM   155  C  CZ  . TYR A 1 19  ? -0.624  -13.901 14.169  1.00 42.15 ?  71  TYR A CZ  1 
ATOM   156  O  OH  . TYR A 1 19  ? -1.002  -15.225 14.003  1.00 44.97 ?  71  TYR A OH  1 
ATOM   157  N  N   . LYS A 1 20  ? 1.476   -10.851 17.865  1.00 31.80 ?  72  LYS A N   1 
ATOM   158  C  CA  . LYS A 1 20  ? 2.282   -11.747 18.683  1.00 32.32 ?  72  LYS A CA  1 
ATOM   159  C  C   . LYS A 1 20  ? 3.568   -11.091 19.183  1.00 33.35 ?  72  LYS A C   1 
ATOM   160  O  O   . LYS A 1 20  ? 4.650   -11.638 19.036  1.00 30.74 ?  72  LYS A O   1 
ATOM   161  C  CB  . LYS A 1 20  ? 2.566   -13.035 17.912  1.00 33.09 ?  72  LYS A CB  1 
ATOM   162  C  CG  . LYS A 1 20  ? 1.283   -13.693 17.466  1.00 34.35 ?  72  LYS A CG  1 
ATOM   163  C  CD  . LYS A 1 20  ? 1.440   -15.159 17.154  1.00 35.47 ?  72  LYS A CD  1 
ATOM   164  C  CE  . LYS A 1 20  ? 0.068   -15.805 17.227  1.00 37.46 ?  72  LYS A CE  1 
ATOM   165  N  NZ  . LYS A 1 20  ? 0.143   -17.256 16.963  1.00 39.14 1  72  LYS A NZ  1 
ATOM   166  N  N   . LYS A 1 21  ? 3.419   -9.893  19.747  1.00 35.07 ?  73  LYS A N   1 
ATOM   167  C  CA  . LYS A 1 21  ? 4.517   -9.131  20.328  1.00 35.18 ?  73  LYS A CA  1 
ATOM   168  C  C   . LYS A 1 21  ? 5.594   -8.704  19.324  1.00 32.43 ?  73  LYS A C   1 
ATOM   169  O  O   . LYS A 1 21  ? 6.693   -8.385  19.736  1.00 31.41 ?  73  LYS A O   1 
ATOM   170  C  CB  . LYS A 1 21  ? 5.170   -9.910  21.480  1.00 36.23 ?  73  LYS A CB  1 
ATOM   171  C  CG  . LYS A 1 21  ? 4.207   -10.425 22.539  1.00 39.80 ?  73  LYS A CG  1 
ATOM   172  C  CD  . LYS A 1 21  ? 4.774   -11.655 23.263  1.00 42.37 ?  73  LYS A CD  1 
ATOM   173  C  CE  . LYS A 1 21  ? 4.364   -11.733 24.726  1.00 46.13 ?  73  LYS A CE  1 
ATOM   174  N  NZ  . LYS A 1 21  ? 2.921   -11.434 24.943  1.00 48.40 1  73  LYS A NZ  1 
ATOM   175  N  N   . TYR A 1 22  ? 5.305   -8.724  18.030  1.00 30.94 ?  74  TYR A N   1 
ATOM   176  C  CA  . TYR A 1 22  ? 6.188   -8.104  17.050  1.00 32.00 ?  74  TYR A CA  1 
ATOM   177  C  C   . TYR A 1 22  ? 5.438   -7.013  16.310  1.00 32.72 ?  74  TYR A C   1 
ATOM   178  O  O   . TYR A 1 22  ? 4.289   -7.227  15.855  1.00 31.40 ?  74  TYR A O   1 
ATOM   179  C  CB  . TYR A 1 22  ? 6.733   -9.101  16.019  1.00 31.07 ?  74  TYR A CB  1 
ATOM   180  C  CG  . TYR A 1 22  ? 7.863   -8.493  15.187  1.00 30.62 ?  74  TYR A CG  1 
ATOM   181  C  CD1 . TYR A 1 22  ? 9.200   -8.477  15.666  1.00 30.07 ?  74  TYR A CD1 1 
ATOM   182  C  CD2 . TYR A 1 22  ? 7.610   -7.914  13.948  1.00 30.21 ?  74  TYR A CD2 1 
ATOM   183  C  CE1 . TYR A 1 22  ? 10.231  -7.929  14.913  1.00 29.32 ?  74  TYR A CE1 1 
ATOM   184  C  CE2 . TYR A 1 22  ? 8.632   -7.353  13.195  1.00 31.09 ?  74  TYR A CE2 1 
ATOM   185  C  CZ  . TYR A 1 22  ? 9.936   -7.372  13.680  1.00 31.67 ?  74  TYR A CZ  1 
ATOM   186  O  OH  . TYR A 1 22  ? 10.920  -6.797  12.935  1.00 34.45 ?  74  TYR A OH  1 
ATOM   187  N  N   . LYS A 1 23  ? 6.105   -5.871  16.149  1.00 32.38 ?  75  LYS A N   1 
ATOM   188  C  CA  . LYS A 1 23  ? 5.519   -4.733  15.456  1.00 35.05 ?  75  LYS A CA  1 
ATOM   189  C  C   . LYS A 1 23  ? 5.946   -4.774  13.991  1.00 31.75 ?  75  LYS A C   1 
ATOM   190  O  O   . LYS A 1 23  ? 7.042   -4.392  13.650  1.00 30.89 ?  75  LYS A O   1 
ATOM   191  C  CB  . LYS A 1 23  ? 5.953   -3.425  16.139  1.00 38.17 ?  75  LYS A CB  1 
ATOM   192  C  CG  . LYS A 1 23  ? 5.330   -2.156  15.564  1.00 43.69 ?  75  LYS A CG  1 
ATOM   193  C  CD  . LYS A 1 23  ? 5.831   -0.896  16.255  1.00 47.11 ?  75  LYS A CD  1 
ATOM   194  C  CE  . LYS A 1 23  ? 5.320   -0.823  17.694  1.00 51.99 ?  75  LYS A CE  1 
ATOM   195  N  NZ  . LYS A 1 23  ? 5.766   0.422   18.393  1.00 55.75 1  75  LYS A NZ  1 
ATOM   196  N  N   . TYR A 1 24  ? 5.059   -5.227  13.128  1.00 31.08 ?  76  TYR A N   1 
ATOM   197  C  CA  . TYR A 1 24  ? 5.354   -5.314  11.695  1.00 31.40 ?  76  TYR A CA  1 
ATOM   198  C  C   . TYR A 1 24  ? 5.185   -3.946  11.053  1.00 33.68 ?  76  TYR A C   1 
ATOM   199  O  O   . TYR A 1 24  ? 4.460   -3.079  11.589  1.00 33.31 ?  76  TYR A O   1 
ATOM   200  C  CB  . TYR A 1 24  ? 4.431   -6.321  11.005  1.00 30.49 ?  76  TYR A CB  1 
ATOM   201  C  CG  . TYR A 1 24  ? 4.701   -7.724  11.454  1.00 31.74 ?  76  TYR A CG  1 
ATOM   202  C  CD1 . TYR A 1 24  ? 4.177   -8.207  12.658  1.00 31.57 ?  76  TYR A CD1 1 
ATOM   203  C  CD2 . TYR A 1 24  ? 5.505   -8.578  10.700  1.00 31.11 ?  76  TYR A CD2 1 
ATOM   204  C  CE1 . TYR A 1 24  ? 4.431   -9.500  13.080  1.00 31.66 ?  76  TYR A CE1 1 
ATOM   205  C  CE2 . TYR A 1 24  ? 5.775   -9.862  11.127  1.00 31.62 ?  76  TYR A CE2 1 
ATOM   206  C  CZ  . TYR A 1 24  ? 5.231   -10.327 12.310  1.00 32.03 ?  76  TYR A CZ  1 
ATOM   207  O  OH  . TYR A 1 24  ? 5.496   -11.616 12.745  1.00 32.76 ?  76  TYR A OH  1 
ATOM   208  N  N   . CYS A 1 25  ? 5.865   -3.773  9.915   1.00 32.82 ?  77  CYS A N   1 
ATOM   209  C  CA  . CYS A 1 25  ? 5.785   -2.581  9.084   1.00 32.32 ?  77  CYS A CA  1 
ATOM   210  C  C   . CYS A 1 25  ? 4.975   -2.912  7.849   1.00 32.10 ?  77  CYS A C   1 
ATOM   211  O  O   . CYS A 1 25  ? 5.432   -3.626  6.954   1.00 34.15 ?  77  CYS A O   1 
ATOM   212  C  CB  . CYS A 1 25  ? 7.181   -2.139  8.664   1.00 33.78 ?  77  CYS A CB  1 
ATOM   213  S  SG  . CYS A 1 25  ? 8.193   -1.649  10.071  1.00 34.84 ?  77  CYS A SG  1 
ATOM   214  N  N   . LEU A 1 26  ? 3.759   -2.406  7.824   1.00 31.54 ?  78  LEU A N   1 
ATOM   215  C  CA  . LEU A 1 26  ? 2.912   -2.472  6.663   1.00 33.39 ?  78  LEU A CA  1 
ATOM   216  C  C   . LEU A 1 26  ? 3.317   -1.313  5.751   1.00 33.49 ?  78  LEU A C   1 
ATOM   217  O  O   . LEU A 1 26  ? 3.146   -0.141  6.107   1.00 35.45 ?  78  LEU A O   1 
ATOM   218  C  CB  . LEU A 1 26  ? 1.441   -2.370  7.079   1.00 34.34 ?  78  LEU A CB  1 
ATOM   219  C  CG  . LEU A 1 26  ? 0.747   -3.655  7.549   1.00 36.06 ?  78  LEU A CG  1 
ATOM   220  C  CD1 . LEU A 1 26  ? 1.620   -4.725  8.188   1.00 37.02 ?  78  LEU A CD1 1 
ATOM   221  C  CD2 . LEU A 1 26  ? -0.301  -3.247  8.530   1.00 38.14 ?  78  LEU A CD2 1 
ATOM   222  N  N   . HIS A 1 27  ? 3.902   -1.643  4.611   1.00 31.50 ?  79  HIS A N   1 
ATOM   223  C  CA  . HIS A 1 27  ? 4.198   -0.661  3.594   1.00 32.21 ?  79  HIS A CA  1 
ATOM   224  C  C   . HIS A 1 27  ? 2.969   -0.613  2.666   1.00 35.13 ?  79  HIS A C   1 
ATOM   225  O  O   . HIS A 1 27  ? 2.620   -1.629  2.022   1.00 34.26 ?  79  HIS A O   1 
ATOM   226  C  CB  . HIS A 1 27  ? 5.396   -1.085  2.776   1.00 31.64 ?  79  HIS A CB  1 
ATOM   227  C  CG  . HIS A 1 27  ? 6.689   -1.070  3.507   1.00 32.62 ?  79  HIS A CG  1 
ATOM   228  N  ND1 . HIS A 1 27  ? 7.006   -1.997  4.482   1.00 35.10 ?  79  HIS A ND1 1 
ATOM   229  C  CD2 . HIS A 1 27  ? 7.789   -0.295  3.349   1.00 32.89 ?  79  HIS A CD2 1 
ATOM   230  C  CE1 . HIS A 1 27  ? 8.229   -1.758  4.924   1.00 31.83 ?  79  HIS A CE1 1 
ATOM   231  N  NE2 . HIS A 1 27  ? 8.725   -0.731  4.258   1.00 32.97 ?  79  HIS A NE2 1 
ATOM   232  N  N   . VAL A 1 28  ? 2.348   0.564   2.591   1.00 33.90 ?  80  VAL A N   1 
ATOM   233  C  CA  . VAL A 1 28  ? 1.049   0.760   1.988   1.00 33.84 ?  80  VAL A CA  1 
ATOM   234  C  C   . VAL A 1 28  ? 1.172   1.790   0.858   1.00 33.89 ?  80  VAL A C   1 
ATOM   235  O  O   . VAL A 1 28  ? 1.665   2.879   1.065   1.00 33.62 ?  80  VAL A O   1 
ATOM   236  C  CB  . VAL A 1 28  ? 0.048   1.278   3.054   1.00 35.45 ?  80  VAL A CB  1 
ATOM   237  C  CG1 . VAL A 1 28  ? -1.301  1.662   2.439   1.00 37.18 ?  80  VAL A CG1 1 
ATOM   238  C  CG2 . VAL A 1 28  ? -0.131  0.259   4.174   1.00 35.91 ?  80  VAL A CG2 1 
ATOM   239  N  N   . TRP A 1 29  ? 0.705   1.444   -0.329  1.00 32.99 ?  81  TRP A N   1 
ATOM   240  C  CA  . TRP A 1 29  ? 0.640   2.412   -1.430  1.00 35.54 ?  81  TRP A CA  1 
ATOM   241  C  C   . TRP A 1 29  ? -0.790  2.449   -1.892  1.00 34.41 ?  81  TRP A C   1 
ATOM   242  O  O   . TRP A 1 29  ? -1.427  1.395   -2.007  1.00 31.40 ?  81  TRP A O   1 
ATOM   243  C  CB  . TRP A 1 29  ? 1.522   1.982   -2.621  1.00 34.75 ?  81  TRP A CB  1 
ATOM   244  C  CG  . TRP A 1 29  ? 2.943   2.078   -2.305  1.00 34.06 ?  81  TRP A CG  1 
ATOM   245  C  CD1 . TRP A 1 29  ? 3.773   1.069   -1.871  1.00 34.04 ?  81  TRP A CD1 1 
ATOM   246  C  CD2 . TRP A 1 29  ? 3.723   3.244   -2.374  1.00 33.17 ?  81  TRP A CD2 1 
ATOM   247  N  NE1 . TRP A 1 29  ? 5.039   1.556   -1.685  1.00 33.82 ?  81  TRP A NE1 1 
ATOM   248  C  CE2 . TRP A 1 29  ? 5.036   2.894   -1.984  1.00 34.02 ?  81  TRP A CE2 1 
ATOM   249  C  CE3 . TRP A 1 29  ? 3.444   4.577   -2.713  1.00 34.83 ?  81  TRP A CE3 1 
ATOM   250  C  CZ2 . TRP A 1 29  ? 6.070   3.837   -1.918  1.00 34.03 ?  81  TRP A CZ2 1 
ATOM   251  C  CZ3 . TRP A 1 29  ? 4.470   5.501   -2.667  1.00 33.09 ?  81  TRP A CZ3 1 
ATOM   252  C  CH2 . TRP A 1 29  ? 5.771   5.127   -2.283  1.00 32.33 ?  81  TRP A CH2 1 
ATOM   253  N  N   . VAL A 1 30  ? -1.286  3.643   -2.186  1.00 33.31 ?  82  VAL A N   1 
ATOM   254  C  CA  . VAL A 1 30  ? -2.666  3.758   -2.639  1.00 36.99 ?  82  VAL A CA  1 
ATOM   255  C  C   . VAL A 1 30  ? -2.784  4.791   -3.758  1.00 37.24 ?  82  VAL A C   1 
ATOM   256  O  O   . VAL A 1 30  ? -2.208  5.880   -3.677  1.00 36.42 ?  82  VAL A O   1 
ATOM   257  C  CB  . VAL A 1 30  ? -3.639  3.977   -1.444  1.00 36.56 ?  82  VAL A CB  1 
ATOM   258  C  CG1 . VAL A 1 30  ? -3.135  5.052   -0.541  1.00 40.21 ?  82  VAL A CG1 1 
ATOM   259  C  CG2 . VAL A 1 30  ? -5.059  4.254   -1.909  1.00 36.03 ?  82  VAL A CG2 1 
ATOM   260  N  N   . ASP A 1 31  ? -3.495  4.404   -4.821  1.00 36.25 ?  83  ASP A N   1 
ATOM   261  C  CA  . ASP A 1 31  ? -3.700  5.278   -5.938  1.00 35.10 ?  83  ASP A CA  1 
ATOM   262  C  C   . ASP A 1 31  ? -4.742  6.315   -5.554  1.00 36.18 ?  83  ASP A C   1 
ATOM   263  O  O   . ASP A 1 31  ? -5.811  5.958   -5.064  1.00 38.66 ?  83  ASP A O   1 
ATOM   264  C  CB  . ASP A 1 31  ? -4.179  4.479   -7.120  1.00 34.89 ?  83  ASP A CB  1 
ATOM   265  C  CG  . ASP A 1 31  ? -4.209  5.292   -8.370  1.00 33.18 ?  83  ASP A CG  1 
ATOM   266  O  OD1 . ASP A 1 31  ? -5.172  6.052   -8.569  1.00 32.31 ?  83  ASP A OD1 1 
ATOM   267  O  OD2 . ASP A 1 31  ? -3.252  5.179   -9.140  1.00 32.48 -1 83  ASP A OD2 1 
ATOM   268  N  N   . THR A 1 32  ? -4.433  7.588   -5.785  1.00 34.71 ?  84  THR A N   1 
ATOM   269  C  CA  . THR A 1 32  ? -5.303  8.698   -5.372  1.00 33.19 ?  84  THR A CA  1 
ATOM   270  C  C   . THR A 1 32  ? -6.541  8.836   -6.251  1.00 34.22 ?  84  THR A C   1 
ATOM   271  O  O   . THR A 1 32  ? -7.435  9.563   -5.883  1.00 35.02 ?  84  THR A O   1 
ATOM   272  C  CB  . THR A 1 32  ? -4.570  10.061  -5.404  1.00 31.82 ?  84  THR A CB  1 
ATOM   273  O  OG1 . THR A 1 32  ? -4.018  10.272  -6.705  1.00 33.46 ?  84  THR A OG1 1 
ATOM   274  C  CG2 . THR A 1 32  ? -3.447  10.117  -4.396  1.00 30.74 ?  84  THR A CG2 1 
ATOM   275  N  N   . PHE A 1 33  ? -6.560  8.199   -7.423  1.00 32.87 ?  85  PHE A N   1 
ATOM   276  C  CA  . PHE A 1 33  ? -7.691  8.245   -8.323  1.00 32.57 ?  85  PHE A CA  1 
ATOM   277  C  C   . PHE A 1 33  ? -8.614  7.028   -8.120  1.00 31.50 ?  85  PHE A C   1 
ATOM   278  O  O   . PHE A 1 33  ? -9.786  7.189   -7.918  1.00 29.17 ?  85  PHE A O   1 
ATOM   279  C  CB  . PHE A 1 33  ? -7.208  8.363   -9.809  1.00 33.86 ?  85  PHE A CB  1 
ATOM   280  C  CG  . PHE A 1 33  ? -8.319  8.278   -10.803 1.00 33.96 ?  85  PHE A CG  1 
ATOM   281  C  CD1 . PHE A 1 33  ? -9.040  9.432   -11.180 1.00 34.65 ?  85  PHE A CD1 1 
ATOM   282  C  CD2 . PHE A 1 33  ? -8.698  7.047   -11.337 1.00 33.83 ?  85  PHE A CD2 1 
ATOM   283  C  CE1 . PHE A 1 33  ? -10.110 9.348   -12.070 1.00 33.04 ?  85  PHE A CE1 1 
ATOM   284  C  CE2 . PHE A 1 33  ? -9.777  6.958   -12.224 1.00 34.27 ?  85  PHE A CE2 1 
ATOM   285  C  CZ  . PHE A 1 33  ? -10.482 8.110   -12.595 1.00 33.44 ?  85  PHE A CZ  1 
ATOM   286  N  N   . SER A 1 34  ? -8.088  5.810   -8.223  1.00 33.55 ?  86  SER A N   1 
ATOM   287  C  CA  . SER A 1 34  ? -8.913  4.582   -8.105  1.00 34.64 ?  86  SER A CA  1 
ATOM   288  C  C   . SER A 1 34  ? -9.203  4.170   -6.648  1.00 37.05 ?  86  SER A C   1 
ATOM   289  O  O   . SER A 1 34  ? -10.167 3.443   -6.379  1.00 37.38 ?  86  SER A O   1 
ATOM   290  C  CB  . SER A 1 34  ? -8.210  3.422   -8.797  1.00 33.67 ?  86  SER A CB  1 
ATOM   291  O  OG  . SER A 1 34  ? -6.972  3.124   -8.151  1.00 33.32 ?  86  SER A OG  1 
ATOM   292  N  N   . GLY A 1 35  ? -8.339  4.611   -5.725  1.00 38.30 ?  87  GLY A N   1 
ATOM   293  C  CA  . GLY A 1 35  ? -8.303  4.085   -4.362  1.00 36.58 ?  87  GLY A CA  1 
ATOM   294  C  C   . GLY A 1 35  ? -7.681  2.701   -4.249  1.00 36.65 ?  87  GLY A C   1 
ATOM   295  O  O   . GLY A 1 35  ? -7.663  2.146   -3.159  1.00 35.88 ?  87  GLY A O   1 
ATOM   296  N  N   . ALA A 1 36  ? -7.157  2.158   -5.347  1.00 31.75 ?  88  ALA A N   1 
ATOM   297  C  CA  . ALA A 1 36  ? -6.563  0.829   -5.335  1.00 35.18 ?  88  ALA A CA  1 
ATOM   298  C  C   . ALA A 1 36  ? -5.296  0.781   -4.485  1.00 35.26 ?  88  ALA A C   1 
ATOM   299  O  O   . ALA A 1 36  ? -4.534  1.750   -4.429  1.00 33.43 ?  88  ALA A O   1 
ATOM   300  C  CB  . ALA A 1 36  ? -6.257  0.360   -6.756  1.00 37.72 ?  88  ALA A CB  1 
ATOM   301  N  N   . VAL A 1 37  ? -5.080  -0.374  -3.849  1.00 33.08 ?  89  VAL A N   1 
ATOM   302  C  CA  . VAL A 1 37  ? -4.121  -0.500  -2.766  1.00 34.63 ?  89  VAL A CA  1 
ATOM   303  C  C   . VAL A 1 37  ? -3.108  -1.569  -3.022  1.00 33.84 ?  89  VAL A C   1 
ATOM   304  O  O   . VAL A 1 37  ? -3.460  -2.625  -3.506  1.00 33.98 ?  89  VAL A O   1 
ATOM   305  C  CB  . VAL A 1 37  ? -4.822  -0.946  -1.447  1.00 36.13 ?  89  VAL A CB  1 
ATOM   306  C  CG1 . VAL A 1 37  ? -3.891  -0.787  -0.267  1.00 35.26 ?  89  VAL A CG1 1 
ATOM   307  C  CG2 . VAL A 1 37  ? -6.079  -0.128  -1.228  1.00 39.77 ?  89  VAL A CG2 1 
ATOM   308  N  N   . SER A 1 38  ? -1.881  -1.320  -2.573  1.00 33.54 ?  90  SER A N   1 
ATOM   309  C  CA  . SER A 1 38  ? -0.910  -2.371  -2.275  1.00 32.92 ?  90  SER A CA  1 
ATOM   310  C  C   . SER A 1 38  ? -0.455  -2.298  -0.816  1.00 33.26 ?  90  SER A C   1 
ATOM   311  O  O   . SER A 1 38  ? -0.234  -1.216  -0.283  1.00 34.27 ?  90  SER A O   1 
ATOM   312  C  CB  . SER A 1 38  ? 0.324   -2.224  -3.145  1.00 32.96 ?  90  SER A CB  1 
ATOM   313  O  OG  . SER A 1 38  ? 1.235   -3.281  -2.898  1.00 35.87 ?  90  SER A OG  1 
ATOM   314  N  N   . VAL A 1 39  ? -0.259  -3.451  -0.193  1.00 33.80 ?  91  VAL A N   1 
ATOM   315  C  CA  . VAL A 1 39  ? 0.308   -3.487  1.130   1.00 37.15 ?  91  VAL A CA  1 
ATOM   316  C  C   . VAL A 1 39  ? 1.256   -4.647  1.187   1.00 35.70 ?  91  VAL A C   1 
ATOM   317  O  O   . VAL A 1 39  ? 0.908   -5.720  0.727   1.00 37.64 ?  91  VAL A O   1 
ATOM   318  C  CB  . VAL A 1 39  ? -0.782  -3.596  2.247   1.00 42.57 ?  91  VAL A CB  1 
ATOM   319  C  CG1 . VAL A 1 39  ? -1.903  -4.526  1.844   1.00 47.03 ?  91  VAL A CG1 1 
ATOM   320  C  CG2 . VAL A 1 39  ? -0.197  -4.057  3.592   1.00 43.75 ?  91  VAL A CG2 1 
ATOM   321  N  N   . SER A 1 40  ? 2.437   -4.423  1.768   1.00 34.75 ?  92  SER A N   1 
ATOM   322  C  CA  . SER A 1 40  ? 3.409   -5.464  2.006   1.00 34.52 ?  92  SER A CA  1 
ATOM   323  C  C   . SER A 1 40  ? 3.733   -5.482  3.472   1.00 36.21 ?  92  SER A C   1 
ATOM   324  O  O   . SER A 1 40  ? 4.047   -4.432  4.051   1.00 34.43 ?  92  SER A O   1 
ATOM   325  C  CB  . SER A 1 40  ? 4.689   -5.170  1.256   1.00 35.06 ?  92  SER A CB  1 
ATOM   326  O  OG  . SER A 1 40  ? 4.431   -5.124  -0.117  1.00 37.36 ?  92  SER A OG  1 
ATOM   327  N  N   . CYS A 1 41  ? 3.670   -6.673  4.067   1.00 35.58 ?  93  CYS A N   1 
ATOM   328  C  CA  . CYS A 1 41  ? 4.029   -6.860  5.447   1.00 36.07 ?  93  CYS A CA  1 
ATOM   329  C  C   . CYS A 1 41  ? 5.541   -7.163  5.492   1.00 36.85 ?  93  CYS A C   1 
ATOM   330  O  O   . CYS A 1 41  ? 6.014   -8.098  4.874   1.00 38.48 ?  93  CYS A O   1 
ATOM   331  C  CB  . CYS A 1 41  ? 3.210   -7.982  6.068   1.00 35.67 ?  93  CYS A CB  1 
ATOM   332  S  SG  . CYS A 1 41  ? 3.496   -8.155  7.853   1.00 41.20 ?  93  CYS A SG  1 
ATOM   333  N  N   . LYS A 1 42  ? 6.282   -6.328  6.196   1.00 35.67 ?  94  LYS A N   1 
ATOM   334  C  CA  . LYS A 1 42  ? 7.712   -6.444  6.320   1.00 34.93 ?  94  LYS A CA  1 
ATOM   335  C  C   . LYS A 1 42  ? 8.024   -6.364  7.799   1.00 35.36 ?  94  LYS A C   1 
ATOM   336  O  O   . LYS A 1 42  ? 7.235   -5.822  8.565   1.00 33.78 ?  94  LYS A O   1 
ATOM   337  C  CB  . LYS A 1 42  ? 8.414   -5.275  5.601   1.00 35.95 ?  94  LYS A CB  1 
ATOM   338  C  CG  . LYS A 1 42  ? 8.152   -5.139  4.108   1.00 35.11 ?  94  LYS A CG  1 
ATOM   339  C  CD  . LYS A 1 42  ? 8.725   -6.324  3.341   1.00 34.23 ?  94  LYS A CD  1 
ATOM   340  C  CE  . LYS A 1 42  ? 8.641   -6.090  1.835   1.00 36.23 ?  94  LYS A CE  1 
ATOM   341  N  NZ  . LYS A 1 42  ? 9.184   -7.242  1.050   1.00 35.86 1  94  LYS A NZ  1 
ATOM   342  N  N   . LYS A 1 43  ? 9.185   -6.886  8.181   1.00 37.06 ?  95  LYS A N   1 
ATOM   343  C  CA  . LYS A 1 43  ? 9.670   -6.791  9.550   1.00 40.70 ?  95  LYS A CA  1 
ATOM   344  C  C   . LYS A 1 43  ? 10.312  -5.416  9.849   1.00 40.20 ?  95  LYS A C   1 
ATOM   345  O  O   . LYS A 1 43  ? 10.440  -5.004  11.025  1.00 40.86 ?  95  LYS A O   1 
ATOM   346  C  CB  . LYS A 1 43  ? 10.652  -7.940  9.833   1.00 43.68 ?  95  LYS A CB  1 
ATOM   347  C  CG  . LYS A 1 43  ? 9.994   -9.315  9.902   1.00 47.64 ?  95  LYS A CG  1 
ATOM   348  C  CD  . LYS A 1 43  ? 11.037  -10.428 9.858   1.00 51.63 ?  95  LYS A CD  1 
ATOM   349  C  CE  . LYS A 1 43  ? 10.423  -11.814 10.044  1.00 56.41 ?  95  LYS A CE  1 
ATOM   350  N  NZ  . LYS A 1 43  ? 9.707   -11.992 11.350  1.00 59.13 1  95  LYS A NZ  1 
ATOM   351  N  N   . LYS A 1 44  ? 10.707  -4.725  8.783   1.00 37.87 ?  96  LYS A N   1 
ATOM   352  C  CA  . LYS A 1 44  ? 11.502  -3.517  8.870   1.00 40.21 ?  96  LYS A CA  1 
ATOM   353  C  C   . LYS A 1 44  ? 11.043  -2.526  7.831   1.00 38.30 ?  96  LYS A C   1 
ATOM   354  O  O   . LYS A 1 44  ? 10.277  -2.869  6.957   1.00 35.58 ?  96  LYS A O   1 
ATOM   355  C  CB  . LYS A 1 44  ? 12.973  -3.837  8.578   1.00 45.68 ?  96  LYS A CB  1 
ATOM   356  C  CG  . LYS A 1 44  ? 13.546  -5.053  9.306   1.00 45.75 ?  96  LYS A CG  1 
ATOM   357  C  CD  . LYS A 1 44  ? 15.033  -5.167  9.047   1.00 47.66 ?  96  LYS A CD  1 
ATOM   358  C  CE  . LYS A 1 44  ? 15.778  -4.236  9.993   1.00 51.36 ?  96  LYS A CE  1 
ATOM   359  N  NZ  . LYS A 1 44  ? 16.995  -3.619  9.400   1.00 53.67 1  96  LYS A NZ  1 
ATOM   360  N  N   . GLU A 1 45  ? 11.546  -1.305  7.924   1.00 38.86 ?  97  GLU A N   1 
ATOM   361  C  CA  . GLU A 1 45  ? 11.281  -0.262  6.946   1.00 40.05 ?  97  GLU A CA  1 
ATOM   362  C  C   . GLU A 1 45  ? 12.562  0.452   6.461   1.00 39.70 ?  97  GLU A C   1 
ATOM   363  O  O   . GLU A 1 45  ? 12.541  1.655   6.266   1.00 43.05 ?  97  GLU A O   1 
ATOM   364  C  CB  . GLU A 1 45  ? 10.251  0.729   7.489   1.00 40.41 ?  97  GLU A CB  1 
ATOM   365  C  CG  . GLU A 1 45  ? 10.611  1.433   8.778   1.00 42.92 ?  97  GLU A CG  1 
ATOM   366  C  CD  . GLU A 1 45  ? 9.464   2.309   9.262   1.00 47.58 ?  97  GLU A CD  1 
ATOM   367  O  OE1 . GLU A 1 45  ? 8.965   3.156   8.484   1.00 48.15 ?  97  GLU A OE1 1 
ATOM   368  O  OE2 . GLU A 1 45  ? 9.033   2.137   10.416  1.00 52.43 -1 97  GLU A OE2 1 
ATOM   369  N  N   . THR A 1 46  ? 13.639  -0.300  6.213   1.00 37.50 ?  98  THR A N   1 
ATOM   370  C  CA  . THR A 1 46  ? 14.849  0.251   5.592   1.00 38.43 ?  98  THR A CA  1 
ATOM   371  C  C   . THR A 1 46  ? 14.634  0.299   4.066   1.00 36.85 ?  98  THR A C   1 
ATOM   372  O  O   . THR A 1 46  ? 13.592  -0.149  3.565   1.00 34.15 ?  98  THR A O   1 
ATOM   373  C  CB  . THR A 1 46  ? 16.122  -0.556  5.959   1.00 41.36 ?  98  THR A CB  1 
ATOM   374  O  OG1 . THR A 1 46  ? 16.165  -1.784  5.221   1.00 47.19 ?  98  THR A OG1 1 
ATOM   375  C  CG2 . THR A 1 46  ? 16.168  -0.876  7.457   1.00 40.54 ?  98  THR A CG2 1 
ATOM   376  N  N   . SER A 1 47  ? 15.593  0.873   3.344   1.00 36.48 ?  99  SER A N   1 
ATOM   377  C  CA  . SER A 1 47  ? 15.456  1.128   1.889   1.00 36.83 ?  99  SER A CA  1 
ATOM   378  C  C   . SER A 1 47  ? 15.304  -0.162  1.046   1.00 35.84 ?  99  SER A C   1 
ATOM   379  O  O   . SER A 1 47  ? 14.584  -0.207  0.040   1.00 36.18 ?  99  SER A O   1 
ATOM   380  C  CB  . SER A 1 47  ? 16.653  1.925   1.390   1.00 36.79 ?  99  SER A CB  1 
ATOM   381  O  OG  . SER A 1 47  ? 17.807  1.112   1.408   1.00 35.27 ?  99  SER A OG  1 
ATOM   382  N  N   . CYS A 1 48  ? 15.876  -1.288  1.635   1.00 36.20 ?  100 CYS A N   1 
ATOM   383  C  CA  . CYS A 1 48  ? 15.851  -2.550  0.932   1.00 38.62 ?  100 CYS A CA  1 
ATOM   384  C  C   . CYS A 1 48  ? 14.429  -3.186  0.882   1.00 37.15 ?  100 CYS A C   1 
ATOM   385  O  O   . CYS A 1 48  ? 13.912  -3.519  -0.198  1.00 35.21 ?  100 CYS A O   1 
ATOM   386  C  CB  . CYS A 1 48  ? 16.878  -3.491  1.594   1.00 43.32 ?  100 CYS A CB  1 
ATOM   387  S  SG  . CYS A 1 48  ? 16.556  -5.233  1.256   1.00 57.21 ?  100 CYS A SG  1 
ATOM   388  N  N   . GLU A 1 49  ? 13.689  -2.921  2.064   1.00 34.14 ?  101 GLU A N   1 
ATOM   389  C  CA  . GLU A 1 49  ? 12.307  -3.333  2.224   1.00 36.27 ?  101 GLU A CA  1 
ATOM   390  C  C   . GLU A 1 49  ? 11.367  -2.355  1.546   1.00 34.34 ?  101 GLU A C   1 
ATOM   391  O  O   . GLU A 1 49  ? 10.329  -2.756  1.057   1.00 34.80 ?  101 GLU A O   1 
ATOM   392  C  CB  . GLU A 1 49  ? 11.917  -3.433  3.707   1.00 38.74 ?  101 GLU A CB  1 
ATOM   393  C  CG  . GLU A 1 49  ? 12.576  -4.569  4.485   1.00 40.09 ?  101 GLU A CG  1 
ATOM   394  C  CD  . GLU A 1 49  ? 13.993  -4.269  4.958   1.00 44.52 ?  101 GLU A CD  1 
ATOM   395  O  OE1 . GLU A 1 49  ? 14.460  -3.107  4.925   1.00 45.28 ?  101 GLU A OE1 1 
ATOM   396  O  OE2 . GLU A 1 49  ? 14.661  -5.228  5.379   1.00 51.87 -1 101 GLU A OE2 1 
ATOM   397  N  N   . THR A 1 50  ? 11.731  -1.073  1.527   1.00 33.87 ?  102 THR A N   1 
ATOM   398  C  CA  . THR A 1 50  ? 10.899  -0.054  0.909   1.00 33.54 ?  102 THR A CA  1 
ATOM   399  C  C   . THR A 1 50  ? 10.901  -0.214  -0.598  1.00 35.19 ?  102 THR A C   1 
ATOM   400  O  O   . THR A 1 50  ? 9.857   -0.206  -1.231  1.00 36.47 ?  102 THR A O   1 
ATOM   401  C  CB  . THR A 1 50  ? 11.401  1.325   1.289   1.00 33.84 ?  102 THR A CB  1 
ATOM   402  O  OG1 . THR A 1 50  ? 11.425  1.402   2.713   1.00 35.88 ?  102 THR A OG1 1 
ATOM   403  C  CG2 . THR A 1 50  ? 10.494  2.441   0.733   1.00 33.77 ?  102 THR A CG2 1 
ATOM   404  N  N   . ILE A 1 51  ? 12.079  -0.393  -1.181  1.00 36.29 ?  103 ILE A N   1 
ATOM   405  C  CA  . ILE A 1 51  ? 12.154  -0.629  -2.625  1.00 34.18 ?  103 ILE A CA  1 
ATOM   406  C  C   . ILE A 1 51  ? 11.406  -1.922  -3.000  1.00 33.94 ?  103 ILE A C   1 
ATOM   407  O  O   . ILE A 1 51  ? 10.682  -1.961  -3.999  1.00 31.83 ?  103 ILE A O   1 
ATOM   408  C  CB  . ILE A 1 51  ? 13.626  -0.665  -3.090  1.00 33.72 ?  103 ILE A CB  1 
ATOM   409  C  CG1 . ILE A 1 51  ? 14.185  0.762   -3.069  1.00 33.19 ?  103 ILE A CG1 1 
ATOM   410  C  CG2 . ILE A 1 51  ? 13.775  -1.290  -4.484  1.00 32.66 ?  103 ILE A CG2 1 
ATOM   411  C  CD1 . ILE A 1 51  ? 15.679  0.843   -3.261  1.00 31.94 ?  103 ILE A CD1 1 
ATOM   412  N  N   . SER A 1 52  ? 11.623  -2.982  -2.216  1.00 34.36 ?  104 SER A N   1 
ATOM   413  C  CA  . SER A 1 52  ? 10.902  -4.234  -2.384  1.00 33.20 ?  104 SER A CA  1 
ATOM   414  C  C   . SER A 1 52  ? 9.356   -4.063  -2.330  1.00 34.59 ?  104 SER A C   1 
ATOM   415  O  O   . SER A 1 52  ? 8.663   -4.542  -3.240  1.00 33.91 ?  104 SER A O   1 
ATOM   416  C  CB  . SER A 1 52  ? 11.352  -5.269  -1.366  1.00 32.49 ?  104 SER A CB  1 
ATOM   417  O  OG  . SER A 1 52  ? 10.664  -6.509  -1.564  1.00 31.71 ?  104 SER A OG  1 
ATOM   418  N  N   . ALA A 1 53  ? 8.822   -3.376  -1.320  1.00 34.07 ?  105 ALA A N   1 
ATOM   419  C  CA  . ALA A 1 53  ? 7.355   -3.184  -1.259  1.00 36.07 ?  105 ALA A CA  1 
ATOM   420  C  C   . ALA A 1 53  ? 6.871   -2.358  -2.428  1.00 34.69 ?  105 ALA A C   1 
ATOM   421  O  O   . ALA A 1 53  ? 5.756   -2.531  -2.893  1.00 37.23 ?  105 ALA A O   1 
ATOM   422  C  CB  . ALA A 1 53  ? 6.937   -2.498  0.033   1.00 35.01 ?  105 ALA A CB  1 
ATOM   423  N  N   . PHE A 1 54  ? 7.701   -1.428  -2.871  1.00 34.86 ?  106 PHE A N   1 
ATOM   424  C  CA  . PHE A 1 54  ? 7.335   -0.555  -3.964  1.00 35.75 ?  106 PHE A CA  1 
ATOM   425  C  C   . PHE A 1 54  ? 7.253   -1.341  -5.273  1.00 35.07 ?  106 PHE A C   1 
ATOM   426  O  O   . PHE A 1 54  ? 6.321   -1.148  -6.059  1.00 38.96 ?  106 PHE A O   1 
ATOM   427  C  CB  . PHE A 1 54  ? 8.321   0.617   -4.034  1.00 35.51 ?  106 PHE A CB  1 
ATOM   428  C  CG  . PHE A 1 54  ? 7.927   1.726   -4.969  1.00 35.20 ?  106 PHE A CG  1 
ATOM   429  C  CD1 . PHE A 1 54  ? 6.596   2.112   -5.156  1.00 36.09 ?  106 PHE A CD1 1 
ATOM   430  C  CD2 . PHE A 1 54  ? 8.925   2.451   -5.626  1.00 38.24 ?  106 PHE A CD2 1 
ATOM   431  C  CE1 . PHE A 1 54  ? 6.274   3.167   -6.002  1.00 36.29 ?  106 PHE A CE1 1 
ATOM   432  C  CE2 . PHE A 1 54  ? 8.605   3.502   -6.481  1.00 35.75 ?  106 PHE A CE2 1 
ATOM   433  C  CZ  . PHE A 1 54  ? 7.282   3.862   -6.669  1.00 36.08 ?  106 PHE A CZ  1 
ATOM   434  N  N   . LEU A 1 55  ? 8.200   -2.248  -5.483  1.00 34.84 ?  107 LEU A N   1 
ATOM   435  C  CA  . LEU A 1 55  ? 8.122   -3.220  -6.597  1.00 35.71 ?  107 LEU A CA  1 
ATOM   436  C  C   . LEU A 1 55  ? 6.914   -4.160  -6.499  1.00 37.34 ?  107 LEU A C   1 
ATOM   437  O  O   . LEU A 1 55  ? 6.312   -4.443  -7.515  1.00 38.17 ?  107 LEU A O   1 
ATOM   438  C  CB  . LEU A 1 55  ? 9.394   -4.057  -6.731  1.00 32.90 ?  107 LEU A CB  1 
ATOM   439  C  CG  . LEU A 1 55  ? 10.627  -3.252  -7.172  1.00 33.94 ?  107 LEU A CG  1 
ATOM   440  C  CD1 . LEU A 1 55  ? 11.929  -4.001  -6.876  1.00 34.40 ?  107 LEU A CD1 1 
ATOM   441  C  CD2 . LEU A 1 55  ? 10.545  -2.892  -8.644  1.00 33.56 ?  107 LEU A CD2 1 
ATOM   442  N  N   . GLN A 1 56  ? 6.583   -4.658  -5.306  1.00 36.93 ?  108 GLN A N   1 
ATOM   443  C  CA  . GLN A 1 56  ? 5.366   -5.448  -5.149  1.00 38.15 ?  108 GLN A CA  1 
ATOM   444  C  C   . GLN A 1 56  ? 4.145   -4.643  -5.597  1.00 35.09 ?  108 GLN A C   1 
ATOM   445  O  O   . GLN A 1 56  ? 3.344   -5.122  -6.388  1.00 34.05 ?  108 GLN A O   1 
ATOM   446  C  CB  . GLN A 1 56  ? 5.204   -5.944  -3.724  1.00 41.75 ?  108 GLN A CB  1 
ATOM   447  C  CG  . GLN A 1 56  ? 6.168   -7.079  -3.434  1.00 49.60 ?  108 GLN A CG  1 
ATOM   448  C  CD  . GLN A 1 56  ? 6.346   -7.415  -1.955  1.00 52.87 ?  108 GLN A CD  1 
ATOM   449  O  OE1 . GLN A 1 56  ? 6.049   -6.612  -1.059  1.00 60.61 ?  108 GLN A OE1 1 
ATOM   450  N  NE2 . GLN A 1 56  ? 6.853   -8.610  -1.702  1.00 45.83 ?  108 GLN A NE2 1 
ATOM   451  N  N   . ALA A 1 57  ? 4.034   -3.417  -5.107  1.00 34.41 ?  109 ALA A N   1 
ATOM   452  C  CA  . ALA A 1 57  ? 2.953   -2.500  -5.494  1.00 34.40 ?  109 ALA A CA  1 
ATOM   453  C  C   . ALA A 1 57  ? 2.835   -2.255  -7.012  1.00 34.09 ?  109 ALA A C   1 
ATOM   454  O  O   . ALA A 1 57  ? 1.732   -2.288  -7.598  1.00 34.80 ?  109 ALA A O   1 
ATOM   455  C  CB  . ALA A 1 57  ? 3.152   -1.176  -4.779  1.00 33.03 ?  109 ALA A CB  1 
ATOM   456  N  N   . ILE A 1 58  ? 3.976   -1.986  -7.629  1.00 33.72 ?  110 ILE A N   1 
ATOM   457  C  CA  . ILE A 1 58  ? 4.035   -1.764  -9.058  1.00 32.95 ?  110 ILE A CA  1 
ATOM   458  C  C   . ILE A 1 58  ? 3.663   -3.032  -9.816  1.00 33.07 ?  110 ILE A C   1 
ATOM   459  O  O   . ILE A 1 58  ? 2.898   -2.951  -10.772 1.00 33.44 ?  110 ILE A O   1 
ATOM   460  C  CB  . ILE A 1 58  ? 5.405   -1.210  -9.469  1.00 34.51 ?  110 ILE A CB  1 
ATOM   461  C  CG1 . ILE A 1 58  ? 5.515   0.246   -8.966  1.00 36.56 ?  110 ILE A CG1 1 
ATOM   462  C  CG2 . ILE A 1 58  ? 5.598   -1.290  -10.976 1.00 34.19 ?  110 ILE A CG2 1 
ATOM   463  C  CD1 . ILE A 1 58  ? 6.936   0.793   -8.924  1.00 36.97 ?  110 ILE A CD1 1 
ATOM   464  N  N   . SER A 1 59  ? 4.107   -4.202  -9.370  1.00 30.39 ?  111 SER A N   1 
ATOM   465  C  CA  . SER A 1 59  ? 3.671   -5.435  -10.045 1.00 33.90 ?  111 SER A CA  1 
ATOM   466  C  C   . SER A 1 59  ? 2.158   -5.643  -10.010 1.00 33.87 ?  111 SER A C   1 
ATOM   467  O  O   . SER A 1 59  ? 1.596   -6.237  -10.900 1.00 33.15 ?  111 SER A O   1 
ATOM   468  C  CB  . SER A 1 59  ? 4.335   -6.669  -9.457  1.00 35.38 ?  111 SER A CB  1 
ATOM   469  O  OG  . SER A 1 59  ? 3.913   -6.877  -8.121  1.00 38.88 ?  111 SER A OG  1 
ATOM   470  N  N   . LEU A 1 60  ? 1.521   -5.181  -8.952  1.00 34.24 ?  112 LEU A N   1 
ATOM   471  C  CA  . LEU A 1 60  ? 0.100   -5.371  -8.769  1.00 36.85 ?  112 LEU A CA  1 
ATOM   472  C  C   . LEU A 1 60  ? -0.712  -4.262  -9.432  1.00 36.47 ?  112 LEU A C   1 
ATOM   473  O  O   . LEU A 1 60  ? -1.765  -4.538  -10.001 1.00 37.76 ?  112 LEU A O   1 
ATOM   474  C  CB  . LEU A 1 60  ? -0.179  -5.420  -7.273  1.00 39.02 ?  112 LEU A CB  1 
ATOM   475  C  CG  . LEU A 1 60  ? -1.622  -5.646  -6.870  1.00 42.16 ?  112 LEU A CG  1 
ATOM   476  C  CD1 . LEU A 1 60  ? -2.032  -7.094  -7.125  1.00 40.07 ?  112 LEU A CD1 1 
ATOM   477  C  CD2 . LEU A 1 60  ? -1.780  -5.229  -5.402  1.00 42.07 ?  112 LEU A CD2 1 
ATOM   478  N  N   . LEU A 1 61  ? -0.225  -3.021  -9.351  1.00 34.77 ?  113 LEU A N   1 
ATOM   479  C  CA  . LEU A 1 61  ? -0.964  -1.835  -9.808  1.00 35.50 ?  113 LEU A CA  1 
ATOM   480  C  C   . LEU A 1 61  ? -0.503  -1.159  -11.113 1.00 33.84 ?  113 LEU A C   1 
ATOM   481  O  O   . LEU A 1 61  ? -1.263  -0.413  -11.681 1.00 32.17 ?  113 LEU A O   1 
ATOM   482  C  CB  . LEU A 1 61  ? -0.931  -0.785  -8.705  1.00 34.40 ?  113 LEU A CB  1 
ATOM   483  C  CG  . LEU A 1 61  ? -1.496  -1.192  -7.337  1.00 36.39 ?  113 LEU A CG  1 
ATOM   484  C  CD1 . LEU A 1 61  ? -1.342  -0.033  -6.346  1.00 35.99 ?  113 LEU A CD1 1 
ATOM   485  C  CD2 . LEU A 1 61  ? -2.959  -1.610  -7.432  1.00 36.71 ?  113 LEU A CD2 1 
ATOM   486  N  N   . GLY A 1 62  ? 0.723   -1.424  -11.562 1.00 34.04 ?  114 GLY A N   1 
ATOM   487  C  CA  . GLY A 1 62  ? 1.350   -0.741  -12.693 1.00 34.02 ?  114 GLY A CA  1 
ATOM   488  C  C   . GLY A 1 62  ? 2.264   0.341   -12.172 1.00 35.82 ?  114 GLY A C   1 
ATOM   489  O  O   . GLY A 1 62  ? 2.264   0.655   -10.980 1.00 36.86 ?  114 GLY A O   1 
ATOM   490  N  N   . LYS A 1 63  ? 3.036   0.935   -13.064 1.00 36.31 ?  115 LYS A N   1 
ATOM   491  C  CA  . LYS A 1 63  ? 4.027   1.953   -12.688 1.00 36.13 ?  115 LYS A CA  1 
ATOM   492  C  C   . LYS A 1 63  ? 3.391   3.343   -12.549 1.00 35.87 ?  115 LYS A C   1 
ATOM   493  O  O   . LYS A 1 63  ? 2.793   3.819   -13.496 1.00 38.65 ?  115 LYS A O   1 
ATOM   494  C  CB  . LYS A 1 63  ? 5.106   1.984   -13.760 1.00 36.23 ?  115 LYS A CB  1 
ATOM   495  C  CG  . LYS A 1 63  ? 6.248   2.958   -13.522 1.00 37.32 ?  115 LYS A CG  1 
ATOM   496  C  CD  . LYS A 1 63  ? 7.255   2.888   -14.657 1.00 35.85 ?  115 LYS A CD  1 
ATOM   497  C  CE  . LYS A 1 63  ? 8.454   3.737   -14.355 1.00 36.03 ?  115 LYS A CE  1 
ATOM   498  N  NZ  . LYS A 1 63  ? 9.397   3.732   -15.504 1.00 36.30 1  115 LYS A NZ  1 
ATOM   499  N  N   . PRO A 1 64  ? 3.522   4.006   -11.382 1.00 34.10 ?  116 PRO A N   1 
ATOM   500  C  CA  . PRO A 1 64  ? 2.970   5.363   -11.252 1.00 34.86 ?  116 PRO A CA  1 
ATOM   501  C  C   . PRO A 1 64  ? 3.863   6.430   -11.875 1.00 34.50 ?  116 PRO A C   1 
ATOM   502  O  O   . PRO A 1 64  ? 5.091   6.240   -11.958 1.00 32.67 ?  116 PRO A O   1 
ATOM   503  C  CB  . PRO A 1 64  ? 2.925   5.571   -9.735  1.00 35.87 ?  116 PRO A CB  1 
ATOM   504  C  CG  . PRO A 1 64  ? 4.052   4.765   -9.220  1.00 33.97 ?  116 PRO A CG  1 
ATOM   505  C  CD  . PRO A 1 64  ? 4.191   3.585   -10.140 1.00 34.06 ?  116 PRO A CD  1 
ATOM   506  N  N   . LEU A 1 65  ? 3.256   7.538   -12.295 1.00 33.64 ?  117 LEU A N   1 
ATOM   507  C  CA  . LEU A 1 65  ? 4.013   8.702   -12.750 1.00 35.15 ?  117 LEU A CA  1 
ATOM   508  C  C   . LEU A 1 65  ? 4.629   9.477   -11.572 1.00 34.64 ?  117 LEU A C   1 
ATOM   509  O  O   . LEU A 1 65  ? 5.741   9.964   -11.663 1.00 33.04 ?  117 LEU A O   1 
ATOM   510  C  CB  . LEU A 1 65  ? 3.122   9.650   -13.559 1.00 35.52 ?  117 LEU A CB  1 
ATOM   511  C  CG  . LEU A 1 65  ? 2.511   9.073   -14.843 1.00 38.40 ?  117 LEU A CG  1 
ATOM   512  C  CD1 . LEU A 1 65  ? 1.513   10.078  -15.415 1.00 38.97 ?  117 LEU A CD1 1 
ATOM   513  C  CD2 . LEU A 1 65  ? 3.573   8.695   -15.891 1.00 37.63 ?  117 LEU A CD2 1 
ATOM   514  N  N   . HIS A 1 66  ? 3.890   9.569   -10.472 1.00 35.04 ?  118 HIS A N   1 
ATOM   515  C  CA  . HIS A 1 66  ? 4.201   10.474  -9.376  1.00 35.92 ?  118 HIS A CA  1 
ATOM   516  C  C   . HIS A 1 66  ? 3.822   9.768   -8.076  1.00 34.15 ?  118 HIS A C   1 
ATOM   517  O  O   . HIS A 1 66  ? 2.720   9.229   -7.958  1.00 33.55 ?  118 HIS A O   1 
ATOM   518  C  CB  . HIS A 1 66  ? 3.377   11.769  -9.557  1.00 37.58 ?  118 HIS A CB  1 
ATOM   519  C  CG  . HIS A 1 66  ? 3.669   12.857  -8.566  1.00 39.65 ?  118 HIS A CG  1 
ATOM   520  N  ND1 . HIS A 1 66  ? 3.135   14.121  -8.692  1.00 44.35 ?  118 HIS A ND1 1 
ATOM   521  C  CD2 . HIS A 1 66  ? 4.409   12.883  -7.432  1.00 41.87 ?  118 HIS A CD2 1 
ATOM   522  C  CE1 . HIS A 1 66  ? 3.540   14.880  -7.689  1.00 40.67 ?  118 HIS A CE1 1 
ATOM   523  N  NE2 . HIS A 1 66  ? 4.318   14.152  -6.911  1.00 41.84 ?  118 HIS A NE2 1 
ATOM   524  N  N   . ILE A 1 67  ? 4.750   9.754   -7.127  1.00 33.25 ?  119 ILE A N   1 
ATOM   525  C  CA  . ILE A 1 67  ? 4.481   9.306   -5.752  1.00 35.05 ?  119 ILE A CA  1 
ATOM   526  C  C   . ILE A 1 67  ? 4.695   10.425  -4.712  1.00 32.76 ?  119 ILE A C   1 
ATOM   527  O  O   . ILE A 1 67  ? 5.605   11.242  -4.843  1.00 30.81 ?  119 ILE A O   1 
ATOM   528  C  CB  . ILE A 1 67  ? 5.318   8.072   -5.373  1.00 33.93 ?  119 ILE A CB  1 
ATOM   529  C  CG1 . ILE A 1 67  ? 6.798   8.323   -5.654  1.00 35.50 ?  119 ILE A CG1 1 
ATOM   530  C  CG2 . ILE A 1 67  ? 4.815   6.869   -6.145  1.00 35.08 ?  119 ILE A CG2 1 
ATOM   531  C  CD1 . ILE A 1 67  ? 7.748   7.479   -4.830  1.00 37.59 ?  119 ILE A CD1 1 
ATOM   532  N  N   . ASN A 1 68  ? 3.824   10.456  -3.704  1.00 33.19 ?  120 ASN A N   1 
ATOM   533  C  CA  . ASN A 1 68  ? 3.962   11.372  -2.575  1.00 34.97 ?  120 ASN A CA  1 
ATOM   534  C  C   . ASN A 1 68  ? 4.034   10.580  -1.294  1.00 34.89 ?  120 ASN A C   1 
ATOM   535  O  O   . ASN A 1 68  ? 3.180   9.736   -1.040  1.00 37.64 ?  120 ASN A O   1 
ATOM   536  C  CB  . ASN A 1 68  ? 2.801   12.370  -2.512  1.00 36.55 ?  120 ASN A CB  1 
ATOM   537  C  CG  . ASN A 1 68  ? 3.083   13.508  -1.560  1.00 38.53 ?  120 ASN A CG  1 
ATOM   538  O  OD1 . ASN A 1 68  ? 3.607   14.564  -1.954  1.00 39.68 ?  120 ASN A OD1 1 
ATOM   539  N  ND2 . ASN A 1 68  ? 2.801   13.285  -0.280  1.00 40.91 ?  120 ASN A ND2 1 
ATOM   540  N  N   . THR A 1 69  ? 5.061   10.862  -0.498  1.00 35.27 ?  121 THR A N   1 
ATOM   541  C  CA  . THR A 1 69  ? 5.324   10.194  0.770   1.00 34.41 ?  121 THR A CA  1 
ATOM   542  C  C   . THR A 1 69  ? 5.520   11.220  1.909   1.00 36.41 ?  121 THR A C   1 
ATOM   543  O  O   . THR A 1 69  ? 5.506   12.430  1.682   1.00 34.82 ?  121 THR A O   1 
ATOM   544  C  CB  . THR A 1 69  ? 6.599   9.321   0.646   1.00 33.91 ?  121 THR A CB  1 
ATOM   545  O  OG1 . THR A 1 69  ? 7.770   10.145  0.480   1.00 31.20 ?  121 THR A OG1 1 
ATOM   546  C  CG2 . THR A 1 69  ? 6.474   8.361   -0.543  1.00 35.67 ?  121 THR A CG2 1 
ATOM   547  N  N   . ASP A 1 70  ? 5.695   10.720  3.131   1.00 38.83 ?  122 ASP A N   1 
ATOM   548  C  CA  . ASP A 1 70  ? 6.180   11.536  4.264   1.00 41.38 ?  122 ASP A CA  1 
ATOM   549  C  C   . ASP A 1 70  ? 7.701   11.653  4.159   1.00 42.31 ?  122 ASP A C   1 
ATOM   550  O  O   . ASP A 1 70  ? 8.309   11.126  3.213   1.00 42.26 ?  122 ASP A O   1 
ATOM   551  C  CB  . ASP A 1 70  ? 5.701   11.003  5.659   1.00 41.23 ?  122 ASP A CB  1 
ATOM   552  C  CG  . ASP A 1 70  ? 6.241   9.606   6.033   1.00 43.71 ?  122 ASP A CG  1 
ATOM   553  O  OD1 . ASP A 1 70  ? 7.200   9.083   5.408   1.00 46.90 ?  122 ASP A OD1 1 
ATOM   554  O  OD2 . ASP A 1 70  ? 5.685   9.009   6.999   1.00 46.46 -1 122 ASP A OD2 1 
ATOM   555  N  N   . ASN A 1 71  ? 8.302   12.338  5.128   1.00 42.77 ?  123 ASN A N   1 
ATOM   556  C  CA  . ASN A 1 71  ? 9.758   12.475  5.223   1.00 44.04 ?  123 ASN A CA  1 
ATOM   557  C  C   . ASN A 1 71  ? 10.465  11.347  5.962   1.00 41.86 ?  123 ASN A C   1 
ATOM   558  O  O   . ASN A 1 71  ? 11.565  11.551  6.445   1.00 42.54 ?  123 ASN A O   1 
ATOM   559  C  CB  . ASN A 1 71  ? 10.113  13.799  5.915   1.00 45.43 ?  123 ASN A CB  1 
ATOM   560  C  CG  . ASN A 1 71  ? 9.659   14.994  5.128   1.00 48.24 ?  123 ASN A CG  1 
ATOM   561  O  OD1 . ASN A 1 71  ? 8.979   15.857  5.663   1.00 55.20 ?  123 ASN A OD1 1 
ATOM   562  N  ND2 . ASN A 1 71  ? 10.021  15.051  3.844   1.00 46.42 ?  123 ASN A ND2 1 
ATOM   563  N  N   . GLY A 1 72  ? 9.874   10.162  6.044   1.00 42.60 ?  124 GLY A N   1 
ATOM   564  C  CA  . GLY A 1 72  ? 10.555  9.036   6.668   1.00 45.55 ?  124 GLY A CA  1 
ATOM   565  C  C   . GLY A 1 72  ? 11.875  8.760   5.960   1.00 47.48 ?  124 GLY A C   1 
ATOM   566  O  O   . GLY A 1 72  ? 11.970  8.978   4.742   1.00 52.29 ?  124 GLY A O   1 
ATOM   567  N  N   . PRO A 1 73  ? 12.900  8.280   6.697   1.00 47.01 ?  125 PRO A N   1 
ATOM   568  C  CA  . PRO A 1 73  ? 14.259  8.167   6.102   1.00 44.99 ?  125 PRO A CA  1 
ATOM   569  C  C   . PRO A 1 73  ? 14.450  7.140   4.962   1.00 43.25 ?  125 PRO A C   1 
ATOM   570  O  O   . PRO A 1 73  ? 15.269  7.371   4.068   1.00 40.62 ?  125 PRO A O   1 
ATOM   571  C  CB  . PRO A 1 73  ? 15.142  7.811   7.307   1.00 45.42 ?  125 PRO A CB  1 
ATOM   572  C  CG  . PRO A 1 73  ? 14.343  8.208   8.511   1.00 45.86 ?  125 PRO A CG  1 
ATOM   573  C  CD  . PRO A 1 73  ? 12.920  7.932   8.132   1.00 46.76 ?  125 PRO A CD  1 
ATOM   574  N  N   . ALA A 1 74  ? 13.705  6.034   4.981   1.00 41.83 ?  126 ALA A N   1 
ATOM   575  C  CA  . ALA A 1 74  ? 13.695  5.108   3.836   1.00 42.22 ?  126 ALA A CA  1 
ATOM   576  C  C   . ALA A 1 74  ? 13.292  5.830   2.549   1.00 40.56 ?  126 ALA A C   1 
ATOM   577  O  O   . ALA A 1 74  ? 13.981  5.698   1.546   1.00 38.59 ?  126 ALA A O   1 
ATOM   578  C  CB  . ALA A 1 74  ? 12.776  3.931   4.085   1.00 42.88 ?  126 ALA A CB  1 
ATOM   579  N  N   . PHE A 1 75  ? 12.219  6.630   2.608   1.00 38.94 ?  127 PHE A N   1 
ATOM   580  C  CA  . PHE A 1 75  ? 11.805  7.454   1.454   1.00 38.67 ?  127 PHE A CA  1 
ATOM   581  C  C   . PHE A 1 75  ? 12.815  8.540   1.052   1.00 38.50 ?  127 PHE A C   1 
ATOM   582  O  O   . PHE A 1 75  ? 12.847  8.921   -0.111  1.00 38.83 ?  127 PHE A O   1 
ATOM   583  C  CB  . PHE A 1 75  ? 10.459  8.147   1.680   1.00 37.96 ?  127 PHE A CB  1 
ATOM   584  C  CG  . PHE A 1 75  ? 9.320   7.212   1.929   1.00 36.52 ?  127 PHE A CG  1 
ATOM   585  C  CD1 . PHE A 1 75  ? 9.018   6.203   1.031   1.00 36.51 ?  127 PHE A CD1 1 
ATOM   586  C  CD2 . PHE A 1 75  ? 8.523   7.370   3.059   1.00 36.79 ?  127 PHE A CD2 1 
ATOM   587  C  CE1 . PHE A 1 75  ? 7.946   5.354   1.249   1.00 35.53 ?  127 PHE A CE1 1 
ATOM   588  C  CE2 . PHE A 1 75  ? 7.471   6.519   3.297   1.00 36.84 ?  127 PHE A CE2 1 
ATOM   589  C  CZ  . PHE A 1 75  ? 7.177   5.511   2.385   1.00 35.56 ?  127 PHE A CZ  1 
ATOM   590  N  N   . LEU A 1 76  ? 13.611  9.041   1.996   1.00 37.51 ?  128 LEU A N   1 
ATOM   591  C  CA  . LEU A 1 76  ? 14.627  10.048  1.706   1.00 39.54 ?  128 LEU A CA  1 
ATOM   592  C  C   . LEU A 1 76  ? 16.036  9.494   1.456   1.00 39.27 ?  128 LEU A C   1 
ATOM   593  O  O   . LEU A 1 76  ? 16.934  10.248  1.065   1.00 39.22 ?  128 LEU A O   1 
ATOM   594  C  CB  . LEU A 1 76  ? 14.672  11.069  2.846   1.00 42.32 ?  128 LEU A CB  1 
ATOM   595  C  CG  . LEU A 1 76  ? 13.349  11.818  3.119   1.00 43.56 ?  128 LEU A CG  1 
ATOM   596  C  CD1 . LEU A 1 76  ? 13.558  12.863  4.210   1.00 43.02 ?  128 LEU A CD1 1 
ATOM   597  C  CD2 . LEU A 1 76  ? 12.772  12.471  1.868   1.00 42.92 ?  128 LEU A CD2 1 
ATOM   598  N  N   . SER A 1 77  ? 16.228  8.195   1.671   1.00 38.07 ?  129 SER A N   1 
ATOM   599  C  CA  . SER A 1 77  ? 17.495  7.521   1.376   1.00 37.70 ?  129 SER A CA  1 
ATOM   600  C  C   . SER A 1 77  ? 17.987  7.739   -0.049  1.00 37.95 ?  129 SER A C   1 
ATOM   601  O  O   . SER A 1 77  ? 17.203  7.886   -0.996  1.00 36.79 ?  129 SER A O   1 
ATOM   602  C  CB  . SER A 1 77  ? 17.383  6.002   1.614   1.00 36.44 ?  129 SER A CB  1 
ATOM   603  O  OG  . SER A 1 77  ? 16.423  5.407   0.757   1.00 36.04 ?  129 SER A OG  1 
ATOM   604  N  N   . GLN A 1 78  ? 19.300  7.704   -0.192  1.00 39.29 ?  130 GLN A N   1 
ATOM   605  C  CA  . GLN A 1 78  ? 19.913  7.814   -1.496  1.00 42.49 ?  130 GLN A CA  1 
ATOM   606  C  C   . GLN A 1 78  ? 19.498  6.659   -2.404  1.00 41.65 ?  130 GLN A C   1 
ATOM   607  O  O   . GLN A 1 78  ? 19.362  6.866   -3.605  1.00 42.20 ?  130 GLN A O   1 
ATOM   608  C  CB  . GLN A 1 78  ? 21.430  7.891   -1.377  1.00 44.80 ?  130 GLN A CB  1 
ATOM   609  C  CG  . GLN A 1 78  ? 22.103  8.422   -2.627  1.00 48.30 ?  130 GLN A CG  1 
ATOM   610  C  CD  . GLN A 1 78  ? 23.569  8.744   -2.403  1.00 54.78 ?  130 GLN A CD  1 
ATOM   611  O  OE1 . GLN A 1 78  ? 23.973  9.143   -1.305  1.00 58.98 ?  130 GLN A OE1 1 
ATOM   612  N  NE2 . GLN A 1 78  ? 24.382  8.573   -3.445  1.00 59.25 ?  130 GLN A NE2 1 
ATOM   613  N  N   . GLU A 1 79  ? 19.272  5.477   -1.821  1.00 41.26 ?  131 GLU A N   1 
ATOM   614  C  CA  . GLU A 1 79  ? 18.821  4.290   -2.562  1.00 41.79 ?  131 GLU A CA  1 
ATOM   615  C  C   . GLU A 1 79  ? 17.435  4.509   -3.175  1.00 39.16 ?  131 GLU A C   1 
ATOM   616  O  O   . GLU A 1 79  ? 17.243  4.232   -4.354  1.00 36.19 ?  131 GLU A O   1 
ATOM   617  C  CB  . GLU A 1 79  ? 18.775  3.024   -1.683  1.00 45.64 ?  131 GLU A CB  1 
ATOM   618  C  CG  . GLU A 1 79  ? 20.134  2.445   -1.312  1.00 49.78 ?  131 GLU A CG  1 
ATOM   619  C  CD  . GLU A 1 79  ? 20.833  3.161   -0.158  1.00 52.97 ?  131 GLU A CD  1 
ATOM   620  O  OE1 . GLU A 1 79  ? 20.378  4.255   0.273   1.00 55.09 ?  131 GLU A OE1 1 
ATOM   621  O  OE2 . GLU A 1 79  ? 21.854  2.618   0.322   1.00 56.69 -1 131 GLU A OE2 1 
ATOM   622  N  N   . PHE A 1 80  ? 16.483  4.998   -2.379  1.00 37.85 ?  132 PHE A N   1 
ATOM   623  C  CA  . PHE A 1 80  ? 15.120  5.264   -2.897  1.00 38.67 ?  132 PHE A CA  1 
ATOM   624  C  C   . PHE A 1 80  ? 15.089  6.441   -3.890  1.00 38.83 ?  132 PHE A C   1 
ATOM   625  O  O   . PHE A 1 80  ? 14.396  6.350   -4.900  1.00 39.41 ?  132 PHE A O   1 
ATOM   626  C  CB  . PHE A 1 80  ? 14.101  5.461   -1.763  1.00 37.91 ?  132 PHE A CB  1 
ATOM   627  C  CG  . PHE A 1 80  ? 12.656  5.451   -2.216  1.00 38.65 ?  132 PHE A CG  1 
ATOM   628  C  CD1 . PHE A 1 80  ? 11.975  4.258   -2.407  1.00 38.67 ?  132 PHE A CD1 1 
ATOM   629  C  CD2 . PHE A 1 80  ? 11.967  6.648   -2.431  1.00 39.99 ?  132 PHE A CD2 1 
ATOM   630  C  CE1 . PHE A 1 80  ? 10.632  4.246   -2.806  1.00 40.86 ?  132 PHE A CE1 1 
ATOM   631  C  CE2 . PHE A 1 80  ? 10.639  6.643   -2.848  1.00 40.43 ?  132 PHE A CE2 1 
ATOM   632  C  CZ  . PHE A 1 80  ? 9.963   5.438   -3.033  1.00 38.65 ?  132 PHE A CZ  1 
ATOM   633  N  N   . GLN A 1 81  ? 15.848  7.516   -3.650  1.00 39.34 ?  133 GLN A N   1 
ATOM   634  C  CA  . GLN A 1 81  ? 15.891  8.599   -4.638  1.00 41.03 ?  133 GLN A CA  1 
ATOM   635  C  C   . GLN A 1 81  ? 16.529  8.130   -5.948  1.00 38.82 ?  133 GLN A C   1 
ATOM   636  O  O   . GLN A 1 81  ? 16.052  8.468   -7.025  1.00 37.20 ?  133 GLN A O   1 
ATOM   637  C  CB  . GLN A 1 81  ? 16.623  9.849   -4.127  1.00 46.65 ?  133 GLN A CB  1 
ATOM   638  C  CG  . GLN A 1 81  ? 16.072  10.490  -2.845  1.00 52.07 ?  133 GLN A CG  1 
ATOM   639  C  CD  . GLN A 1 81  ? 14.582  10.834  -2.868  1.00 55.49 ?  133 GLN A CD  1 
ATOM   640  O  OE1 . GLN A 1 81  ? 14.014  11.238  -3.893  1.00 56.29 ?  133 GLN A OE1 1 
ATOM   641  N  NE2 . GLN A 1 81  ? 13.943  10.689  -1.710  1.00 58.77 ?  133 GLN A NE2 1 
ATOM   642  N  N   . GLU A 1 82  ? 17.598  7.350   -5.868  1.00 38.12 ?  134 GLU A N   1 
ATOM   643  C  CA  . GLU A 1 82  ? 18.230  6.830   -7.091  1.00 39.36 ?  134 GLU A CA  1 
ATOM   644  C  C   . GLU A 1 82  ? 17.277  5.938   -7.894  1.00 37.57 ?  134 GLU A C   1 
ATOM   645  O  O   . GLU A 1 82  ? 17.242  6.007   -9.115  1.00 35.30 ?  134 GLU A O   1 
ATOM   646  C  CB  . GLU A 1 82  ? 19.526  6.078   -6.775  1.00 41.22 ?  134 GLU A CB  1 
ATOM   647  C  CG  . GLU A 1 82  ? 20.708  7.010   -6.565  1.00 47.49 ?  134 GLU A CG  1 
ATOM   648  C  CD  . GLU A 1 82  ? 21.955  6.320   -6.011  1.00 50.73 ?  134 GLU A CD  1 
ATOM   649  O  OE1 . GLU A 1 82  ? 21.967  5.075   -5.886  1.00 58.40 ?  134 GLU A OE1 1 
ATOM   650  O  OE2 . GLU A 1 82  ? 22.930  7.029   -5.687  1.00 52.60 -1 134 GLU A OE2 1 
ATOM   651  N  N   . PHE A 1 83  ? 16.503  5.112   -7.186  1.00 36.29 ?  135 PHE A N   1 
ATOM   652  C  CA  . PHE A 1 83  ? 15.516  4.248   -7.800  1.00 35.74 ?  135 PHE A CA  1 
ATOM   653  C  C   . PHE A 1 83  ? 14.501  5.098   -8.557  1.00 32.24 ?  135 PHE A C   1 
ATOM   654  O  O   . PHE A 1 83  ? 14.276  4.902   -9.744  1.00 31.09 ?  135 PHE A O   1 
ATOM   655  C  CB  . PHE A 1 83  ? 14.858  3.362   -6.727  1.00 36.00 ?  135 PHE A CB  1 
ATOM   656  C  CG  . PHE A 1 83  ? 13.823  2.424   -7.265  1.00 37.15 ?  135 PHE A CG  1 
ATOM   657  C  CD1 . PHE A 1 83  ? 12.501  2.850   -7.445  1.00 36.07 ?  135 PHE A CD1 1 
ATOM   658  C  CD2 . PHE A 1 83  ? 14.154  1.106   -7.587  1.00 37.33 ?  135 PHE A CD2 1 
ATOM   659  C  CE1 . PHE A 1 83  ? 11.544  1.975   -7.951  1.00 36.26 ?  135 PHE A CE1 1 
ATOM   660  C  CE2 . PHE A 1 83  ? 13.194  0.232   -8.083  1.00 34.81 ?  135 PHE A CE2 1 
ATOM   661  C  CZ  . PHE A 1 83  ? 11.893  0.667   -8.273  1.00 35.64 ?  135 PHE A CZ  1 
ATOM   662  N  N   . CYS A 1 84  ? 13.942  6.084   -7.884  1.00 31.57 ?  136 CYS A N   1 
ATOM   663  C  CA  . CYS A 1 84  ? 12.930  6.950   -8.522  1.00 33.18 ?  136 CYS A CA  1 
ATOM   664  C  C   . CYS A 1 84  ? 13.481  7.749   -9.701  1.00 31.97 ?  136 CYS A C   1 
ATOM   665  O  O   . CYS A 1 84  ? 12.832  7.851   -10.740 1.00 30.54 ?  136 CYS A O   1 
ATOM   666  C  CB  . CYS A 1 84  ? 12.271  7.867   -7.483  1.00 33.55 ?  136 CYS A CB  1 
ATOM   667  S  SG  . CYS A 1 84  ? 11.232  6.936   -6.333  1.00 36.10 ?  136 CYS A SG  1 
ATOM   668  N  N   . THR A 1 85  ? 14.691  8.272   -9.551  1.00 31.29 ?  137 THR A N   1 
ATOM   669  C  CA  . THR A 1 85  ? 15.328  9.028   -10.607 1.00 32.76 ?  137 THR A CA  1 
ATOM   670  C  C   . THR A 1 85  ? 15.601  8.158   -11.838 1.00 33.60 ?  137 THR A C   1 
ATOM   671  O  O   . THR A 1 85  ? 15.303  8.559   -12.973 1.00 37.20 ?  137 THR A O   1 
ATOM   672  C  CB  . THR A 1 85  ? 16.670  9.647   -10.134 1.00 33.33 ?  137 THR A CB  1 
ATOM   673  O  OG1 . THR A 1 85  ? 16.505  10.284  -8.867  1.00 33.17 ?  137 THR A OG1 1 
ATOM   674  C  CG2 . THR A 1 85  ? 17.151  10.681  -11.119 1.00 33.15 ?  137 THR A CG2 1 
ATOM   675  N  N   . SER A 1 86  ? 16.193  6.990   -11.608 1.00 33.69 ?  138 SER A N   1 
ATOM   676  C  CA  . SER A 1 86  ? 16.557  6.048   -12.680 1.00 35.11 ?  138 SER A CA  1 
ATOM   677  C  C   . SER A 1 86  ? 15.366  5.585   -13.498 1.00 33.40 ?  138 SER A C   1 
ATOM   678  O  O   . SER A 1 86  ? 15.473  5.363   -14.699 1.00 32.67 ?  138 SER A O   1 
ATOM   679  C  CB  . SER A 1 86  ? 17.178  4.793   -12.071 1.00 38.11 ?  138 SER A CB  1 
ATOM   680  O  OG  . SER A 1 86  ? 18.281  5.125   -11.262 1.00 38.51 ?  138 SER A OG  1 
ATOM   681  N  N   . TYR A 1 87  ? 14.236  5.390   -12.830 1.00 33.03 ?  139 TYR A N   1 
ATOM   682  C  CA  . TYR A 1 87  ? 13.048  4.884   -13.513 1.00 32.76 ?  139 TYR A CA  1 
ATOM   683  C  C   . TYR A 1 87  ? 11.962  5.929   -13.751 1.00 32.27 ?  139 TYR A C   1 
ATOM   684  O  O   . TYR A 1 87  ? 10.833  5.554   -14.083 1.00 33.12 ?  139 TYR A O   1 
ATOM   685  C  CB  . TYR A 1 87  ? 12.529  3.627   -12.789 1.00 32.22 ?  139 TYR A CB  1 
ATOM   686  C  CG  . TYR A 1 87  ? 13.630  2.601   -12.632 1.00 29.52 ?  139 TYR A CG  1 
ATOM   687  C  CD1 . TYR A 1 87  ? 14.255  2.058   -13.763 1.00 29.13 ?  139 TYR A CD1 1 
ATOM   688  C  CD2 . TYR A 1 87  ? 14.053  2.182   -11.363 1.00 27.78 ?  139 TYR A CD2 1 
ATOM   689  C  CE1 . TYR A 1 87  ? 15.265  1.113   -13.636 1.00 28.86 ?  139 TYR A CE1 1 
ATOM   690  C  CE2 . TYR A 1 87  ? 15.065  1.251   -11.218 1.00 28.49 ?  139 TYR A CE2 1 
ATOM   691  C  CZ  . TYR A 1 87  ? 15.678  0.707   -12.352 1.00 29.19 ?  139 TYR A CZ  1 
ATOM   692  O  OH  . TYR A 1 87  ? 16.717  -0.214  -12.208 1.00 28.21 ?  139 TYR A OH  1 
ATOM   693  N  N   . HIS A 1 88  ? 12.314  7.222   -13.632 1.00 32.17 ?  140 HIS A N   1 
ATOM   694  C  CA  . HIS A 1 88  ? 11.440  8.369   -14.005 1.00 32.09 ?  140 HIS A CA  1 
ATOM   695  C  C   . HIS A 1 88  ? 10.116  8.394   -13.249 1.00 31.91 ?  140 HIS A C   1 
ATOM   696  O  O   . HIS A 1 88  ? 9.033   8.468   -13.828 1.00 31.46 ?  140 HIS A O   1 
ATOM   697  C  CB  . HIS A 1 88  ? 11.245  8.438   -15.519 1.00 32.88 ?  140 HIS A CB  1 
ATOM   698  C  CG  . HIS A 1 88  ? 12.535  8.458   -16.266 1.00 35.21 ?  140 HIS A CG  1 
ATOM   699  N  ND1 . HIS A 1 88  ? 13.014  7.363   -16.961 1.00 36.82 ?  140 HIS A ND1 1 
ATOM   700  C  CD2 . HIS A 1 88  ? 13.499  9.407   -16.349 1.00 36.34 ?  140 HIS A CD2 1 
ATOM   701  C  CE1 . HIS A 1 88  ? 14.195  7.653   -17.482 1.00 35.33 ?  140 HIS A CE1 1 
ATOM   702  N  NE2 . HIS A 1 88  ? 14.509  8.889   -17.132 1.00 35.54 ?  140 HIS A NE2 1 
ATOM   703  N  N   . ILE A 1 89  ? 10.226  8.311   -11.934 1.00 32.83 ?  141 ILE A N   1 
ATOM   704  C  CA  . ILE A 1 89  ? 9.086   8.426   -11.051 1.00 34.46 ?  141 ILE A CA  1 
ATOM   705  C  C   . ILE A 1 89  ? 9.298   9.710   -10.240 1.00 36.11 ?  141 ILE A C   1 
ATOM   706  O  O   . ILE A 1 89  ? 10.284  9.823   -9.492  1.00 33.63 ?  141 ILE A O   1 
ATOM   707  C  CB  . ILE A 1 89  ? 8.978   7.202   -10.120 1.00 35.00 ?  141 ILE A CB  1 
ATOM   708  C  CG1 . ILE A 1 89  ? 8.789   5.908   -10.933 1.00 35.69 ?  141 ILE A CG1 1 
ATOM   709  C  CG2 . ILE A 1 89  ? 7.796   7.367   -9.175  1.00 34.89 ?  141 ILE A CG2 1 
ATOM   710  C  CD1 . ILE A 1 89  ? 9.029   4.624   -10.157 1.00 35.13 ?  141 ILE A CD1 1 
ATOM   711  N  N   . LYS A 1 90  ? 8.392   10.678  -10.411 1.00 36.14 ?  142 LYS A N   1 
ATOM   712  C  CA  . LYS A 1 90  ? 8.441   11.936  -9.642  1.00 37.52 ?  142 LYS A CA  1 
ATOM   713  C  C   . LYS A 1 90  ? 8.109   11.618  -8.184  1.00 36.48 ?  142 LYS A C   1 
ATOM   714  O  O   . LYS A 1 90  ? 7.170   10.853  -7.902  1.00 36.70 ?  142 LYS A O   1 
ATOM   715  C  CB  . LYS A 1 90  ? 7.449   12.949  -10.226 1.00 40.22 ?  142 LYS A CB  1 
ATOM   716  C  CG  . LYS A 1 90  ? 7.277   14.238  -9.452  1.00 43.76 ?  142 LYS A CG  1 
ATOM   717  C  CD  . LYS A 1 90  ? 6.551   15.271  -10.304 1.00 48.20 ?  142 LYS A CD  1 
ATOM   718  C  CE  . LYS A 1 90  ? 6.266   16.556  -9.530  1.00 50.46 ?  142 LYS A CE  1 
ATOM   719  N  NZ  . LYS A 1 90  ? 7.498   17.244  -9.063  1.00 52.09 1  142 LYS A NZ  1 
ATOM   720  N  N   . HIS A 1 91  ? 8.892   12.178  -7.270  1.00 34.96 ?  143 HIS A N   1 
ATOM   721  C  CA  . HIS A 1 91  ? 8.735   11.938  -5.844  1.00 34.13 ?  143 HIS A CA  1 
ATOM   722  C  C   . HIS A 1 91  ? 8.652   13.255  -5.123  1.00 33.97 ?  143 HIS A C   1 
ATOM   723  O  O   . HIS A 1 91  ? 9.586   14.029  -5.172  1.00 36.61 ?  143 HIS A O   1 
ATOM   724  C  CB  . HIS A 1 91  ? 9.912   11.135  -5.307  1.00 33.99 ?  143 HIS A CB  1 
ATOM   725  C  CG  . HIS A 1 91  ? 9.781   10.784  -3.863  1.00 34.29 ?  143 HIS A CG  1 
ATOM   726  N  ND1 . HIS A 1 91  ? 10.869  10.572  -3.050  1.00 34.10 ?  143 HIS A ND1 1 
ATOM   727  C  CD2 . HIS A 1 91  ? 8.688   10.616  -3.083  1.00 34.83 ?  143 HIS A CD2 1 
ATOM   728  C  CE1 . HIS A 1 91  ? 10.448  10.273  -1.835  1.00 34.25 ?  143 HIS A CE1 1 
ATOM   729  N  NE2 . HIS A 1 91  ? 9.132   10.303  -1.824  1.00 32.56 ?  143 HIS A NE2 1 
ATOM   730  N  N   . SER A 1 92  ? 7.542   13.508  -4.452  1.00 33.42 ?  144 SER A N   1 
ATOM   731  C  CA  . SER A 1 92  ? 7.383   14.700  -3.645  1.00 33.95 ?  144 SER A CA  1 
ATOM   732  C  C   . SER A 1 92  ? 7.007   14.252  -2.255  1.00 35.49 ?  144 SER A C   1 
ATOM   733  O  O   . SER A 1 92  ? 6.658   13.091  -2.056  1.00 37.13 ?  144 SER A O   1 
ATOM   734  C  CB  . SER A 1 92  ? 6.306   15.591  -4.246  1.00 33.66 ?  144 SER A CB  1 
ATOM   735  O  OG  . SER A 1 92  ? 5.103   14.851  -4.439  1.00 36.01 ?  144 SER A OG  1 
ATOM   736  N  N   . THR A 1 93  ? 7.083   15.173  -1.296  1.00 39.63 ?  145 THR A N   1 
ATOM   737  C  CA  . THR A 1 93  ? 6.826   14.870  0.133   1.00 42.58 ?  145 THR A CA  1 
ATOM   738  C  C   . THR A 1 93  ? 5.861   15.889  0.782   1.00 43.50 ?  145 THR A C   1 
ATOM   739  O  O   . THR A 1 93  ? 6.181   16.492  1.783   1.00 42.85 ?  145 THR A O   1 
ATOM   740  C  CB  . THR A 1 93  ? 8.154   14.736  0.951   1.00 41.18 ?  145 THR A CB  1 
ATOM   741  O  OG1 . THR A 1 93  ? 8.953   15.903  0.767   1.00 41.73 ?  145 THR A OG1 1 
ATOM   742  C  CG2 . THR A 1 93  ? 8.985   13.509  0.519   1.00 40.03 ?  145 THR A CG2 1 
ATOM   743  N  N   . HIS A 1 94  ? 4.674   16.050  0.199   1.00 49.83 ?  146 HIS A N   1 
ATOM   744  C  CA  . HIS A 1 94  ? 3.622   16.920  0.753   1.00 53.47 ?  146 HIS A CA  1 
ATOM   745  C  C   . HIS A 1 94  ? 2.821   16.226  1.850   1.00 51.42 ?  146 HIS A C   1 
ATOM   746  O  O   . HIS A 1 94  ? 2.238   16.904  2.704   1.00 52.51 ?  146 HIS A O   1 
ATOM   747  C  CB  . HIS A 1 94  ? 2.667   17.395  -0.347  1.00 56.25 ?  146 HIS A CB  1 
ATOM   748  C  CG  . HIS A 1 94  ? 3.346   18.102  -1.485  1.00 60.95 ?  146 HIS A CG  1 
ATOM   749  N  ND1 . HIS A 1 94  ? 3.318   17.628  -2.784  1.00 62.84 ?  146 HIS A ND1 1 
ATOM   750  C  CD2 . HIS A 1 94  ? 4.071   19.248  -1.523  1.00 62.38 ?  146 HIS A CD2 1 
ATOM   751  C  CE1 . HIS A 1 94  ? 3.991   18.452  -3.571  1.00 60.57 ?  146 HIS A CE1 1 
ATOM   752  N  NE2 . HIS A 1 94  ? 4.460   19.442  -2.829  1.00 61.93 ?  146 HIS A NE2 1 
ATOM   753  N  N   . GLY A 1 103 ? -8.307  11.074  5.765   1.00 33.65 ?  155 GLY A N   1 
ATOM   754  C  CA  . GLY A 1 103 ? -7.119  11.101  4.863   1.00 37.37 ?  155 GLY A CA  1 
ATOM   755  C  C   . GLY A 1 103 ? -6.802  9.755   4.193   1.00 36.04 ?  155 GLY A C   1 
ATOM   756  O  O   . GLY A 1 103 ? -6.950  8.717   4.814   1.00 36.00 ?  155 GLY A O   1 
ATOM   757  N  N   . LEU A 1 104 ? -6.386  9.767   2.924   1.00 38.46 ?  156 LEU A N   1 
ATOM   758  C  CA  . LEU A 1 104 ? -6.390  8.549   2.070   1.00 39.59 ?  156 LEU A CA  1 
ATOM   759  C  C   . LEU A 1 104 ? -5.611  7.347   2.623   1.00 40.97 ?  156 LEU A C   1 
ATOM   760  O  O   . LEU A 1 104 ? -6.099  6.214   2.581   1.00 38.56 ?  156 LEU A O   1 
ATOM   761  C  CB  . LEU A 1 104 ? -5.901  8.835   0.646   1.00 38.09 ?  156 LEU A CB  1 
ATOM   762  C  CG  . LEU A 1 104 ? -5.995  7.630   -0.317  1.00 41.95 ?  156 LEU A CG  1 
ATOM   763  C  CD1 . LEU A 1 104 ? -7.442  7.140   -0.436  1.00 42.12 ?  156 LEU A CD1 1 
ATOM   764  C  CD2 . LEU A 1 104 ? -5.389  7.957   -1.678  1.00 42.12 ?  156 LEU A CD2 1 
ATOM   765  N  N   . VAL A 1 105 ? -4.398  7.588   3.101   1.00 43.31 ?  157 VAL A N   1 
ATOM   766  C  CA  . VAL A 1 105 ? -3.578  6.484   3.554   1.00 48.26 ?  157 VAL A CA  1 
ATOM   767  C  C   . VAL A 1 105 ? -4.115  6.003   4.898   1.00 47.77 ?  157 VAL A C   1 
ATOM   768  O  O   . VAL A 1 105 ? -4.323  4.793   5.050   1.00 47.15 ?  157 VAL A O   1 
ATOM   769  C  CB  . VAL A 1 105 ? -2.083  6.821   3.643   1.00 50.17 ?  157 VAL A CB  1 
ATOM   770  C  CG1 . VAL A 1 105 ? -1.298  5.565   4.019   1.00 51.54 ?  157 VAL A CG1 1 
ATOM   771  C  CG2 . VAL A 1 105 ? -1.589  7.362   2.310   1.00 52.04 ?  157 VAL A CG2 1 
ATOM   772  N  N   . GLU A 1 106 ? -4.368  6.939   5.826   1.00 44.96 ?  158 GLU A N   1 
ATOM   773  C  CA  . GLU A 1 106 ? -4.907  6.622   7.168   1.00 48.43 ?  158 GLU A CA  1 
ATOM   774  C  C   . GLU A 1 106 ? -6.209  5.837   7.105   1.00 44.28 ?  158 GLU A C   1 
ATOM   775  O  O   . GLU A 1 106 ? -6.399  4.862   7.815   1.00 44.56 ?  158 GLU A O   1 
ATOM   776  C  CB  . GLU A 1 106 ? -5.164  7.884   7.995   1.00 52.82 ?  158 GLU A CB  1 
ATOM   777  C  CG  . GLU A 1 106 ? -3.941  8.460   8.688   1.00 60.31 ?  158 GLU A CG  1 
ATOM   778  C  CD  . GLU A 1 106 ? -4.295  9.518   9.722   1.00 69.15 ?  158 GLU A CD  1 
ATOM   779  O  OE1 . GLU A 1 106 ? -5.290  10.276  9.515   1.00 76.75 ?  158 GLU A OE1 1 
ATOM   780  O  OE2 . GLU A 1 106 ? -3.571  9.591   10.744  1.00 76.07 -1 158 GLU A OE2 1 
ATOM   781  N  N   . ARG A 1 107 ? -7.101  6.298   6.253   1.00 41.02 ?  159 ARG A N   1 
ATOM   782  C  CA  . ARG A 1 107 ? -8.368  5.682   6.070   1.00 39.17 ?  159 ARG A CA  1 
ATOM   783  C  C   . ARG A 1 107 ? -8.130  4.299   5.440   1.00 38.14 ?  159 ARG A C   1 
ATOM   784  O  O   . ARG A 1 107 ? -8.740  3.321   5.891   1.00 36.22 ?  159 ARG A O   1 
ATOM   785  C  CB  . ARG A 1 107 ? -9.244  6.596   5.225   1.00 42.41 ?  159 ARG A CB  1 
ATOM   786  C  CG  . ARG A 1 107 ? -10.624 6.059   4.924   1.00 48.04 ?  159 ARG A CG  1 
ATOM   787  C  CD  . ARG A 1 107 ? -11.535 7.071   4.213   1.00 49.66 ?  159 ARG A CD  1 
ATOM   788  N  NE  . ARG A 1 107 ? -10.956 7.575   2.958   1.00 50.17 ?  159 ARG A NE  1 
ATOM   789  C  CZ  . ARG A 1 107 ? -10.306 8.739   2.817   1.00 50.83 ?  159 ARG A CZ  1 
ATOM   790  N  NH1 . ARG A 1 107 ? -10.124 9.583   3.849   1.00 47.51 1  159 ARG A NH1 1 
ATOM   791  N  NH2 . ARG A 1 107 ? -9.826  9.064   1.617   1.00 50.97 ?  159 ARG A NH2 1 
ATOM   792  N  N   . THR A 1 108 ? -7.231  4.197   4.449   1.00 34.63 ?  160 THR A N   1 
ATOM   793  C  CA  . THR A 1 108 ? -6.897  2.908   3.869   1.00 36.27 ?  160 THR A CA  1 
ATOM   794  C  C   . THR A 1 108 ? -6.220  1.943   4.889   1.00 37.11 ?  160 THR A C   1 
ATOM   795  O  O   . THR A 1 108 ? -6.574  0.768   4.958   1.00 37.85 ?  160 THR A O   1 
ATOM   796  C  CB  . THR A 1 108 ? -6.010  3.043   2.612   1.00 37.41 ?  160 THR A CB  1 
ATOM   797  O  OG1 . THR A 1 108 ? -6.695  3.830   1.632   1.00 37.15 ?  160 THR A OG1 1 
ATOM   798  C  CG2 . THR A 1 108 ? -5.722  1.657   2.017   1.00 35.35 ?  160 THR A CG2 1 
ATOM   799  N  N   . ASN A 1 109 ? -5.281  2.448   5.686   1.00 37.72 ?  161 ASN A N   1 
ATOM   800  C  CA  . ASN A 1 109 ? -4.716  1.691   6.811   1.00 37.73 ?  161 ASN A CA  1 
ATOM   801  C  C   . ASN A 1 109 ? -5.797  1.080   7.668   1.00 37.07 ?  161 ASN A C   1 
ATOM   802  O  O   . ASN A 1 109 ? -5.746  -0.115  7.963   1.00 38.01 ?  161 ASN A O   1 
ATOM   803  C  CB  . ASN A 1 109 ? -3.860  2.570   7.714   1.00 37.84 ?  161 ASN A CB  1 
ATOM   804  C  CG  . ASN A 1 109 ? -2.563  3.027   7.051   1.00 39.83 ?  161 ASN A CG  1 
ATOM   805  O  OD1 . ASN A 1 109 ? -2.139  2.490   6.023   1.00 39.63 ?  161 ASN A OD1 1 
ATOM   806  N  ND2 . ASN A 1 109 ? -1.914  4.012   7.658   1.00 38.17 ?  161 ASN A ND2 1 
ATOM   807  N  N   . GLY A 1 110 ? -6.774  1.898   8.047   1.00 34.01 ?  162 GLY A N   1 
ATOM   808  C  CA  . GLY A 1 110 ? -7.851  1.477   8.942   1.00 33.53 ?  162 GLY A CA  1 
ATOM   809  C  C   . GLY A 1 110 ? -8.708  0.395   8.317   1.00 34.45 ?  162 GLY A C   1 
ATOM   810  O  O   . GLY A 1 110 ? -9.096  -0.558  8.976   1.00 34.99 ?  162 GLY A O   1 
ATOM   811  N  N   . ILE A 1 111 ? -8.980  0.514   7.026   1.00 35.94 ?  163 ILE A N   1 
ATOM   812  C  CA  . ILE A 1 111 ? -9.802  -0.486  6.359   1.00 39.02 ?  163 ILE A CA  1 
ATOM   813  C  C   . ILE A 1 111 ? -9.009  -1.814  6.250   1.00 40.00 ?  163 ILE A C   1 
ATOM   814  O  O   . ILE A 1 111 ? -9.543  -2.921  6.539   1.00 38.46 ?  163 ILE A O   1 
ATOM   815  C  CB  . ILE A 1 111 ? -10.293 0.026   4.983   1.00 41.38 ?  163 ILE A CB  1 
ATOM   816  C  CG1 . ILE A 1 111 ? -11.196 1.253   5.184   1.00 41.80 ?  163 ILE A CG1 1 
ATOM   817  C  CG2 . ILE A 1 111 ? -11.038 -1.074  4.222   1.00 39.78 ?  163 ILE A CG2 1 
ATOM   818  C  CD1 . ILE A 1 111 ? -11.274 2.150   3.976   1.00 43.47 ?  163 ILE A CD1 1 
ATOM   819  N  N   . ILE A 1 112 ? -7.731  -1.690  5.879   1.00 40.00 ?  164 ILE A N   1 
ATOM   820  C  CA  . ILE A 1 112 ? -6.830  -2.843  5.851   1.00 41.11 ?  164 ILE A CA  1 
ATOM   821  C  C   . ILE A 1 112 ? -6.803  -3.541  7.209   1.00 39.06 ?  164 ILE A C   1 
ATOM   822  O  O   . ILE A 1 112 ? -7.069  -4.742  7.270   1.00 38.73 ?  164 ILE A O   1 
ATOM   823  C  CB  . ILE A 1 112 ? -5.406  -2.460  5.409   1.00 42.91 ?  164 ILE A CB  1 
ATOM   824  C  CG1 . ILE A 1 112 ? -5.410  -2.067  3.934   1.00 47.50 ?  164 ILE A CG1 1 
ATOM   825  C  CG2 . ILE A 1 112 ? -4.437  -3.619  5.637   1.00 42.23 ?  164 ILE A CG2 1 
ATOM   826  C  CD1 . ILE A 1 112 ? -5.813  -3.207  2.998   1.00 53.99 ?  164 ILE A CD1 1 
ATOM   827  N  N   . LYS A 1 113 ? -6.544  -2.784  8.283   1.00 36.58 ?  165 LYS A N   1 
ATOM   828  C  CA  . LYS A 1 113 ? -6.440  -3.373  9.605   1.00 36.36 ?  165 LYS A CA  1 
ATOM   829  C  C   . LYS A 1 113 ? -7.729  -4.042  10.063  1.00 35.52 ?  165 LYS A C   1 
ATOM   830  O  O   . LYS A 1 113 ? -7.669  -5.101  10.677  1.00 35.63 ?  165 LYS A O   1 
ATOM   831  C  CB  . LYS A 1 113 ? -5.925  -2.368  10.642  1.00 37.72 ?  165 LYS A CB  1 
ATOM   832  C  CG  . LYS A 1 113 ? -4.468  -1.995  10.398  1.00 37.65 ?  165 LYS A CG  1 
ATOM   833  C  CD  . LYS A 1 113 ? -3.919  -1.033  11.441  1.00 37.97 ?  165 LYS A CD  1 
ATOM   834  C  CE  . LYS A 1 113 ? -2.521  -0.579  11.002  1.00 39.35 ?  165 LYS A CE  1 
ATOM   835  N  NZ  . LYS A 1 113 ? -1.879  0.443   11.881  1.00 38.16 1  165 LYS A NZ  1 
ATOM   836  N  N   . ASN A 1 114 ? -8.883  -3.464  9.744   1.00 36.79 ?  166 ASN A N   1 
ATOM   837  C  CA  . ASN A 1 114 ? -10.153 -4.112  10.091  1.00 38.33 ?  166 ASN A CA  1 
ATOM   838  C  C   . ASN A 1 114 ? -10.334 -5.435  9.345   1.00 38.21 ?  166 ASN A C   1 
ATOM   839  O  O   . ASN A 1 114 ? -10.793 -6.404  9.946   1.00 36.57 ?  166 ASN A O   1 
ATOM   840  C  CB  . ASN A 1 114 ? -11.359 -3.201  9.870   1.00 41.73 ?  166 ASN A CB  1 
ATOM   841  C  CG  . ASN A 1 114 ? -11.566 -2.207  11.012  1.00 49.66 ?  166 ASN A CG  1 
ATOM   842  O  OD1 . ASN A 1 114 ? -10.646 -1.874  11.778  1.00 55.35 ?  166 ASN A OD1 1 
ATOM   843  N  ND2 . ASN A 1 114 ? -12.782 -1.722  11.131  1.00 54.81 ?  166 ASN A ND2 1 
ATOM   844  N  N   . LEU A 1 115 ? -9.959  -5.492  8.059   1.00 37.57 ?  167 LEU A N   1 
ATOM   845  C  CA  . LEU A 1 115 ? -10.071 -6.743  7.302   1.00 36.80 ?  167 LEU A CA  1 
ATOM   846  C  C   . LEU A 1 115 ? -9.058  -7.772  7.812   1.00 38.06 ?  167 LEU A C   1 
ATOM   847  O  O   . LEU A 1 115 ? -9.405  -8.949  8.015   1.00 38.85 ?  167 LEU A O   1 
ATOM   848  C  CB  . LEU A 1 115 ? -9.888  -6.509  5.797   1.00 38.10 ?  167 LEU A CB  1 
ATOM   849  C  CG  . LEU A 1 115 ? -11.115 -5.917  5.088   1.00 37.22 ?  167 LEU A CG  1 
ATOM   850  C  CD1 . LEU A 1 115 ? -10.726 -5.403  3.706   1.00 36.53 ?  167 LEU A CD1 1 
ATOM   851  C  CD2 . LEU A 1 115 ? -12.269 -6.919  5.020   1.00 36.56 ?  167 LEU A CD2 1 
ATOM   852  N  N   . LEU A 1 116 ? -7.831  -7.315  8.042   1.00 36.49 ?  168 LEU A N   1 
ATOM   853  C  CA  . LEU A 1 116 ? -6.771  -8.139  8.626   1.00 39.84 ?  168 LEU A CA  1 
ATOM   854  C  C   . LEU A 1 116 ? -7.188  -8.772  9.971   1.00 41.09 ?  168 LEU A C   1 
ATOM   855  O  O   . LEU A 1 116 ? -7.011  -9.983  10.176  1.00 43.75 ?  168 LEU A O   1 
ATOM   856  C  CB  . LEU A 1 116 ? -5.519  -7.277  8.807   1.00 42.59 ?  168 LEU A CB  1 
ATOM   857  C  CG  . LEU A 1 116 ? -4.181  -7.849  9.240   1.00 46.52 ?  168 LEU A CG  1 
ATOM   858  C  CD1 . LEU A 1 116 ? -3.653  -8.836  8.216   1.00 51.55 ?  168 LEU A CD1 1 
ATOM   859  C  CD2 . LEU A 1 116 ? -3.190  -6.712  9.373   1.00 46.80 ?  168 LEU A CD2 1 
ATOM   860  N  N   . ASN A 1 117 ? -7.763  -7.974  10.869  1.00 38.21 ?  169 ASN A N   1 
ATOM   861  C  CA  . ASN A 1 117 ? -8.279  -8.508  12.139  1.00 38.12 ?  169 ASN A CA  1 
ATOM   862  C  C   . ASN A 1 117 ? -9.398  -9.529  11.958  1.00 36.40 ?  169 ASN A C   1 
ATOM   863  O  O   . ASN A 1 117 ? -9.430  -10.553 12.642  1.00 37.06 ?  169 ASN A O   1 
ATOM   864  C  CB  . ASN A 1 117 ? -8.771  -7.384  13.052  1.00 39.16 ?  169 ASN A CB  1 
ATOM   865  C  CG  . ASN A 1 117 ? -7.642  -6.504  13.556  1.00 43.34 ?  169 ASN A CG  1 
ATOM   866  O  OD1 . ASN A 1 117 ? -6.480  -6.904  13.589  1.00 47.77 ?  169 ASN A OD1 1 
ATOM   867  N  ND2 . ASN A 1 117 ? -7.979  -5.299  13.956  1.00 43.35 ?  169 ASN A ND2 1 
ATOM   868  N  N   . LYS A 1 118 ? -10.306 -9.259  11.033  1.00 36.03 ?  170 LYS A N   1 
ATOM   869  C  CA  . LYS A 1 118 ? -11.417 -10.159 10.793  1.00 36.26 ?  170 LYS A CA  1 
ATOM   870  C  C   . LYS A 1 118 ? -10.887 -11.494 10.280  1.00 35.86 ?  170 LYS A C   1 
ATOM   871  O  O   . LYS A 1 118 ? -11.267 -12.547 10.776  1.00 31.57 ?  170 LYS A O   1 
ATOM   872  C  CB  . LYS A 1 118 ? -12.375 -9.538  9.806   1.00 39.43 ?  170 LYS A CB  1 
ATOM   873  C  CG  . LYS A 1 118 ? -13.662 -10.335 9.619   1.00 46.34 ?  170 LYS A CG  1 
ATOM   874  C  CD  . LYS A 1 118 ? -13.992 -10.524 8.132   1.00 49.91 ?  170 LYS A CD  1 
ATOM   875  C  CE  . LYS A 1 118 ? -15.100 -11.553 7.899   1.00 51.90 ?  170 LYS A CE  1 
ATOM   876  N  NZ  . LYS A 1 118 ? -14.854 -12.254 6.597   1.00 53.90 1  170 LYS A NZ  1 
ATOM   877  N  N   . TYR A 1 119 ? -9.973  -11.454 9.310   1.00 35.38 ?  171 TYR A N   1 
ATOM   878  C  CA  . TYR A 1 119 ? -9.389  -12.692 8.785   1.00 35.99 ?  171 TYR A CA  1 
ATOM   879  C  C   . TYR A 1 119 ? -8.543  -13.467 9.822   1.00 36.36 ?  171 TYR A C   1 
ATOM   880  O  O   . TYR A 1 119 ? -8.507  -14.704 9.787   1.00 34.79 ?  171 TYR A O   1 
ATOM   881  C  CB  . TYR A 1 119 ? -8.591  -12.433 7.487   1.00 35.17 ?  171 TYR A CB  1 
ATOM   882  C  CG  . TYR A 1 119 ? -9.484  -12.224 6.277   1.00 33.91 ?  171 TYR A CG  1 
ATOM   883  C  CD1 . TYR A 1 119 ? -10.357 -13.236 5.835   1.00 32.39 ?  171 TYR A CD1 1 
ATOM   884  C  CD2 . TYR A 1 119 ? -9.458  -11.021 5.566   1.00 34.09 ?  171 TYR A CD2 1 
ATOM   885  C  CE1 . TYR A 1 119 ? -11.180 -13.041 4.732   1.00 31.31 ?  171 TYR A CE1 1 
ATOM   886  C  CE2 . TYR A 1 119 ? -10.281 -10.819 4.466   1.00 33.51 ?  171 TYR A CE2 1 
ATOM   887  C  CZ  . TYR A 1 119 ? -11.138 -11.827 4.057   1.00 32.40 ?  171 TYR A CZ  1 
ATOM   888  O  OH  . TYR A 1 119 ? -11.941 -11.594 2.967   1.00 35.02 ?  171 TYR A OH  1 
ATOM   889  N  N   . LEU A 1 120 ? -7.877  -12.764 10.736  1.00 37.64 ?  172 LEU A N   1 
ATOM   890  C  CA  . LEU A 1 120 ? -7.127  -13.459 11.792  1.00 40.43 ?  172 LEU A CA  1 
ATOM   891  C  C   . LEU A 1 120 ? -8.058  -14.249 12.688  1.00 39.97 ?  172 LEU A C   1 
ATOM   892  O  O   . LEU A 1 120 ? -7.797  -15.400 12.949  1.00 38.34 ?  172 LEU A O   1 
ATOM   893  C  CB  . LEU A 1 120 ? -6.260  -12.500 12.613  1.00 42.03 ?  172 LEU A CB  1 
ATOM   894  C  CG  . LEU A 1 120 ? -5.076  -11.921 11.820  1.00 41.66 ?  172 LEU A CG  1 
ATOM   895  C  CD1 . LEU A 1 120 ? -4.492  -10.746 12.583  1.00 43.06 ?  172 LEU A CD1 1 
ATOM   896  C  CD2 . LEU A 1 120 ? -4.001  -12.958 11.535  1.00 40.32 ?  172 LEU A CD2 1 
ATOM   897  N  N   . LEU A 1 121 ? -9.172  -13.647 13.094  1.00 42.99 ?  173 LEU A N   1 
ATOM   898  C  CA  . LEU A 1 121 ? -10.173 -14.337 13.933  1.00 46.67 ?  173 LEU A CA  1 
ATOM   899  C  C   . LEU A 1 121 ? -10.955 -15.472 13.235  1.00 49.30 ?  173 LEU A C   1 
ATOM   900  O  O   . LEU A 1 121 ? -11.311 -16.459 13.883  1.00 50.94 ?  173 LEU A O   1 
ATOM   901  C  CB  . LEU A 1 121 ? -11.156 -13.324 14.520  1.00 48.01 ?  173 LEU A CB  1 
ATOM   902  C  CG  . LEU A 1 121 ? -10.529 -12.255 15.428  1.00 50.83 ?  173 LEU A CG  1 
ATOM   903  C  CD1 . LEU A 1 121 ? -11.580 -11.206 15.764  1.00 51.36 ?  173 LEU A CD1 1 
ATOM   904  C  CD2 . LEU A 1 121 ? -9.902  -12.846 16.701  1.00 49.91 ?  173 LEU A CD2 1 
ATOM   905  N  N   . ASP A 1 122 ? -11.237 -15.320 11.936  1.00 49.90 ?  174 ASP A N   1 
ATOM   906  C  CA  . ASP A 1 122 ? -11.876 -16.372 11.131  1.00 50.26 ?  174 ASP A CA  1 
ATOM   907  C  C   . ASP A 1 122 ? -10.983 -17.622 10.997  1.00 51.61 ?  174 ASP A C   1 
ATOM   908  O  O   . ASP A 1 122 ? -11.487 -18.741 10.885  1.00 52.57 ?  174 ASP A O   1 
ATOM   909  C  CB  . ASP A 1 122 ? -12.183 -15.866 9.706   1.00 50.44 ?  174 ASP A CB  1 
ATOM   910  C  CG  . ASP A 1 122 ? -13.296 -14.795 9.641   1.00 52.25 ?  174 ASP A CG  1 
ATOM   911  O  OD1 . ASP A 1 122 ? -14.015 -14.550 10.646  1.00 51.18 ?  174 ASP A OD1 1 
ATOM   912  O  OD2 . ASP A 1 122 ? -13.445 -14.192 8.536   1.00 52.95 -1 174 ASP A OD2 1 
ATOM   913  N  N   . CYS A 1 123 ? -9.951  -17.688 10.842  1.00 51.59 ?  175 CYS A N   1 
ATOM   914  C  CA  . CYS A 1 123 ? -8.693  -18.433 10.694  1.00 49.38 ?  175 CYS A CA  1 
ATOM   915  C  C   . CYS A 1 123 ? -7.651  -17.898 11.676  1.00 47.26 ?  175 CYS A C   1 
ATOM   916  O  O   . CYS A 1 123 ? -6.610  -17.369 11.263  1.00 43.37 ?  175 CYS A O   1 
ATOM   917  C  CB  . CYS A 1 123 ? -8.171  -18.275 9.266   1.00 51.02 ?  175 CYS A CB  1 
ATOM   918  S  SG  . CYS A 1 123 ? -9.462  -18.431 8.026   1.00 53.83 ?  175 CYS A SG  1 
ATOM   919  N  N   . PRO A 1 124 ? -7.775  -18.491 12.971  1.00 46.32 ?  176 PRO A N   1 
ATOM   920  C  CA  . PRO A 1 124 ? -6.783  -18.200 14.012  1.00 47.88 ?  176 PRO A CA  1 
ATOM   921  C  C   . PRO A 1 124 ? -5.544  -19.082 13.904  1.00 46.81 ?  176 PRO A C   1 
ATOM   922  O  O   . PRO A 1 124 ? -4.451  -18.633 14.197  1.00 45.17 ?  176 PRO A O   1 
ATOM   923  C  CB  . PRO A 1 124 ? -7.549  -18.472 15.311  1.00 50.12 ?  176 PRO A CB  1 
ATOM   924  C  CG  . PRO A 1 124 ? -8.595  -19.473 14.936  1.00 49.93 ?  176 PRO A CG  1 
ATOM   925  C  CD  . PRO A 1 124 ? -8.958  -19.193 13.505  1.00 48.19 ?  176 PRO A CD  1 
ATOM   926  N  N   . ASN A 1 125 ? -5.734  -20.316 13.459  1.00 48.68 ?  177 ASN A N   1 
ATOM   927  C  CA  . ASN A 1 125 ? -4.645  -21.259 13.212  1.00 53.14 ?  177 ASN A CA  1 
ATOM   928  C  C   . ASN A 1 125 ? -3.587  -20.816 12.157  1.00 50.48 ?  177 ASN A C   1 
ATOM   929  O  O   . ASN A 1 125 ? -2.443  -21.254 12.243  1.00 50.94 ?  177 ASN A O   1 
ATOM   930  C  CB  . ASN A 1 125 ? -5.231  -22.669 12.878  1.00 59.33 ?  177 ASN A CB  1 
ATOM   931  C  CG  . ASN A 1 125 ? -6.168  -22.689 11.618  1.00 66.70 ?  177 ASN A CG  1 
ATOM   932  O  OD1 . ASN A 1 125 ? -6.929  -21.729 11.333  1.00 59.72 ?  177 ASN A OD1 1 
ATOM   933  N  ND2 . ASN A 1 125 ? -6.132  -23.816 10.880  1.00 65.76 ?  177 ASN A ND2 1 
ATOM   934  N  N   . LEU A 1 126 ? -3.951  -19.942 11.206  1.00 49.12 ?  178 LEU A N   1 
ATOM   935  C  CA  . LEU A 1 126 ? -3.145  -19.676 9.987   1.00 49.21 ?  178 LEU A CA  1 
ATOM   936  C  C   . LEU A 1 126 ? -2.225  -18.453 10.074  1.00 46.90 ?  178 LEU A C   1 
ATOM   937  O  O   . LEU A 1 126 ? -2.510  -17.536 10.824  1.00 48.73 ?  178 LEU A O   1 
ATOM   938  C  CB  . LEU A 1 126 ? -4.070  -19.498 8.773   1.00 51.41 ?  178 LEU A CB  1 
ATOM   939  C  CG  . LEU A 1 126 ? -4.588  -20.821 8.178   1.00 53.99 ?  178 LEU A CG  1 
ATOM   940  C  CD1 . LEU A 1 126 ? -5.930  -20.634 7.471   1.00 53.51 ?  178 LEU A CD1 1 
ATOM   941  C  CD2 . LEU A 1 126 ? -3.545  -21.447 7.247   1.00 53.18 ?  178 LEU A CD2 1 
ATOM   942  N  N   . PRO A 1 127 ? -1.144  -18.414 9.268   1.00 44.44 ?  179 PRO A N   1 
ATOM   943  C  CA  . PRO A 1 127 ? -0.150  -17.330 9.396   1.00 43.47 ?  179 PRO A CA  1 
ATOM   944  C  C   . PRO A 1 127 ? -0.688  -15.920 9.097   1.00 44.74 ?  179 PRO A C   1 
ATOM   945  O  O   . PRO A 1 127 ? -1.628  -15.776 8.313   1.00 47.20 ?  179 PRO A O   1 
ATOM   946  C  CB  . PRO A 1 127 ? 0.923   -17.695 8.348   1.00 42.56 ?  179 PRO A CB  1 
ATOM   947  C  CG  . PRO A 1 127 ? 0.671   -19.113 7.977   1.00 41.90 ?  179 PRO A CG  1 
ATOM   948  C  CD  . PRO A 1 127 ? -0.798  -19.338 8.169   1.00 43.30 ?  179 PRO A CD  1 
ATOM   949  N  N   . LEU A 1 128 ? -0.073  -14.904 9.706   1.00 41.77 ?  180 LEU A N   1 
ATOM   950  C  CA  . LEU A 1 128 ? -0.340  -13.483 9.405   1.00 40.40 ?  180 LEU A CA  1 
ATOM   951  C  C   . LEU A 1 128 ? -0.349  -13.123 7.908   1.00 39.72 ?  180 LEU A C   1 
ATOM   952  O  O   . LEU A 1 128 ? -1.188  -12.345 7.449   1.00 39.08 ?  180 LEU A O   1 
ATOM   953  C  CB  . LEU A 1 128 ? 0.707   -12.613 10.119  1.00 40.34 ?  180 LEU A CB  1 
ATOM   954  C  CG  . LEU A 1 128 ? 0.692   -11.096 9.895   1.00 39.88 ?  180 LEU A CG  1 
ATOM   955  C  CD1 . LEU A 1 128 ? -0.686  -10.553 10.247  1.00 40.16 ?  180 LEU A CD1 1 
ATOM   956  C  CD2 . LEU A 1 128 ? 1.778   -10.387 10.705  1.00 40.64 ?  180 LEU A CD2 1 
ATOM   957  N  N   . ASP A 1 129 ? 0.597   -13.666 7.156   1.00 40.99 ?  181 ASP A N   1 
ATOM   958  C  CA  . ASP A 1 129 ? 0.686   -13.394 5.715   1.00 43.35 ?  181 ASP A CA  1 
ATOM   959  C  C   . ASP A 1 129 ? -0.563  -13.736 4.938   1.00 38.87 ?  181 ASP A C   1 
ATOM   960  O  O   . ASP A 1 129 ? -0.944  -12.982 4.083   1.00 36.59 ?  181 ASP A O   1 
ATOM   961  C  CB  . ASP A 1 129 ? 1.895   -14.085 5.077   1.00 47.64 ?  181 ASP A CB  1 
ATOM   962  C  CG  . ASP A 1 129 ? 3.097   -13.164 4.997   1.00 55.22 ?  181 ASP A CG  1 
ATOM   963  O  OD1 . ASP A 1 129 ? 2.980   -12.050 4.409   1.00 63.07 ?  181 ASP A OD1 1 
ATOM   964  O  OD2 . ASP A 1 129 ? 4.152   -13.540 5.534   1.00 58.86 -1 181 ASP A OD2 1 
ATOM   965  N  N   . ASN A 1 130 ? -1.194  -14.865 5.257   1.00 38.52 ?  182 ASN A N   1 
ATOM   966  C  CA  . ASN A 1 130 ? -2.489  -15.213 4.681   1.00 35.92 ?  182 ASN A CA  1 
ATOM   967  C  C   . ASN A 1 130 ? -3.553  -14.127 4.926   1.00 34.26 ?  182 ASN A C   1 
ATOM   968  O  O   . ASN A 1 130 ? -4.302  -13.792 4.016   1.00 35.45 ?  182 ASN A O   1 
ATOM   969  C  CB  . ASN A 1 130 ? -3.016  -16.527 5.237   1.00 35.84 ?  182 ASN A CB  1 
ATOM   970  C  CG  . ASN A 1 130 ? -2.126  -17.706 4.917   1.00 36.70 ?  182 ASN A CG  1 
ATOM   971  O  OD1 . ASN A 1 130 ? -0.896  -17.580 4.932   1.00 36.45 ?  182 ASN A OD1 1 
ATOM   972  N  ND2 . ASN A 1 130 ? -2.742  -18.873 4.668   1.00 31.69 ?  182 ASN A ND2 1 
ATOM   973  N  N   . ALA A 1 131 ? -3.623  -13.594 6.139   1.00 32.83 ?  183 ALA A N   1 
ATOM   974  C  CA  . ALA A 1 131 ? -4.666  -12.624 6.496   1.00 34.68 ?  183 ALA A CA  1 
ATOM   975  C  C   . ALA A 1 131 ? -4.464  -11.302 5.766   1.00 36.28 ?  183 ALA A C   1 
ATOM   976  O  O   . ALA A 1 131 ? -5.431  -10.703 5.287   1.00 37.76 ?  183 ALA A O   1 
ATOM   977  C  CB  . ALA A 1 131 ? -4.704  -12.414 8.001   1.00 36.59 ?  183 ALA A CB  1 
ATOM   978  N  N   . ILE A 1 132 ? -3.199  -10.896 5.657   1.00 36.33 ?  184 ILE A N   1 
ATOM   979  C  CA  . ILE A 1 132 ? -2.771  -9.708  4.928   1.00 37.59 ?  184 ILE A CA  1 
ATOM   980  C  C   . ILE A 1 132 ? -3.192  -9.893  3.483   1.00 37.90 ?  184 ILE A C   1 
ATOM   981  O  O   . ILE A 1 132 ? -3.798  -9.004  2.891   1.00 35.22 ?  184 ILE A O   1 
ATOM   982  C  CB  . ILE A 1 132 ? -1.212  -9.562  4.968   1.00 41.90 ?  184 ILE A CB  1 
ATOM   983  C  CG1 . ILE A 1 132 ? -0.682  -9.343  6.411   1.00 45.84 ?  184 ILE A CG1 1 
ATOM   984  C  CG2 . ILE A 1 132 ? -0.691  -8.490  4.009   1.00 41.14 ?  184 ILE A CG2 1 
ATOM   985  C  CD1 . ILE A 1 132 ? -0.708  -7.913  6.896   1.00 47.13 ?  184 ILE A CD1 1 
ATOM   986  N  N   . ASN A 1 133 ? -2.879  -11.061 2.914   1.00 37.39 ?  185 ASN A N   1 
ATOM   987  C  CA  . ASN A 1 133 ? -3.156  -11.304 1.492   1.00 34.90 ?  185 ASN A CA  1 
ATOM   988  C  C   . ASN A 1 133 ? -4.662  -11.215 1.211   1.00 34.43 ?  185 ASN A C   1 
ATOM   989  O  O   . ASN A 1 133 ? -5.112  -10.503 0.299   1.00 36.13 ?  185 ASN A O   1 
ATOM   990  C  CB  . ASN A 1 133 ? -2.607  -12.657 1.040   1.00 32.14 ?  185 ASN A CB  1 
ATOM   991  C  CG  . ASN A 1 133 ? -2.416  -12.723 -0.444  1.00 32.65 ?  185 ASN A CG  1 
ATOM   992  O  OD1 . ASN A 1 133 ? -1.829  -11.831 -1.043  1.00 35.41 ?  185 ASN A OD1 1 
ATOM   993  N  ND2 . ASN A 1 133 ? -2.937  -13.750 -1.060  1.00 31.56 ?  185 ASN A ND2 1 
ATOM   994  N  N   . LYS A 1 134 ? -5.439  -11.902 2.028   1.00 32.56 ?  186 LYS A N   1 
ATOM   995  C  CA  . LYS A 1 134 ? -6.876  -11.920 1.847   1.00 32.68 ?  186 LYS A CA  1 
ATOM   996  C  C   . LYS A 1 134 ? -7.477  -10.535 2.123   1.00 33.15 ?  186 LYS A C   1 
ATOM   997  O  O   . LYS A 1 134 ? -8.383  -10.117 1.425   1.00 32.24 ?  186 LYS A O   1 
ATOM   998  C  CB  . LYS A 1 134 ? -7.499  -12.984 2.714   1.00 31.15 ?  186 LYS A CB  1 
ATOM   999  C  CG  . LYS A 1 134 ? -7.102  -14.376 2.272   1.00 30.44 ?  186 LYS A CG  1 
ATOM   1000 C  CD  . LYS A 1 134 ? -7.781  -15.414 3.144   1.00 31.39 ?  186 LYS A CD  1 
ATOM   1001 C  CE  . LYS A 1 134 ? -7.224  -15.421 4.563   1.00 32.33 ?  186 LYS A CE  1 
ATOM   1002 N  NZ  . LYS A 1 134 ? -7.674  -16.623 5.291   1.00 32.11 1  186 LYS A NZ  1 
ATOM   1003 N  N   . ALA A 1 135 ? -6.916  -9.796  3.077   1.00 36.22 ?  187 ALA A N   1 
ATOM   1004 C  CA  . ALA A 1 135 ? -7.326  -8.397  3.286   1.00 36.62 ?  187 ALA A CA  1 
ATOM   1005 C  C   . ALA A 1 135 ? -7.093  -7.575  2.031   1.00 36.23 ?  187 ALA A C   1 
ATOM   1006 O  O   . ALA A 1 135 ? -8.005  -6.875  1.569   1.00 35.60 ?  187 ALA A O   1 
ATOM   1007 C  CB  . ALA A 1 135 ? -6.611  -7.769  4.479   1.00 35.30 ?  187 ALA A CB  1 
ATOM   1008 N  N   . LEU A 1 136 ? -5.883  -7.690  1.489   1.00 34.32 ?  188 LEU A N   1 
ATOM   1009 C  CA  . LEU A 1 136 ? -5.486  -6.961  0.286   1.00 36.46 ?  188 LEU A CA  1 
ATOM   1010 C  C   . LEU A 1 136 ? -6.411  -7.216  -0.935  1.00 37.03 ?  188 LEU A C   1 
ATOM   1011 O  O   . LEU A 1 136 ? -6.966  -6.285  -1.545  1.00 36.20 ?  188 LEU A O   1 
ATOM   1012 C  CB  . LEU A 1 136 ? -4.020  -7.282  -0.033  1.00 36.94 ?  188 LEU A CB  1 
ATOM   1013 C  CG  . LEU A 1 136 ? -3.433  -6.874  -1.381  1.00 38.29 ?  188 LEU A CG  1 
ATOM   1014 C  CD1 . LEU A 1 136 ? -3.517  -5.370  -1.492  1.00 41.51 ?  188 LEU A CD1 1 
ATOM   1015 C  CD2 . LEU A 1 136 ? -2.003  -7.388  -1.558  1.00 36.83 ?  188 LEU A CD2 1 
ATOM   1016 N  N   . TRP A 1 137 ? -6.596  -8.483  -1.263  1.00 36.68 ?  189 TRP A N   1 
ATOM   1017 C  CA  . TRP A 1 137 ? -7.420  -8.847  -2.406  1.00 36.49 ?  189 TRP A CA  1 
ATOM   1018 C  C   . TRP A 1 137 ? -8.904  -8.555  -2.173  1.00 36.54 ?  189 TRP A C   1 
ATOM   1019 O  O   . TRP A 1 137 ? -9.605  -8.104  -3.098  1.00 37.99 ?  189 TRP A O   1 
ATOM   1020 C  CB  . TRP A 1 137 ? -7.170  -10.303 -2.812  1.00 35.73 ?  189 TRP A CB  1 
ATOM   1021 C  CG  . TRP A 1 137 ? -5.858  -10.427 -3.484  1.00 36.21 ?  189 TRP A CG  1 
ATOM   1022 C  CD1 . TRP A 1 137 ? -4.665  -10.729 -2.910  1.00 37.92 ?  189 TRP A CD1 1 
ATOM   1023 C  CD2 . TRP A 1 137 ? -5.599  -10.211 -4.861  1.00 35.14 ?  189 TRP A CD2 1 
ATOM   1024 N  NE1 . TRP A 1 137 ? -3.664  -10.737 -3.860  1.00 39.09 ?  189 TRP A NE1 1 
ATOM   1025 C  CE2 . TRP A 1 137 ? -4.207  -10.402 -5.066  1.00 36.86 ?  189 TRP A CE2 1 
ATOM   1026 C  CE3 . TRP A 1 137 ? -6.400  -9.868  -5.944  1.00 34.70 ?  189 TRP A CE3 1 
ATOM   1027 C  CZ2 . TRP A 1 137 ? -3.604  -10.265 -6.317  1.00 35.31 ?  189 TRP A CZ2 1 
ATOM   1028 C  CZ3 . TRP A 1 137 ? -5.820  -9.728  -7.178  1.00 34.15 ?  189 TRP A CZ3 1 
ATOM   1029 C  CH2 . TRP A 1 137 ? -4.422  -9.938  -7.360  1.00 35.77 ?  189 TRP A CH2 1 
ATOM   1030 N  N   . THR A 1 138 ? -9.373  -8.777  -0.954  1.00 36.15 ?  190 THR A N   1 
ATOM   1031 C  CA  . THR A 1 138 ? -10.739 -8.442  -0.594  1.00 35.39 ?  190 THR A CA  1 
ATOM   1032 C  C   . THR A 1 138 ? -10.995 -6.937  -0.788  1.00 36.82 ?  190 THR A C   1 
ATOM   1033 O  O   . THR A 1 138 ? -12.006 -6.546  -1.389  1.00 35.78 ?  190 THR A O   1 
ATOM   1034 C  CB  . THR A 1 138 ? -11.081 -8.865  0.861   1.00 35.69 ?  190 THR A CB  1 
ATOM   1035 O  OG1 . THR A 1 138 ? -10.998 -10.297 0.991   1.00 32.37 ?  190 THR A OG1 1 
ATOM   1036 C  CG2 . THR A 1 138 ? -12.514 -8.421  1.251   1.00 37.28 ?  190 THR A CG2 1 
ATOM   1037 N  N   . LEU A 1 139 ? -10.104 -6.087  -0.293  1.00 35.96 ?  191 LEU A N   1 
ATOM   1038 C  CA  . LEU A 1 139 ? -10.337 -4.658  -0.423  1.00 35.92 ?  191 LEU A CA  1 
ATOM   1039 C  C   . LEU A 1 139 ? -10.344 -4.202  -1.902  1.00 34.90 ?  191 LEU A C   1 
ATOM   1040 O  O   . LEU A 1 139 ? -11.225 -3.429  -2.301  1.00 36.04 ?  191 LEU A O   1 
ATOM   1041 C  CB  . LEU A 1 139 ? -9.300  -3.871  0.377   1.00 37.83 ?  191 LEU A CB  1 
ATOM   1042 C  CG  . LEU A 1 139 ? -9.416  -2.333  0.365   1.00 38.34 ?  191 LEU A CG  1 
ATOM   1043 C  CD1 . LEU A 1 139 ? -10.771 -1.852  0.865   1.00 38.72 ?  191 LEU A CD1 1 
ATOM   1044 C  CD2 . LEU A 1 139 ? -8.308  -1.751  1.213   1.00 38.05 ?  191 LEU A CD2 1 
ATOM   1045 N  N   . ASN A 1 140 ? -9.382  -4.672  -2.694  1.00 33.19 ?  192 ASN A N   1 
ATOM   1046 C  CA  . ASN A 1 140 ? -9.260  -4.235  -4.098  1.00 34.00 ?  192 ASN A CA  1 
ATOM   1047 C  C   . ASN A 1 140 ? -10.371 -4.793  -4.970  1.00 34.66 ?  192 ASN A C   1 
ATOM   1048 O  O   . ASN A 1 140 ? -10.960 -4.045  -5.758  1.00 36.91 ?  192 ASN A O   1 
ATOM   1049 C  CB  . ASN A 1 140 ? -7.896  -4.573  -4.715  1.00 32.03 ?  192 ASN A CB  1 
ATOM   1050 C  CG  . ASN A 1 140 ? -6.787  -3.635  -4.257  1.00 35.07 ?  192 ASN A CG  1 
ATOM   1051 O  OD1 . ASN A 1 140 ? -6.997  -2.418  -4.081  1.00 39.41 ?  192 ASN A OD1 1 
ATOM   1052 N  ND2 . ASN A 1 140 ? -5.576  -4.177  -4.098  1.00 34.42 ?  192 ASN A ND2 1 
ATOM   1053 N  N   . GLN A 1 141 ? -10.696 -6.077  -4.802  1.00 34.84 ?  193 GLN A N   1 
ATOM   1054 C  CA  . GLN A 1 141 ? -11.567 -6.766  -5.763  1.00 35.28 ?  193 GLN A CA  1 
ATOM   1055 C  C   . GLN A 1 141 ? -12.985 -7.024  -5.360  1.00 34.32 ?  193 GLN A C   1 
ATOM   1056 O  O   . GLN A 1 141 ? -13.842 -7.191  -6.251  1.00 32.37 ?  193 GLN A O   1 
ATOM   1057 C  CB  . GLN A 1 141 ? -10.980 -8.117  -6.138  1.00 35.72 ?  193 GLN A CB  1 
ATOM   1058 C  CG  . GLN A 1 141 ? -9.901  -8.032  -7.176  1.00 37.16 ?  193 GLN A CG  1 
ATOM   1059 C  CD  . GLN A 1 141 ? -9.659  -9.404  -7.749  1.00 39.23 ?  193 GLN A CD  1 
ATOM   1060 O  OE1 . GLN A 1 141 ? -9.275  -10.325 -7.007  1.00 34.31 ?  193 GLN A OE1 1 
ATOM   1061 N  NE2 . GLN A 1 141 ? -9.973  -9.578  -9.056  1.00 34.27 ?  193 GLN A NE2 1 
ATOM   1062 N  N   . LEU A 1 142 ? -13.229 -7.121  -4.054  1.00 32.98 ?  194 LEU A N   1 
ATOM   1063 C  CA  . LEU A 1 142 ? -14.546 -7.471  -3.558  1.00 34.69 ?  194 LEU A CA  1 
ATOM   1064 C  C   . LEU A 1 142 ? -15.358 -6.247  -3.132  1.00 35.77 ?  194 LEU A C   1 
ATOM   1065 O  O   . LEU A 1 142 ? -16.548 -6.103  -3.463  1.00 37.27 ?  194 LEU A O   1 
ATOM   1066 C  CB  . LEU A 1 142 ? -14.444 -8.479  -2.401  1.00 34.49 ?  194 LEU A CB  1 
ATOM   1067 C  CG  . LEU A 1 142 ? -14.236 -9.947  -2.783  1.00 33.52 ?  194 LEU A CG  1 
ATOM   1068 C  CD1 . LEU A 1 142 ? -15.415 -10.535 -3.508  1.00 32.11 ?  194 LEU A CD1 1 
ATOM   1069 C  CD2 . LEU A 1 142 ? -12.973 -10.109 -3.617  1.00 35.52 ?  194 LEU A CD2 1 
ATOM   1070 N  N   . ASN A 1 143 ? -14.710 -5.382  -2.379  1.00 36.95 ?  195 ASN A N   1 
ATOM   1071 C  CA  . ASN A 1 143 ? -15.352 -4.200  -1.828  1.00 36.66 ?  195 ASN A CA  1 
ATOM   1072 C  C   . ASN A 1 143 ? -15.917 -3.257  -2.919  1.00 34.47 ?  195 ASN A C   1 
ATOM   1073 O  O   . ASN A 1 143 ? -15.176 -2.788  -3.810  1.00 30.08 ?  195 ASN A O   1 
ATOM   1074 C  CB  . ASN A 1 143 ? -14.325 -3.475  -0.980  1.00 40.50 ?  195 ASN A CB  1 
ATOM   1075 C  CG  . ASN A 1 143 ? -14.950 -2.613  0.034   1.00 47.13 ?  195 ASN A CG  1 
ATOM   1076 O  OD1 . ASN A 1 143 ? -15.061 -3.008  1.195   1.00 54.86 ?  195 ASN A OD1 1 
ATOM   1077 N  ND2 . ASN A 1 143 ? -15.413 -1.433  -0.389  1.00 50.91 ?  195 ASN A ND2 1 
ATOM   1078 N  N   . VAL A 1 144 ? -17.232 -3.028  -2.870  1.00 33.08 ?  196 VAL A N   1 
ATOM   1079 C  CA  . VAL A 1 144 ? -17.886 -2.057  -3.755  1.00 33.66 ?  196 VAL A CA  1 
ATOM   1080 C  C   . VAL A 1 144 ? -17.872 -0.654  -3.142  1.00 34.24 ?  196 VAL A C   1 
ATOM   1081 O  O   . VAL A 1 144 ? -18.352 -0.443  -2.037  1.00 33.76 ?  196 VAL A O   1 
ATOM   1082 C  CB  . VAL A 1 144 ? -19.322 -2.462  -4.109  1.00 32.79 ?  196 VAL A CB  1 
ATOM   1083 C  CG1 . VAL A 1 144 ? -19.916 -1.462  -5.106  1.00 33.61 ?  196 VAL A CG1 1 
ATOM   1084 C  CG2 . VAL A 1 144 ? -19.306 -3.854  -4.736  1.00 33.87 ?  196 VAL A CG2 1 
ATOM   1085 N  N   . MET A 1 145 ? -17.300 0.295   -3.877  1.00 36.46 ?  197 MET A N   1 
ATOM   1086 C  CA  . MET A 1 145 ? -17.158 1.676   -3.427  1.00 36.34 ?  197 MET A CA  1 
ATOM   1087 C  C   . MET A 1 145 ? -18.368 2.513   -3.777  1.00 36.71 ?  197 MET A C   1 
ATOM   1088 O  O   . MET A 1 145 ? -19.095 2.214   -4.733  1.00 34.10 ?  197 MET A O   1 
ATOM   1089 C  CB  . MET A 1 145 ? -15.919 2.323   -4.021  1.00 35.16 ?  197 MET A CB  1 
ATOM   1090 C  CG  . MET A 1 145 ? -14.633 1.709   -3.522  1.00 36.09 ?  197 MET A CG  1 
ATOM   1091 S  SD  . MET A 1 145 ? -13.195 2.700   -3.992  1.00 36.06 ?  197 MET A SD  1 
ATOM   1092 C  CE  . MET A 1 145 ? -13.203 2.517   -5.774  1.00 35.14 ?  197 MET A CE  1 
ATOM   1093 N  N   . ASN A 1 146 ? -18.552 3.561   -2.969  1.00 37.93 ?  198 ASN A N   1 
ATOM   1094 C  CA  . ASN A 1 146 ? -19.662 4.494   -3.100  1.00 37.46 ?  198 ASN A CA  1 
ATOM   1095 C  C   . ASN A 1 146 ? -19.207 5.829   -3.629  1.00 36.53 ?  198 ASN A C   1 
ATOM   1096 O  O   . ASN A 1 146 ? -18.091 6.255   -3.278  1.00 33.23 ?  198 ASN A O   1 
ATOM   1097 C  CB  . ASN A 1 146 ? -20.432 4.553   -1.811  1.00 39.12 ?  198 ASN A CB  1 
ATOM   1098 C  CG  . ASN A 1 146 ? -21.137 3.253   -1.562  1.00 40.47 ?  198 ASN A CG  1 
ATOM   1099 O  OD1 . ASN A 1 146 ? -22.168 2.983   -2.175  1.00 42.21 ?  198 ASN A OD1 1 
ATOM   1100 N  ND2 . ASN A 1 146 ? -20.522 2.387   -0.771  1.00 39.08 ?  198 ASN A ND2 1 
ATOM   1101 N  N   . PRO A 1 147 ? -20.197 6.612   -4.096  1.00 38.52 ?  199 PRO A N   1 
ATOM   1102 C  CA  . PRO A 1 147 ? -21.211 6.495   -5.160  1.00 38.28 ?  199 PRO A CA  1 
ATOM   1103 C  C   . PRO A 1 147 ? -20.968 5.752   -6.487  1.00 37.45 ?  199 PRO A C   1 
ATOM   1104 O  O   . PRO A 1 147 ? -21.949 5.507   -7.192  1.00 35.62 ?  199 PRO A O   1 
ATOM   1105 C  CB  . PRO A 1 147 ? -21.593 7.950   -5.404  1.00 39.81 ?  199 PRO A CB  1 
ATOM   1106 C  CG  . PRO A 1 147 ? -20.274 8.632   -5.345  1.00 39.76 ?  199 PRO A CG  1 
ATOM   1107 C  CD  . PRO A 1 147 ? -19.460 7.892   -4.319  1.00 38.19 ?  199 PRO A CD  1 
ATOM   1108 N  N   . SER A 1 148 ? -19.738 5.366   -6.817  1.00 36.87 ?  200 SER A N   1 
ATOM   1109 C  CA  . SER A 1 148 ? -19.456 4.760   -8.135  1.00 37.14 ?  200 SER A CA  1 
ATOM   1110 C  C   . SER A 1 148 ? -20.102 3.397   -8.413  1.00 35.59 ?  200 SER A C   1 
ATOM   1111 O  O   . SER A 1 148 ? -20.347 3.065   -9.556  1.00 37.11 ?  200 SER A O   1 
ATOM   1112 C  CB  . SER A 1 148 ? -17.952 4.621   -8.337  1.00 37.49 ?  200 SER A CB  1 
ATOM   1113 O  OG  . SER A 1 148 ? -17.403 3.687   -7.423  1.00 38.64 ?  200 SER A OG  1 
ATOM   1114 N  N   . GLY A 1 149 ? -20.339 2.600   -7.379  1.00 35.11 ?  201 GLY A N   1 
ATOM   1115 C  CA  . GLY A 1 149 ? -20.739 1.204   -7.558  1.00 35.55 ?  201 GLY A CA  1 
ATOM   1116 C  C   . GLY A 1 149 ? -19.646 0.276   -8.103  1.00 36.39 ?  201 GLY A C   1 
ATOM   1117 O  O   . GLY A 1 149 ? -19.952 -0.827  -8.529  1.00 34.88 ?  201 GLY A O   1 
ATOM   1118 N  N   . LYS A 1 150 ? -18.378 0.682   -8.060  1.00 36.28 ?  202 LYS A N   1 
ATOM   1119 C  CA  . LYS A 1 150 ? -17.292 -0.131  -8.635  1.00 37.93 ?  202 LYS A CA  1 
ATOM   1120 C  C   . LYS A 1 150 ? -16.286 -0.500  -7.593  1.00 35.65 ?  202 LYS A C   1 
ATOM   1121 O  O   . LYS A 1 150 ? -16.157 0.148   -6.586  1.00 37.81 ?  202 LYS A O   1 
ATOM   1122 C  CB  . LYS A 1 150 ? -16.586 0.607   -9.776  1.00 40.80 ?  202 LYS A CB  1 
ATOM   1123 C  CG  . LYS A 1 150 ? -17.457 0.908   -10.993 1.00 43.99 ?  202 LYS A CG  1 
ATOM   1124 C  CD  . LYS A 1 150 ? -16.954 2.167   -11.674 1.00 51.50 ?  202 LYS A CD  1 
ATOM   1125 C  CE  . LYS A 1 150 ? -17.739 2.537   -12.927 1.00 56.26 ?  202 LYS A CE  1 
ATOM   1126 N  NZ  . LYS A 1 150 ? -17.507 1.575   -14.042 1.00 60.00 1  202 LYS A NZ  1 
ATOM   1127 N  N   . THR A 1 151 ? -15.544 -1.545  -7.851  1.00 33.76 ?  203 THR A N   1 
ATOM   1128 C  CA  . THR A 1 151 ? -14.479 -1.907  -6.988  1.00 33.29 ?  203 THR A CA  1 
ATOM   1129 C  C   . THR A 1 151 ? -13.267 -1.105  -7.432  1.00 33.06 ?  203 THR A C   1 
ATOM   1130 O  O   . THR A 1 151 ? -13.222 -0.611  -8.561  1.00 31.49 ?  203 THR A O   1 
ATOM   1131 C  CB  . THR A 1 151 ? -14.177 -3.404  -7.085  1.00 33.75 ?  203 THR A CB  1 
ATOM   1132 O  OG1 . THR A 1 151 ? -13.696 -3.694  -8.403  1.00 33.94 ?  203 THR A OG1 1 
ATOM   1133 C  CG2 . THR A 1 151 ? -15.428 -4.204  -6.803  1.00 33.86 ?  203 THR A CG2 1 
ATOM   1134 N  N   . ARG A 1 152 ? -12.294 -0.997  -6.533  1.00 32.24 ?  204 ARG A N   1 
ATOM   1135 C  CA  . ARG A 1 152 ? -10.992 -0.368  -6.824  1.00 33.44 ?  204 ARG A CA  1 
ATOM   1136 C  C   . ARG A 1 152 ? -10.319 -0.965  -8.062  1.00 34.98 ?  204 ARG A C   1 
ATOM   1137 O  O   . ARG A 1 152 ? -9.796  -0.248  -8.916  1.00 35.23 ?  204 ARG A O   1 
ATOM   1138 C  CB  . ARG A 1 152 ? -10.071 -0.549  -5.631  1.00 33.01 ?  204 ARG A CB  1 
ATOM   1139 C  CG  . ARG A 1 152 ? -10.444 0.321   -4.460  1.00 34.03 ?  204 ARG A CG  1 
ATOM   1140 C  CD  . ARG A 1 152 ? -9.778  -0.171  -3.186  1.00 33.49 ?  204 ARG A CD  1 
ATOM   1141 N  NE  . ARG A 1 152 ? -10.065 0.723   -2.052  1.00 33.50 ?  204 ARG A NE  1 
ATOM   1142 C  CZ  . ARG A 1 152 ? -11.221 0.779   -1.395  1.00 32.22 ?  204 ARG A CZ  1 
ATOM   1143 N  NH1 . ARG A 1 152 ? -12.254 0.008   -1.740  1.00 32.39 1  204 ARG A NH1 1 
ATOM   1144 N  NH2 . ARG A 1 152 ? -11.359 1.622   -0.384  1.00 31.51 ?  204 ARG A NH2 1 
ATOM   1145 N  N   . TRP A 1 153 ? -10.373 -2.286  -8.146  1.00 34.68 ?  205 TRP A N   1 
ATOM   1146 C  CA  . TRP A 1 153 ? -9.847  -3.043  -9.259  1.00 36.61 ?  205 TRP A CA  1 
ATOM   1147 C  C   . TRP A 1 153 ? -10.499 -2.686  -10.590 1.00 36.20 ?  205 TRP A C   1 
ATOM   1148 O  O   . TRP A 1 153 ? -9.805  -2.576  -11.586 1.00 37.96 ?  205 TRP A O   1 
ATOM   1149 C  CB  . TRP A 1 153 ? -10.026 -4.542  -8.987  1.00 39.12 ?  205 TRP A CB  1 
ATOM   1150 C  CG  . TRP A 1 153 ? -8.967  -5.406  -9.542  1.00 43.21 ?  205 TRP A CG  1 
ATOM   1151 C  CD1 . TRP A 1 153 ? -9.124  -6.426  -10.443 1.00 45.45 ?  205 TRP A CD1 1 
ATOM   1152 C  CD2 . TRP A 1 153 ? -7.572  -5.378  -9.204  1.00 44.96 ?  205 TRP A CD2 1 
ATOM   1153 N  NE1 . TRP A 1 153 ? -7.916  -7.030  -10.684 1.00 45.10 ?  205 TRP A NE1 1 
ATOM   1154 C  CE2 . TRP A 1 153 ? -6.944  -6.396  -9.952  1.00 45.84 ?  205 TRP A CE2 1 
ATOM   1155 C  CE3 . TRP A 1 153 ? -6.792  -4.579  -8.359  1.00 46.77 ?  205 TRP A CE3 1 
ATOM   1156 C  CZ2 . TRP A 1 153 ? -5.569  -6.637  -9.878  1.00 45.99 ?  205 TRP A CZ2 1 
ATOM   1157 C  CZ3 . TRP A 1 153 ? -5.418  -4.843  -8.276  1.00 46.48 ?  205 TRP A CZ3 1 
ATOM   1158 C  CH2 . TRP A 1 153 ? -4.833  -5.856  -9.033  1.00 47.24 ?  205 TRP A CH2 1 
ATOM   1159 N  N   . GLN A 1 154 ? -11.823 -2.548  -10.609 1.00 35.27 ?  206 GLN A N   1 
ATOM   1160 C  CA  . GLN A 1 154 ? -12.542 -2.163  -11.811 1.00 36.64 ?  206 GLN A CA  1 
ATOM   1161 C  C   . GLN A 1 154 ? -12.176 -0.753  -12.229 1.00 36.96 ?  206 GLN A C   1 
ATOM   1162 O  O   . GLN A 1 154 ? -11.979 -0.518  -13.410 1.00 35.99 ?  206 GLN A O   1 
ATOM   1163 C  CB  . GLN A 1 154 ? -14.053 -2.257  -11.613 1.00 39.80 ?  206 GLN A CB  1 
ATOM   1164 C  CG  . GLN A 1 154 ? -14.558 -3.682  -11.534 1.00 44.68 ?  206 GLN A CG  1 
ATOM   1165 C  CD  . GLN A 1 154 ? -15.903 -3.839  -10.813 1.00 47.84 ?  206 GLN A CD  1 
ATOM   1166 O  OE1 . GLN A 1 154 ? -16.687 -2.889  -10.661 1.00 44.22 ?  206 GLN A OE1 1 
ATOM   1167 N  NE2 . GLN A 1 154 ? -16.149 -5.054  -10.319 1.00 54.06 ?  206 GLN A NE2 1 
ATOM   1168 N  N   . ILE A 1 155 ? -12.059 0.180   -11.275 1.00 38.65 ?  207 ILE A N   1 
ATOM   1169 C  CA  . ILE A 1 155 ? -11.700 1.560   -11.622 1.00 37.16 ?  207 ILE A CA  1 
ATOM   1170 C  C   . ILE A 1 155 ? -10.264 1.618   -12.086 1.00 37.27 ?  207 ILE A C   1 
ATOM   1171 O  O   . ILE A 1 155 ? -9.953  2.349   -13.010 1.00 37.92 ?  207 ILE A O   1 
ATOM   1172 C  CB  . ILE A 1 155 ? -11.937 2.557   -10.479 1.00 38.35 ?  207 ILE A CB  1 
ATOM   1173 C  CG1 . ILE A 1 155 ? -13.441 2.659   -10.198 1.00 39.55 ?  207 ILE A CG1 1 
ATOM   1174 C  CG2 . ILE A 1 155 ? -11.445 3.969   -10.845 1.00 38.03 ?  207 ILE A CG2 1 
ATOM   1175 C  CD1 . ILE A 1 155 ? -13.783 3.452   -8.965  1.00 39.99 ?  207 ILE A CD1 1 
ATOM   1176 N  N   . HIS A 1 156 ? -9.396  0.839   -11.457 1.00 36.59 ?  208 HIS A N   1 
ATOM   1177 C  CA  . HIS A 1 156 ? -7.973  0.926   -11.730 1.00 37.83 ?  208 HIS A CA  1 
ATOM   1178 C  C   . HIS A 1 156 ? -7.561  0.336   -13.069 1.00 40.37 ?  208 HIS A C   1 
ATOM   1179 O  O   . HIS A 1 156 ? -6.725  0.928   -13.727 1.00 43.91 ?  208 HIS A O   1 
ATOM   1180 C  CB  . HIS A 1 156 ? -7.160  0.246   -10.612 1.00 39.94 ?  208 HIS A CB  1 
ATOM   1181 C  CG  . HIS A 1 156 ? -5.736  0.685   -10.555 1.00 38.38 ?  208 HIS A CG  1 
ATOM   1182 N  ND1 . HIS A 1 156 ? -5.363  1.900   -10.030 1.00 35.20 ?  208 HIS A ND1 1 
ATOM   1183 C  CD2 . HIS A 1 156 ? -4.600  0.086   -10.975 1.00 37.36 ?  208 HIS A CD2 1 
ATOM   1184 C  CE1 . HIS A 1 156 ? -4.054  2.027   -10.121 1.00 38.34 ?  208 HIS A CE1 1 
ATOM   1185 N  NE2 . HIS A 1 156 ? -3.566  0.943   -10.699 1.00 38.74 ?  208 HIS A NE2 1 
ATOM   1186 N  N   . HIS A 1 157 ? -8.163  -0.791  -13.475 1.00 41.93 ?  209 HIS A N   1 
ATOM   1187 C  CA  . HIS A 1 157 ? -7.665  -1.641  -14.579 1.00 44.95 ?  209 HIS A CA  1 
ATOM   1188 C  C   . HIS A 1 157 ? -8.558  -1.663  -15.813 1.00 43.11 ?  209 HIS A C   1 
ATOM   1189 O  O   . HIS A 1 157 ? -9.397  -0.777  -16.011 1.00 52.61 ?  209 HIS A O   1 
ATOM   1190 C  CB  . HIS A 1 157 ? -7.455  -3.094  -14.072 1.00 45.02 ?  209 HIS A CB  1 
ATOM   1191 C  CG  . HIS A 1 157 ? -6.282  -3.259  -13.154 1.00 47.07 ?  209 HIS A CG  1 
ATOM   1192 N  ND1 . HIS A 1 157 ? -4.979  -3.001  -13.543 1.00 48.23 ?  209 HIS A ND1 1 
ATOM   1193 C  CD2 . HIS A 1 157 ? -6.213  -3.654  -11.861 1.00 49.50 ?  209 HIS A CD2 1 
ATOM   1194 C  CE1 . HIS A 1 157 ? -4.160  -3.230  -12.525 1.00 46.54 ?  209 HIS A CE1 1 
ATOM   1195 N  NE2 . HIS A 1 157 ? -4.886  -3.614  -11.488 1.00 46.60 ?  209 HIS A NE2 1 
HETATM 1196 MG MG  . MG  B 2 .   ? 5.785   7.290   8.081   1.00 64.19 ?  301 MG  A MG  1 
HETATM 1197 O  O   . HOH C 3 .   ? -10.762 0.645   -16.726 1.00 59.15 ?  401 HOH A O   1 
HETATM 1198 O  O   . HOH C 3 .   ? -23.414 3.772   -8.101  1.00 66.92 ?  402 HOH A O   1 
HETATM 1199 O  O   . HOH C 3 .   ? 1.466   17.954  4.844   1.00 70.31 ?  403 HOH A O   1 
HETATM 1200 O  O   . HOH C 3 .   ? -12.743 -2.003  -3.863  1.00 34.76 ?  404 HOH A O   1 
HETATM 1201 O  O   . HOH C 3 .   ? -17.571 0.428   0.246   1.00 56.26 ?  405 HOH A O   1 
HETATM 1202 O  O   . HOH C 3 .   ? -13.394 -6.429  -8.678  1.00 40.49 ?  406 HOH A O   1 
HETATM 1203 O  O   . HOH C 3 .   ? 6.876   6.814   -13.774 1.00 47.82 ?  407 HOH A O   1 
HETATM 1204 O  O   . HOH C 3 .   ? 14.948  -4.285  -2.504  1.00 39.70 ?  408 HOH A O   1 
HETATM 1205 O  O   . HOH C 3 .   ? -6.982  11.695  7.967   1.00 77.97 ?  409 HOH A O   1 
HETATM 1206 O  O   . HOH C 3 .   ? -8.899  12.092  -6.091  1.00 65.09 ?  410 HOH A O   1 
HETATM 1207 O  O   . HOH C 3 .   ? -14.745 -10.322 4.743   1.00 60.95 ?  411 HOH A O   1 
HETATM 1208 O  O   . HOH C 3 .   ? 7.354   0.941   -0.480  1.00 39.40 ?  412 HOH A O   1 
HETATM 1209 O  O   . HOH C 3 .   ? -14.116 0.653   0.693   1.00 50.60 ?  413 HOH A O   1 
HETATM 1210 O  O   . HOH C 3 .   ? -8.876  11.551  1.173   1.00 63.71 ?  414 HOH A O   1 
HETATM 1211 O  O   . HOH C 3 .   ? 7.829   4.733   -17.485 1.00 50.85 ?  415 HOH A O   1 
HETATM 1212 O  O   . HOH C 3 .   ? 11.468  5.681   6.485   1.00 74.42 ?  416 HOH A O   1 
HETATM 1213 O  O   . HOH C 3 .   ? -16.810 5.659   -5.641  1.00 44.03 ?  417 HOH A O   1 
HETATM 1214 O  O   . HOH C 3 .   ? -3.718  8.426   -9.845  1.00 41.38 ?  418 HOH A O   1 
HETATM 1215 O  O   . HOH C 3 .   ? -0.943  -2.828  16.107  1.00 50.12 ?  419 HOH A O   1 
HETATM 1216 O  O   . HOH C 3 .   ? 17.241  -1.252  -14.682 1.00 49.47 ?  420 HOH A O   1 
HETATM 1217 O  O   . HOH C 3 .   ? 14.717  3.995   -16.949 1.00 52.96 ?  421 HOH A O   1 
HETATM 1218 O  O   . HOH C 3 .   ? -8.389  3.032   -0.663  1.00 40.33 ?  422 HOH A O   1 
HETATM 1219 O  O   . HOH C 3 .   ? -6.753  -15.439 7.776   1.00 44.86 ?  423 HOH A O   1 
HETATM 1220 O  O   . HOH C 3 .   ? 8.081   17.644  -2.312  1.00 64.14 ?  424 HOH A O   1 
HETATM 1221 O  O   . HOH C 3 .   ? 1.013   -8.536  20.616  1.00 53.08 ?  425 HOH A O   1 
HETATM 1222 O  O   . HOH C 3 .   ? -3.791  9.730   5.287   1.00 66.03 ?  426 HOH A O   1 
HETATM 1223 O  O   . HOH C 3 .   ? 12.749  -8.494  -1.154  1.00 22.30 ?  427 HOH A O   1 
HETATM 1224 O  O   . HOH C 3 .   ? 9.020   -8.523  21.486  1.00 49.34 ?  428 HOH A O   1 
HETATM 1225 O  O   . HOH C 3 .   ? 9.315   3.165   3.761   1.00 49.23 ?  429 HOH A O   1 
HETATM 1226 O  O   . HOH C 3 .   ? 3.287   -9.214  2.607   1.00 59.12 ?  430 HOH A O   1 
HETATM 1227 O  O   . HOH C 3 .   ? 18.156  -0.549  -1.062  1.00 44.69 ?  431 HOH A O   1 
HETATM 1228 O  O   . HOH C 3 .   ? -2.951  5.567   10.033  1.00 53.49 ?  432 HOH A O   1 
HETATM 1229 O  O   . HOH C 3 .   ? -9.043  10.301  8.602   1.00 57.17 ?  433 HOH A O   1 
HETATM 1230 O  O   . HOH C 3 .   ? -0.213  15.580  -3.589  1.00 67.22 ?  434 HOH A O   1 
HETATM 1231 O  O   . HOH C 3 .   ? -17.207 3.675   -0.227  0.50 49.44 ?  435 HOH A O   1 
HETATM 1232 O  O   . HOH C 3 .   ? 2.681   0.218   -16.028 1.00 48.76 ?  436 HOH A O   1 
HETATM 1233 O  O   . HOH C 3 .   ? 6.579   -8.791  1.563   1.00 61.39 ?  437 HOH A O   1 
HETATM 1234 O  O   . HOH C 3 .   ? -3.054  -1.246  -15.182 1.00 68.26 ?  438 HOH A O   1 
HETATM 1235 O  O   . HOH C 3 .   ? 10.976  -8.150  6.010   1.00 43.45 ?  439 HOH A O   1 
HETATM 1236 O  O   . HOH C 3 .   ? 5.440   -11.622 7.581   1.00 59.51 ?  440 HOH A O   1 
HETATM 1237 O  O   . HOH C 3 .   ? -7.654  -9.920  -11.745 1.00 53.89 ?  441 HOH A O   1 
HETATM 1238 O  O   . HOH C 3 .   ? 13.623  -0.825  10.161  1.00 46.82 ?  442 HOH A O   1 
HETATM 1239 O  O   . HOH C 3 .   ? -0.641  -11.547 -4.117  1.00 50.48 ?  443 HOH A O   1 
HETATM 1240 O  O   . HOH C 3 .   ? -5.402  -14.919 -2.724  1.00 37.37 ?  444 HOH A O   1 
HETATM 1241 O  O   . HOH C 3 .   ? -13.285 -0.638  8.162   1.00 54.92 ?  445 HOH A O   1 
HETATM 1242 O  O   . HOH C 3 .   ? -12.153 -8.098  -10.906 1.00 27.16 ?  446 HOH A O   1 
HETATM 1243 O  O   . HOH C 3 .   ? 2.725   -15.543 11.169  1.00 45.09 ?  447 HOH A O   1 
HETATM 1244 O  O   . HOH C 3 .   ? -4.015  -13.956 -4.246  1.00 34.15 ?  448 HOH A O   1 
HETATM 1245 O  O   . HOH C 3 .   ? 3.203   5.161   -16.463 1.00 62.38 ?  449 HOH A O   1 
HETATM 1246 O  O   . HOH C 3 .   ? -1.129  7.738   -15.851 1.00 72.57 ?  450 HOH A O   1 
HETATM 1247 O  O   . HOH C 3 .   ? -2.923  -7.119  -11.969 1.00 64.56 ?  451 HOH A O   1 
HETATM 1248 O  O   . HOH C 3 .   ? -1.718  -13.665 -4.283  1.00 45.05 ?  452 HOH A O   1 
HETATM 1249 O  O   . HOH C 3 .   ? -4.087  0.345   -15.891 1.00 57.00 ?  453 HOH A O   1 
HETATM 1250 O  O   . HOH C 3 .   ? -4.585  -6.825  -14.251 1.00 65.08 ?  454 HOH A O   1 
HETATM 1251 O  O   . HOH C 3 .   ? 1.677   -10.080 -8.382  1.00 48.46 ?  455 HOH A O   1 
HETATM 1252 O  O   . HOH C 3 .   ? -0.434  -3.669  -14.558 1.00 56.55 ?  456 HOH A O   1 
HETATM 1253 O  O   . HOH C 3 .   ? 1.141   -9.274  -6.137  1.00 48.15 ?  457 HOH A O   1 
HETATM 1254 O  O   . HOH C 3 .   ? 0.612   5.895   -16.620 1.00 58.16 ?  458 HOH A O   1 
HETATM 1255 O  O   . HOH C 3 .   ? -3.285  -8.640  -13.851 1.00 81.80 ?  459 HOH A O   1 
# 
